data_2YUN
#
_entry.id   2YUN
#
_entity_poly.entity_id   1
_entity_poly.type   'polypeptide(L)'
_entity_poly.pdbx_seq_one_letter_code
;GSSGSSGRLCKALYSFQARQDDELNLEKGDIVIIHEKKEEGWWFGSLNGKKGHFPAAYVEELPSNAGNTATKASGPSSG
;
_entity_poly.pdbx_strand_id   A
#
# COMPACT_ATOMS: atom_id res chain seq x y z
N GLY A 1 17.19 2.89 6.54
CA GLY A 1 17.36 3.90 5.50
C GLY A 1 17.02 5.28 6.00
N SER A 2 15.75 5.67 5.86
CA SER A 2 15.28 6.98 6.30
C SER A 2 14.32 6.86 7.48
N SER A 3 14.46 7.77 8.43
CA SER A 3 13.61 7.76 9.62
C SER A 3 12.17 7.40 9.25
N GLY A 4 11.75 6.20 9.64
CA GLY A 4 10.41 5.75 9.33
C GLY A 4 10.05 4.45 10.04
N SER A 5 9.82 3.41 9.26
CA SER A 5 9.47 2.11 9.82
C SER A 5 8.16 2.19 10.61
N SER A 6 7.17 2.88 10.03
CA SER A 6 5.88 3.04 10.68
C SER A 6 4.81 2.23 9.96
N GLY A 7 4.79 2.34 8.63
CA GLY A 7 3.81 1.61 7.84
C GLY A 7 4.43 0.49 7.04
N ARG A 8 3.75 -0.65 7.01
CA ARG A 8 4.24 -1.81 6.27
C ARG A 8 3.82 -1.74 4.79
N LEU A 9 4.45 -2.58 3.97
CA LEU A 9 4.15 -2.60 2.55
C LEU A 9 3.68 -4.00 2.12
N CYS A 10 3.12 -4.09 0.92
CA CYS A 10 2.64 -5.36 0.39
C CYS A 10 2.34 -5.25 -1.10
N LYS A 11 2.32 -6.39 -1.78
CA LYS A 11 2.06 -6.42 -3.21
C LYS A 11 0.76 -7.17 -3.50
N ALA A 12 -0.08 -6.60 -4.36
CA ALA A 12 -1.35 -7.21 -4.72
C ALA A 12 -1.14 -8.34 -5.72
N LEU A 13 -1.30 -9.58 -5.24
CA LEU A 13 -1.13 -10.75 -6.10
C LEU A 13 -2.26 -10.86 -7.11
N TYR A 14 -3.48 -10.57 -6.67
CA TYR A 14 -4.65 -10.64 -7.53
C TYR A 14 -5.38 -9.29 -7.56
N SER A 15 -5.79 -8.87 -8.75
CA SER A 15 -6.51 -7.61 -8.91
C SER A 15 -7.87 -7.67 -8.24
N PHE A 16 -8.11 -6.73 -7.33
CA PHE A 16 -9.38 -6.68 -6.61
C PHE A 16 -10.25 -5.54 -7.13
N GLN A 17 -11.54 -5.81 -7.28
CA GLN A 17 -12.48 -4.81 -7.78
C GLN A 17 -13.38 -4.30 -6.65
N ALA A 18 -13.01 -3.15 -6.08
CA ALA A 18 -13.78 -2.56 -5.00
C ALA A 18 -15.21 -2.25 -5.45
N ARG A 19 -16.15 -3.07 -5.02
CA ARG A 19 -17.55 -2.89 -5.38
C ARG A 19 -17.99 -1.44 -5.13
N GLN A 20 -17.59 -0.89 -3.99
CA GLN A 20 -17.94 0.47 -3.63
C GLN A 20 -16.72 1.23 -3.13
N ASP A 21 -16.91 2.50 -2.77
CA ASP A 21 -15.83 3.33 -2.28
C ASP A 21 -15.28 2.78 -0.96
N ASP A 22 -16.13 2.09 -0.21
CA ASP A 22 -15.73 1.51 1.07
C ASP A 22 -14.46 0.68 0.91
N GLU A 23 -14.45 -0.21 -0.08
CA GLU A 23 -13.31 -1.06 -0.33
C GLU A 23 -12.28 -0.35 -1.20
N LEU A 24 -11.11 -0.98 -1.36
CA LEU A 24 -10.05 -0.41 -2.17
C LEU A 24 -9.70 -1.32 -3.35
N ASN A 25 -9.69 -0.76 -4.54
CA ASN A 25 -9.37 -1.52 -5.74
C ASN A 25 -7.87 -1.78 -5.84
N LEU A 26 -7.51 -3.01 -6.18
CA LEU A 26 -6.11 -3.39 -6.32
C LEU A 26 -5.82 -3.95 -7.71
N GLU A 27 -4.59 -3.76 -8.17
CA GLU A 27 -4.18 -4.24 -9.48
C GLU A 27 -3.00 -5.20 -9.37
N LYS A 28 -2.99 -6.21 -10.23
CA LYS A 28 -1.91 -7.20 -10.23
C LYS A 28 -0.54 -6.52 -10.22
N GLY A 29 0.18 -6.66 -9.12
CA GLY A 29 1.49 -6.04 -9.01
C GLY A 29 1.42 -4.60 -8.56
N ASP A 30 0.59 -4.33 -7.56
CA ASP A 30 0.45 -2.98 -7.04
C ASP A 30 0.89 -2.90 -5.58
N ILE A 31 1.76 -1.94 -5.29
CA ILE A 31 2.26 -1.76 -3.93
C ILE A 31 1.33 -0.90 -3.11
N VAL A 32 0.76 -1.47 -2.04
CA VAL A 32 -0.16 -0.74 -1.17
C VAL A 32 0.48 -0.46 0.18
N ILE A 33 0.28 0.75 0.69
CA ILE A 33 0.83 1.14 1.98
C ILE A 33 -0.04 0.67 3.13
N ILE A 34 0.44 -0.33 3.86
CA ILE A 34 -0.31 -0.88 4.99
C ILE A 34 -0.42 0.14 6.11
N HIS A 35 -1.63 0.66 6.32
CA HIS A 35 -1.87 1.65 7.37
C HIS A 35 -2.30 0.96 8.67
N GLU A 36 -3.31 0.11 8.58
CA GLU A 36 -3.82 -0.60 9.75
C GLU A 36 -4.42 -1.95 9.34
N LYS A 37 -4.18 -2.97 10.15
CA LYS A 37 -4.71 -4.30 9.89
C LYS A 37 -5.37 -4.89 11.12
N LYS A 38 -6.21 -4.08 11.77
CA LYS A 38 -6.91 -4.53 12.98
C LYS A 38 -8.17 -5.30 12.62
N GLU A 39 -8.12 -6.05 11.53
CA GLU A 39 -9.27 -6.84 11.08
C GLU A 39 -8.82 -8.18 10.51
N GLU A 40 -9.76 -9.12 10.43
CA GLU A 40 -9.46 -10.45 9.90
C GLU A 40 -9.45 -10.44 8.38
N GLY A 41 -8.26 -10.29 7.80
CA GLY A 41 -8.14 -10.28 6.35
C GLY A 41 -8.35 -8.89 5.77
N TRP A 42 -9.32 -8.16 6.31
CA TRP A 42 -9.62 -6.81 5.84
C TRP A 42 -8.52 -5.84 6.24
N TRP A 43 -7.62 -5.55 5.31
CA TRP A 43 -6.52 -4.64 5.57
C TRP A 43 -6.87 -3.22 5.14
N PHE A 44 -6.18 -2.24 5.72
CA PHE A 44 -6.42 -0.85 5.41
C PHE A 44 -5.14 -0.14 4.98
N GLY A 45 -5.20 0.57 3.85
CA GLY A 45 -4.03 1.26 3.35
C GLY A 45 -4.30 1.98 2.04
N SER A 46 -3.31 2.72 1.56
CA SER A 46 -3.45 3.46 0.31
C SER A 46 -2.64 2.81 -0.80
N LEU A 47 -3.26 2.66 -1.96
CA LEU A 47 -2.60 2.04 -3.12
C LEU A 47 -1.81 3.07 -3.90
N ASN A 48 -2.51 3.91 -4.65
CA ASN A 48 -1.88 4.95 -5.45
C ASN A 48 -2.34 6.33 -5.03
N GLY A 49 -2.49 6.53 -3.72
CA GLY A 49 -2.94 7.81 -3.21
C GLY A 49 -4.35 7.75 -2.66
N LYS A 50 -4.98 6.59 -2.78
CA LYS A 50 -6.35 6.41 -2.29
C LYS A 50 -6.41 5.30 -1.24
N LYS A 51 -6.90 5.64 -0.06
CA LYS A 51 -7.01 4.66 1.03
C LYS A 51 -8.36 3.94 0.96
N GLY A 52 -8.42 2.77 1.60
CA GLY A 52 -9.64 2.00 1.61
C GLY A 52 -9.47 0.65 2.28
N HIS A 53 -10.53 -0.16 2.25
CA HIS A 53 -10.48 -1.49 2.86
C HIS A 53 -10.31 -2.57 1.79
N PHE A 54 -9.15 -3.23 1.80
CA PHE A 54 -8.87 -4.28 0.84
C PHE A 54 -8.53 -5.59 1.56
N PRO A 55 -8.79 -6.71 0.87
CA PRO A 55 -8.52 -8.05 1.42
C PRO A 55 -7.03 -8.34 1.53
N ALA A 56 -6.68 -9.26 2.41
CA ALA A 56 -5.29 -9.63 2.62
C ALA A 56 -4.87 -10.74 1.66
N ALA A 57 -5.66 -11.81 1.62
CA ALA A 57 -5.37 -12.95 0.75
C ALA A 57 -4.99 -12.47 -0.65
N TYR A 58 -5.41 -11.25 -0.99
CA TYR A 58 -5.12 -10.69 -2.31
C TYR A 58 -3.73 -10.07 -2.34
N VAL A 59 -3.32 -9.48 -1.21
CA VAL A 59 -2.01 -8.86 -1.11
C VAL A 59 -1.07 -9.70 -0.26
N GLU A 60 0.24 -9.45 -0.39
CA GLU A 60 1.25 -10.17 0.37
C GLU A 60 2.26 -9.22 0.98
N GLU A 61 2.38 -9.26 2.31
CA GLU A 61 3.31 -8.40 3.02
C GLU A 61 4.74 -8.61 2.51
N LEU A 62 5.45 -7.51 2.30
CA LEU A 62 6.83 -7.57 1.82
C LEU A 62 7.78 -6.89 2.80
N PRO A 63 9.04 -7.37 2.82
CA PRO A 63 10.07 -6.82 3.71
C PRO A 63 10.50 -5.41 3.29
N SER A 64 10.55 -5.17 1.99
CA SER A 64 10.94 -3.87 1.47
C SER A 64 10.25 -3.59 0.13
N ASN A 65 10.12 -2.30 -0.19
CA ASN A 65 9.48 -1.89 -1.44
C ASN A 65 10.15 -2.54 -2.64
N ALA A 66 9.70 -2.18 -3.84
CA ALA A 66 10.27 -2.72 -5.07
C ALA A 66 11.30 -1.76 -5.66
N GLY A 67 12.47 -2.30 -6.02
CA GLY A 67 13.52 -1.48 -6.59
C GLY A 67 13.60 -0.11 -5.95
N ASN A 68 13.53 0.93 -6.77
CA ASN A 68 13.61 2.29 -6.27
C ASN A 68 12.77 3.23 -7.12
N THR A 69 11.64 3.67 -6.59
CA THR A 69 10.75 4.57 -7.30
C THR A 69 11.05 6.03 -6.96
N ALA A 70 11.57 6.77 -7.94
CA ALA A 70 11.90 8.17 -7.74
C ALA A 70 11.89 8.93 -9.07
N THR A 71 11.86 10.26 -8.99
CA THR A 71 11.84 11.09 -10.18
C THR A 71 12.77 12.29 -10.02
N LYS A 72 13.02 13.00 -11.11
CA LYS A 72 13.88 14.17 -11.09
C LYS A 72 13.21 15.35 -11.80
N ALA A 73 12.68 16.28 -11.01
CA ALA A 73 12.02 17.46 -11.57
C ALA A 73 12.86 18.72 -11.33
N SER A 74 12.37 19.85 -11.83
CA SER A 74 13.07 21.12 -11.69
C SER A 74 12.09 22.25 -11.42
N GLY A 75 12.49 23.18 -10.57
CA GLY A 75 11.64 24.31 -10.24
C GLY A 75 12.40 25.43 -9.57
N PRO A 76 11.67 26.32 -8.87
CA PRO A 76 12.25 27.45 -8.15
C PRO A 76 13.06 27.02 -6.94
N SER A 77 14.35 26.74 -7.15
CA SER A 77 15.23 26.31 -6.07
C SER A 77 14.78 24.97 -5.51
N SER A 78 14.37 24.07 -6.41
CA SER A 78 13.91 22.74 -6.00
C SER A 78 14.90 22.11 -5.01
N GLY A 79 16.16 22.05 -5.41
CA GLY A 79 17.18 21.47 -4.55
C GLY A 79 18.57 21.56 -5.14
N GLY A 1 11.92 11.90 9.96
CA GLY A 1 12.32 11.98 11.36
C GLY A 1 12.31 10.62 12.04
N SER A 2 11.13 10.00 12.09
CA SER A 2 10.98 8.70 12.72
C SER A 2 12.02 7.72 12.20
N SER A 3 12.22 6.62 12.92
CA SER A 3 13.19 5.61 12.54
C SER A 3 12.53 4.53 11.68
N GLY A 4 12.78 4.60 10.38
CA GLY A 4 12.20 3.62 9.46
C GLY A 4 11.06 4.19 8.65
N SER A 5 10.23 3.31 8.08
CA SER A 5 9.09 3.74 7.27
C SER A 5 7.90 4.06 8.15
N SER A 6 6.84 4.58 7.53
CA SER A 6 5.63 4.94 8.26
C SER A 6 4.49 3.98 7.93
N GLY A 7 4.82 2.69 7.84
CA GLY A 7 3.81 1.69 7.54
C GLY A 7 4.39 0.52 6.75
N ARG A 8 3.81 -0.66 6.95
CA ARG A 8 4.26 -1.85 6.24
C ARG A 8 3.89 -1.80 4.77
N LEU A 9 4.54 -2.63 3.96
CA LEU A 9 4.28 -2.67 2.53
C LEU A 9 3.77 -4.05 2.11
N CYS A 10 3.14 -4.10 0.94
CA CYS A 10 2.60 -5.37 0.43
C CYS A 10 2.28 -5.25 -1.06
N LYS A 11 2.34 -6.38 -1.76
CA LYS A 11 2.06 -6.41 -3.19
C LYS A 11 0.77 -7.18 -3.47
N ALA A 12 -0.06 -6.64 -4.36
CA ALA A 12 -1.31 -7.27 -4.72
C ALA A 12 -1.08 -8.45 -5.67
N LEU A 13 -1.27 -9.65 -5.16
CA LEU A 13 -1.08 -10.86 -5.96
C LEU A 13 -2.19 -11.01 -6.99
N TYR A 14 -3.42 -10.73 -6.57
CA TYR A 14 -4.58 -10.83 -7.45
C TYR A 14 -5.27 -9.48 -7.60
N SER A 15 -5.66 -9.14 -8.82
CA SER A 15 -6.34 -7.88 -9.09
C SER A 15 -7.69 -7.83 -8.40
N PHE A 16 -7.85 -6.89 -7.48
CA PHE A 16 -9.10 -6.73 -6.74
C PHE A 16 -9.83 -5.47 -7.17
N GLN A 17 -11.15 -5.47 -7.03
CA GLN A 17 -11.97 -4.33 -7.40
C GLN A 17 -12.78 -3.83 -6.21
N ALA A 18 -12.79 -2.52 -6.02
CA ALA A 18 -13.54 -1.91 -4.92
C ALA A 18 -15.00 -1.67 -5.31
N ARG A 19 -15.90 -2.36 -4.62
CA ARG A 19 -17.33 -2.22 -4.89
C ARG A 19 -17.80 -0.80 -4.63
N GLN A 20 -17.37 -0.23 -3.52
CA GLN A 20 -17.74 1.13 -3.15
C GLN A 20 -16.53 1.95 -2.73
N ASP A 21 -16.75 3.17 -2.31
CA ASP A 21 -15.68 4.06 -1.88
C ASP A 21 -14.95 3.49 -0.66
N ASP A 22 -15.71 2.90 0.25
CA ASP A 22 -15.14 2.31 1.45
C ASP A 22 -14.07 1.28 1.11
N GLU A 23 -14.26 0.59 -0.01
CA GLU A 23 -13.31 -0.43 -0.45
C GLU A 23 -12.19 0.20 -1.26
N LEU A 24 -11.16 -0.59 -1.55
CA LEU A 24 -10.02 -0.11 -2.32
C LEU A 24 -9.75 -1.02 -3.51
N ASN A 25 -9.42 -0.42 -4.65
CA ASN A 25 -9.12 -1.18 -5.86
C ASN A 25 -7.67 -1.62 -5.89
N LEU A 26 -7.43 -2.85 -6.35
CA LEU A 26 -6.08 -3.38 -6.44
C LEU A 26 -5.81 -3.99 -7.82
N GLU A 27 -4.54 -4.02 -8.21
CA GLU A 27 -4.16 -4.56 -9.51
C GLU A 27 -2.95 -5.48 -9.36
N LYS A 28 -2.88 -6.49 -10.23
CA LYS A 28 -1.77 -7.44 -10.20
C LYS A 28 -0.44 -6.71 -10.27
N GLY A 29 0.28 -6.71 -9.15
CA GLY A 29 1.58 -6.04 -9.10
C GLY A 29 1.47 -4.61 -8.61
N ASP A 30 0.62 -4.39 -7.63
CA ASP A 30 0.43 -3.05 -7.07
C ASP A 30 0.83 -3.01 -5.60
N ILE A 31 1.71 -2.08 -5.26
CA ILE A 31 2.18 -1.94 -3.88
C ILE A 31 1.26 -1.02 -3.09
N VAL A 32 0.75 -1.53 -1.96
CA VAL A 32 -0.13 -0.75 -1.10
C VAL A 32 0.51 -0.45 0.24
N ILE A 33 0.38 0.79 0.69
CA ILE A 33 0.96 1.21 1.96
C ILE A 33 0.08 0.79 3.13
N ILE A 34 0.44 -0.32 3.77
CA ILE A 34 -0.32 -0.83 4.91
C ILE A 34 -0.46 0.24 6.00
N HIS A 35 -1.69 0.52 6.39
CA HIS A 35 -1.96 1.51 7.42
C HIS A 35 -2.47 0.84 8.70
N GLU A 36 -3.49 0.00 8.55
CA GLU A 36 -4.08 -0.69 9.68
C GLU A 36 -4.61 -2.06 9.27
N LYS A 37 -4.38 -3.06 10.12
CA LYS A 37 -4.83 -4.41 9.84
C LYS A 37 -5.52 -5.02 11.06
N LYS A 38 -5.94 -4.16 11.99
CA LYS A 38 -6.61 -4.61 13.20
C LYS A 38 -7.68 -5.63 12.88
N GLU A 39 -8.20 -5.59 11.66
CA GLU A 39 -9.24 -6.52 11.23
C GLU A 39 -8.64 -7.87 10.87
N GLU A 40 -9.51 -8.87 10.71
CA GLU A 40 -9.06 -10.22 10.36
C GLU A 40 -9.16 -10.46 8.87
N GLY A 41 -8.03 -10.31 8.17
CA GLY A 41 -8.00 -10.51 6.74
C GLY A 41 -8.22 -9.22 5.97
N TRP A 42 -8.99 -8.31 6.54
CA TRP A 42 -9.27 -7.03 5.89
C TRP A 42 -8.22 -5.99 6.27
N TRP A 43 -7.35 -5.67 5.33
CA TRP A 43 -6.30 -4.68 5.56
C TRP A 43 -6.74 -3.29 5.12
N PHE A 44 -6.17 -2.27 5.74
CA PHE A 44 -6.51 -0.89 5.41
C PHE A 44 -5.25 -0.09 5.03
N GLY A 45 -5.30 0.57 3.88
CA GLY A 45 -4.16 1.35 3.44
C GLY A 45 -4.43 2.06 2.12
N SER A 46 -3.40 2.70 1.58
CA SER A 46 -3.52 3.42 0.31
C SER A 46 -2.68 2.75 -0.77
N LEU A 47 -3.20 2.74 -1.99
CA LEU A 47 -2.50 2.14 -3.12
C LEU A 47 -1.73 3.20 -3.91
N ASN A 48 -2.46 4.00 -4.69
CA ASN A 48 -1.84 5.05 -5.49
C ASN A 48 -2.37 6.42 -5.09
N GLY A 49 -2.44 6.67 -3.78
CA GLY A 49 -2.93 7.93 -3.29
C GLY A 49 -4.35 7.85 -2.77
N LYS A 50 -4.94 6.66 -2.85
CA LYS A 50 -6.31 6.44 -2.40
C LYS A 50 -6.36 5.37 -1.31
N LYS A 51 -6.92 5.73 -0.16
CA LYS A 51 -7.03 4.79 0.95
C LYS A 51 -8.38 4.09 0.94
N GLY A 52 -8.44 2.92 1.56
CA GLY A 52 -9.68 2.16 1.62
C GLY A 52 -9.52 0.82 2.30
N HIS A 53 -10.52 -0.04 2.18
CA HIS A 53 -10.48 -1.36 2.78
C HIS A 53 -10.29 -2.44 1.73
N PHE A 54 -9.13 -3.09 1.75
CA PHE A 54 -8.83 -4.15 0.79
C PHE A 54 -8.53 -5.47 1.50
N PRO A 55 -8.78 -6.58 0.82
CA PRO A 55 -8.55 -7.92 1.36
C PRO A 55 -7.07 -8.23 1.50
N ALA A 56 -6.73 -9.06 2.50
CA ALA A 56 -5.35 -9.44 2.74
C ALA A 56 -4.96 -10.65 1.91
N ALA A 57 -5.93 -11.53 1.66
CA ALA A 57 -5.68 -12.74 0.87
C ALA A 57 -5.30 -12.39 -0.56
N TYR A 58 -5.46 -11.12 -0.91
CA TYR A 58 -5.13 -10.65 -2.26
C TYR A 58 -3.73 -10.03 -2.30
N VAL A 59 -3.31 -9.50 -1.16
CA VAL A 59 -1.99 -8.87 -1.07
C VAL A 59 -1.06 -9.67 -0.16
N GLU A 60 0.24 -9.57 -0.41
CA GLU A 60 1.22 -10.28 0.38
C GLU A 60 2.24 -9.32 0.99
N GLU A 61 2.34 -9.33 2.31
CA GLU A 61 3.28 -8.46 3.02
C GLU A 61 4.68 -8.57 2.43
N LEU A 62 5.35 -7.43 2.31
CA LEU A 62 6.70 -7.40 1.75
C LEU A 62 7.65 -6.64 2.67
N PRO A 63 8.94 -6.99 2.62
CA PRO A 63 9.97 -6.35 3.44
C PRO A 63 10.25 -4.92 3.02
N SER A 64 11.05 -4.21 3.80
CA SER A 64 11.39 -2.83 3.50
C SER A 64 11.75 -2.66 2.03
N ASN A 65 11.28 -1.56 1.44
CA ASN A 65 11.56 -1.29 0.03
C ASN A 65 12.05 0.15 -0.14
N ALA A 66 12.51 0.47 -1.35
CA ALA A 66 13.00 1.81 -1.66
C ALA A 66 13.23 1.97 -3.16
N GLY A 67 12.98 3.18 -3.66
CA GLY A 67 13.17 3.45 -5.07
C GLY A 67 14.25 4.48 -5.33
N ASN A 68 14.88 4.39 -6.50
CA ASN A 68 15.95 5.32 -6.85
C ASN A 68 15.58 6.75 -6.48
N THR A 69 16.49 7.42 -5.78
CA THR A 69 16.26 8.80 -5.36
C THR A 69 16.21 9.75 -6.55
N ALA A 70 15.38 10.78 -6.45
CA ALA A 70 15.24 11.76 -7.52
C ALA A 70 16.59 12.36 -7.90
N THR A 71 16.79 12.59 -9.19
CA THR A 71 18.04 13.16 -9.68
C THR A 71 18.25 14.57 -9.16
N LYS A 72 19.45 14.84 -8.67
CA LYS A 72 19.77 16.16 -8.14
C LYS A 72 20.92 16.79 -8.92
N ALA A 73 21.05 18.12 -8.81
CA ALA A 73 22.11 18.84 -9.50
C ALA A 73 23.00 19.57 -8.52
N SER A 74 23.98 18.87 -7.96
CA SER A 74 24.90 19.45 -7.00
C SER A 74 24.16 20.26 -5.96
N GLY A 75 23.15 19.65 -5.34
CA GLY A 75 22.37 20.34 -4.33
C GLY A 75 23.02 20.29 -2.97
N PRO A 76 22.80 21.34 -2.16
CA PRO A 76 23.37 21.43 -0.82
C PRO A 76 22.73 20.44 0.15
N SER A 77 23.56 19.76 0.93
CA SER A 77 23.07 18.78 1.89
C SER A 77 22.25 17.70 1.21
N SER A 78 22.73 17.25 0.04
CA SER A 78 22.03 16.22 -0.73
C SER A 78 22.21 14.85 -0.08
N GLY A 79 23.44 14.56 0.34
CA GLY A 79 23.72 13.28 0.96
C GLY A 79 23.08 13.15 2.34
N GLY A 1 14.97 6.21 9.74
CA GLY A 1 13.92 6.07 8.75
C GLY A 1 13.34 7.41 8.33
N SER A 2 12.03 7.54 8.45
CA SER A 2 11.35 8.77 8.06
C SER A 2 11.82 9.25 6.70
N SER A 3 11.96 8.33 5.76
CA SER A 3 12.41 8.66 4.41
C SER A 3 11.30 8.38 3.39
N GLY A 4 10.07 8.72 3.75
CA GLY A 4 8.95 8.51 2.86
C GLY A 4 7.76 7.87 3.55
N SER A 5 7.00 7.07 2.81
CA SER A 5 5.84 6.40 3.37
C SER A 5 6.09 5.96 4.81
N SER A 6 5.02 5.87 5.59
CA SER A 6 5.13 5.46 6.98
C SER A 6 4.18 4.30 7.28
N GLY A 7 4.70 3.08 7.20
CA GLY A 7 3.89 1.91 7.47
C GLY A 7 4.39 0.68 6.75
N ARG A 8 3.67 -0.43 6.89
CA ARG A 8 4.05 -1.68 6.25
C ARG A 8 3.71 -1.65 4.76
N LEU A 9 4.42 -2.47 3.98
CA LEU A 9 4.17 -2.55 2.55
C LEU A 9 3.65 -3.92 2.14
N CYS A 10 3.20 -4.04 0.91
CA CYS A 10 2.67 -5.31 0.40
C CYS A 10 2.44 -5.24 -1.10
N LYS A 11 2.30 -6.40 -1.73
CA LYS A 11 2.07 -6.47 -3.17
C LYS A 11 0.78 -7.20 -3.48
N ALA A 12 -0.07 -6.58 -4.30
CA ALA A 12 -1.34 -7.18 -4.68
C ALA A 12 -1.14 -8.32 -5.66
N LEU A 13 -1.31 -9.55 -5.17
CA LEU A 13 -1.15 -10.73 -6.00
C LEU A 13 -2.27 -10.83 -7.03
N TYR A 14 -3.48 -10.49 -6.61
CA TYR A 14 -4.64 -10.55 -7.51
C TYR A 14 -5.37 -9.21 -7.52
N SER A 15 -5.81 -8.80 -8.71
CA SER A 15 -6.52 -7.53 -8.86
C SER A 15 -7.89 -7.59 -8.18
N PHE A 16 -8.16 -6.60 -7.34
CA PHE A 16 -9.42 -6.53 -6.62
C PHE A 16 -10.28 -5.38 -7.12
N GLN A 17 -11.58 -5.61 -7.24
CA GLN A 17 -12.51 -4.59 -7.71
C GLN A 17 -13.35 -4.04 -6.57
N ALA A 18 -12.84 -3.00 -5.92
CA ALA A 18 -13.54 -2.39 -4.80
C ALA A 18 -15.01 -2.12 -5.15
N ARG A 19 -15.90 -2.94 -4.59
CA ARG A 19 -17.32 -2.79 -4.85
C ARG A 19 -17.78 -1.35 -4.62
N GLN A 20 -17.46 -0.81 -3.46
CA GLN A 20 -17.82 0.56 -3.11
C GLN A 20 -16.62 1.33 -2.57
N ASP A 21 -16.80 2.63 -2.38
CA ASP A 21 -15.73 3.48 -1.87
C ASP A 21 -15.05 2.83 -0.68
N ASP A 22 -15.85 2.35 0.27
CA ASP A 22 -15.32 1.70 1.47
C ASP A 22 -14.14 0.80 1.12
N GLU A 23 -14.33 -0.04 0.11
CA GLU A 23 -13.28 -0.97 -0.32
C GLU A 23 -12.20 -0.23 -1.10
N LEU A 24 -11.13 -0.94 -1.44
CA LEU A 24 -10.02 -0.36 -2.19
C LEU A 24 -9.67 -1.22 -3.40
N ASN A 25 -9.50 -0.58 -4.54
CA ASN A 25 -9.15 -1.29 -5.77
C ASN A 25 -7.67 -1.67 -5.78
N LEU A 26 -7.38 -2.84 -6.34
CA LEU A 26 -6.00 -3.32 -6.42
C LEU A 26 -5.72 -3.95 -7.78
N GLU A 27 -4.50 -3.75 -8.27
CA GLU A 27 -4.11 -4.30 -9.57
C GLU A 27 -2.92 -5.24 -9.41
N LYS A 28 -2.89 -6.30 -10.21
CA LYS A 28 -1.81 -7.27 -10.18
C LYS A 28 -0.46 -6.58 -10.25
N GLY A 29 0.29 -6.62 -9.15
CA GLY A 29 1.59 -5.99 -9.12
C GLY A 29 1.54 -4.55 -8.63
N ASP A 30 0.68 -4.29 -7.66
CA ASP A 30 0.53 -2.94 -7.12
C ASP A 30 0.95 -2.91 -5.65
N ILE A 31 1.85 -1.99 -5.32
CA ILE A 31 2.34 -1.85 -3.96
C ILE A 31 1.43 -0.96 -3.14
N VAL A 32 0.81 -1.52 -2.11
CA VAL A 32 -0.09 -0.78 -1.24
C VAL A 32 0.56 -0.50 0.12
N ILE A 33 0.42 0.74 0.58
CA ILE A 33 0.99 1.14 1.87
C ILE A 33 0.08 0.73 3.02
N ILE A 34 0.45 -0.36 3.69
CA ILE A 34 -0.33 -0.85 4.82
C ILE A 34 -0.36 0.16 5.96
N HIS A 35 -1.55 0.62 6.30
CA HIS A 35 -1.71 1.60 7.37
C HIS A 35 -2.16 0.91 8.67
N GLU A 36 -3.22 0.12 8.58
CA GLU A 36 -3.74 -0.59 9.74
C GLU A 36 -4.43 -1.88 9.32
N LYS A 37 -4.22 -2.93 10.11
CA LYS A 37 -4.82 -4.24 9.82
C LYS A 37 -5.43 -4.84 11.08
N LYS A 38 -6.62 -4.36 11.45
CA LYS A 38 -7.31 -4.85 12.63
C LYS A 38 -8.29 -5.96 12.26
N GLU A 39 -9.22 -5.64 11.36
CA GLU A 39 -10.21 -6.62 10.93
C GLU A 39 -9.55 -7.92 10.50
N GLU A 40 -10.36 -8.93 10.20
CA GLU A 40 -9.86 -10.23 9.78
C GLU A 40 -9.70 -10.29 8.26
N GLY A 41 -8.45 -10.28 7.80
CA GLY A 41 -8.20 -10.33 6.37
C GLY A 41 -8.32 -8.97 5.71
N TRP A 42 -9.31 -8.20 6.13
CA TRP A 42 -9.53 -6.87 5.57
C TRP A 42 -8.49 -5.89 6.07
N TRP A 43 -7.52 -5.56 5.22
CA TRP A 43 -6.46 -4.63 5.58
C TRP A 43 -6.82 -3.21 5.15
N PHE A 44 -6.25 -2.23 5.84
CA PHE A 44 -6.50 -0.83 5.54
C PHE A 44 -5.21 -0.12 5.11
N GLY A 45 -5.23 0.42 3.89
CA GLY A 45 -4.06 1.12 3.38
C GLY A 45 -4.36 1.89 2.11
N SER A 46 -3.33 2.51 1.54
CA SER A 46 -3.49 3.29 0.32
C SER A 46 -2.66 2.68 -0.82
N LEU A 47 -3.30 2.54 -1.98
CA LEU A 47 -2.63 1.97 -3.15
C LEU A 47 -1.88 3.05 -3.93
N ASN A 48 -2.63 3.87 -4.66
CA ASN A 48 -2.05 4.95 -5.45
C ASN A 48 -2.61 6.30 -5.03
N GLY A 49 -2.56 6.57 -3.72
CA GLY A 49 -3.06 7.83 -3.20
C GLY A 49 -4.48 7.72 -2.68
N LYS A 50 -5.04 6.51 -2.76
CA LYS A 50 -6.40 6.27 -2.28
C LYS A 50 -6.41 5.21 -1.19
N LYS A 51 -6.91 5.59 -0.01
CA LYS A 51 -6.99 4.68 1.12
C LYS A 51 -8.34 3.96 1.15
N GLY A 52 -8.35 2.76 1.72
CA GLY A 52 -9.58 2.00 1.81
C GLY A 52 -9.37 0.63 2.41
N HIS A 53 -10.42 -0.20 2.38
CA HIS A 53 -10.34 -1.54 2.94
C HIS A 53 -10.21 -2.58 1.82
N PHE A 54 -9.10 -3.31 1.83
CA PHE A 54 -8.86 -4.34 0.82
C PHE A 54 -8.58 -5.69 1.48
N PRO A 55 -8.86 -6.77 0.73
CA PRO A 55 -8.65 -8.14 1.22
C PRO A 55 -7.17 -8.49 1.34
N ALA A 56 -6.81 -9.21 2.39
CA ALA A 56 -5.43 -9.60 2.62
C ALA A 56 -4.99 -10.67 1.62
N ALA A 57 -5.71 -11.79 1.60
CA ALA A 57 -5.40 -12.87 0.68
C ALA A 57 -4.99 -12.34 -0.70
N TYR A 58 -5.49 -11.16 -1.02
CA TYR A 58 -5.18 -10.53 -2.31
C TYR A 58 -3.77 -9.94 -2.31
N VAL A 59 -3.41 -9.31 -1.21
CA VAL A 59 -2.09 -8.69 -1.07
C VAL A 59 -1.18 -9.55 -0.19
N GLU A 60 0.13 -9.35 -0.35
CA GLU A 60 1.11 -10.10 0.43
C GLU A 60 2.13 -9.16 1.07
N GLU A 61 2.22 -9.19 2.39
CA GLU A 61 3.15 -8.33 3.11
C GLU A 61 4.58 -8.55 2.60
N LEU A 62 5.29 -7.44 2.40
CA LEU A 62 6.66 -7.50 1.91
C LEU A 62 7.60 -6.75 2.85
N PRO A 63 8.88 -7.18 2.87
CA PRO A 63 9.90 -6.57 3.73
C PRO A 63 10.29 -5.17 3.24
N SER A 64 10.26 -4.97 1.93
CA SER A 64 10.60 -3.69 1.35
C SER A 64 10.31 -3.68 -0.15
N ASN A 65 10.26 -2.48 -0.73
CA ASN A 65 9.99 -2.33 -2.16
C ASN A 65 11.23 -2.68 -2.98
N ALA A 66 11.01 -3.10 -4.23
CA ALA A 66 12.09 -3.47 -5.12
C ALA A 66 11.75 -3.14 -6.57
N GLY A 67 12.67 -2.44 -7.24
CA GLY A 67 12.44 -2.07 -8.63
C GLY A 67 13.70 -1.59 -9.31
N ASN A 68 13.75 -1.71 -10.64
CA ASN A 68 14.91 -1.28 -11.40
C ASN A 68 14.91 0.23 -11.59
N THR A 69 16.03 0.86 -11.24
CA THR A 69 16.16 2.30 -11.35
C THR A 69 17.10 2.68 -12.49
N ALA A 70 16.65 3.56 -13.38
CA ALA A 70 17.45 3.99 -14.51
C ALA A 70 16.87 5.25 -15.15
N THR A 71 17.59 5.81 -16.11
CA THR A 71 17.15 7.02 -16.80
C THR A 71 15.66 6.94 -17.12
N LYS A 72 14.90 7.90 -16.60
CA LYS A 72 13.47 7.94 -16.84
C LYS A 72 12.97 9.39 -16.88
N ALA A 73 11.77 9.58 -17.41
CA ALA A 73 11.18 10.91 -17.53
C ALA A 73 10.05 11.09 -16.51
N SER A 74 10.22 12.07 -15.62
CA SER A 74 9.22 12.35 -14.59
C SER A 74 8.79 13.81 -14.65
N GLY A 75 7.69 14.07 -15.37
CA GLY A 75 7.18 15.42 -15.49
C GLY A 75 6.33 15.82 -14.30
N PRO A 76 5.47 16.84 -14.51
CA PRO A 76 4.58 17.34 -13.46
C PRO A 76 3.48 16.35 -13.11
N SER A 77 2.66 16.70 -12.12
CA SER A 77 1.56 15.84 -11.69
C SER A 77 0.96 15.09 -12.87
N SER A 78 1.02 13.77 -12.82
CA SER A 78 0.48 12.93 -13.89
C SER A 78 -1.00 12.63 -13.65
N GLY A 79 -1.69 12.19 -14.71
CA GLY A 79 -3.09 11.87 -14.60
C GLY A 79 -3.37 10.39 -14.75
N GLY A 1 18.26 6.42 11.00
CA GLY A 1 17.52 7.66 11.18
C GLY A 1 16.25 7.71 10.36
N SER A 2 15.33 6.80 10.66
CA SER A 2 14.06 6.73 9.94
C SER A 2 12.92 7.24 10.81
N SER A 3 12.32 8.35 10.39
CA SER A 3 11.21 8.95 11.14
C SER A 3 9.94 8.97 10.29
N GLY A 4 8.82 9.28 10.94
CA GLY A 4 7.55 9.32 10.24
C GLY A 4 7.33 8.09 9.38
N SER A 5 7.40 6.92 10.01
CA SER A 5 7.20 5.66 9.29
C SER A 5 5.77 5.54 8.79
N SER A 6 5.61 5.58 7.47
CA SER A 6 4.29 5.49 6.85
C SER A 6 3.58 4.21 7.29
N GLY A 7 4.22 3.07 7.04
CA GLY A 7 3.64 1.80 7.41
C GLY A 7 4.18 0.64 6.59
N ARG A 8 3.73 -0.57 6.90
CA ARG A 8 4.18 -1.75 6.18
C ARG A 8 3.74 -1.72 4.72
N LEU A 9 4.37 -2.53 3.89
CA LEU A 9 4.05 -2.58 2.48
C LEU A 9 3.58 -3.98 2.08
N CYS A 10 3.05 -4.11 0.87
CA CYS A 10 2.57 -5.39 0.37
C CYS A 10 2.34 -5.33 -1.14
N LYS A 11 2.28 -6.50 -1.76
CA LYS A 11 2.07 -6.59 -3.20
C LYS A 11 0.76 -7.29 -3.52
N ALA A 12 -0.04 -6.68 -4.40
CA ALA A 12 -1.33 -7.24 -4.77
C ALA A 12 -1.15 -8.40 -5.76
N LEU A 13 -1.19 -9.62 -5.24
CA LEU A 13 -1.04 -10.81 -6.07
C LEU A 13 -2.14 -10.88 -7.13
N TYR A 14 -3.37 -10.64 -6.72
CA TYR A 14 -4.51 -10.68 -7.63
C TYR A 14 -5.27 -9.35 -7.61
N SER A 15 -5.71 -8.91 -8.78
CA SER A 15 -6.45 -7.66 -8.90
C SER A 15 -7.80 -7.77 -8.20
N PHE A 16 -8.08 -6.84 -7.29
CA PHE A 16 -9.35 -6.83 -6.57
C PHE A 16 -10.18 -5.61 -6.93
N GLN A 17 -11.46 -5.84 -7.23
CA GLN A 17 -12.36 -4.74 -7.60
C GLN A 17 -13.16 -4.27 -6.39
N ALA A 18 -13.07 -2.97 -6.11
CA ALA A 18 -13.79 -2.38 -4.98
C ALA A 18 -15.21 -2.00 -5.37
N ARG A 19 -16.18 -2.73 -4.84
CA ARG A 19 -17.59 -2.47 -5.14
C ARG A 19 -17.92 -1.00 -4.90
N GLN A 20 -17.52 -0.48 -3.74
CA GLN A 20 -17.78 0.91 -3.39
C GLN A 20 -16.55 1.55 -2.77
N ASP A 21 -16.67 2.84 -2.44
CA ASP A 21 -15.57 3.57 -1.83
C ASP A 21 -14.98 2.81 -0.64
N ASP A 22 -15.85 2.46 0.30
CA ASP A 22 -15.42 1.72 1.49
C ASP A 22 -14.33 0.72 1.14
N GLU A 23 -14.45 0.10 -0.03
CA GLU A 23 -13.47 -0.89 -0.47
C GLU A 23 -12.37 -0.22 -1.31
N LEU A 24 -11.21 -0.86 -1.36
CA LEU A 24 -10.08 -0.34 -2.13
C LEU A 24 -9.80 -1.20 -3.35
N ASN A 25 -9.57 -0.54 -4.48
CA ASN A 25 -9.28 -1.25 -5.73
C ASN A 25 -7.81 -1.64 -5.82
N LEU A 26 -7.55 -2.89 -6.16
CA LEU A 26 -6.18 -3.39 -6.27
C LEU A 26 -5.93 -3.94 -7.67
N GLU A 27 -4.64 -4.07 -8.02
CA GLU A 27 -4.26 -4.58 -9.33
C GLU A 27 -3.02 -5.46 -9.23
N LYS A 28 -2.96 -6.50 -10.06
CA LYS A 28 -1.82 -7.42 -10.06
C LYS A 28 -0.51 -6.65 -10.17
N GLY A 29 0.26 -6.65 -9.09
CA GLY A 29 1.53 -5.95 -9.08
C GLY A 29 1.41 -4.52 -8.61
N ASP A 30 0.58 -4.29 -7.60
CA ASP A 30 0.37 -2.96 -7.06
C ASP A 30 0.78 -2.89 -5.60
N ILE A 31 1.68 -1.96 -5.28
CA ILE A 31 2.15 -1.79 -3.91
C ILE A 31 1.22 -0.91 -3.10
N VAL A 32 0.70 -1.46 -2.00
CA VAL A 32 -0.22 -0.73 -1.14
C VAL A 32 0.43 -0.42 0.20
N ILE A 33 0.23 0.80 0.69
CA ILE A 33 0.79 1.22 1.97
C ILE A 33 -0.08 0.73 3.13
N ILE A 34 0.38 -0.30 3.81
CA ILE A 34 -0.33 -0.86 4.94
C ILE A 34 -0.42 0.15 6.09
N HIS A 35 -1.63 0.66 6.33
CA HIS A 35 -1.85 1.63 7.40
C HIS A 35 -2.24 0.93 8.70
N GLU A 36 -3.25 0.06 8.62
CA GLU A 36 -3.71 -0.67 9.79
C GLU A 36 -4.44 -1.95 9.38
N LYS A 37 -4.26 -3.01 10.16
CA LYS A 37 -4.90 -4.29 9.88
C LYS A 37 -5.51 -4.87 11.14
N LYS A 38 -6.61 -4.28 11.59
CA LYS A 38 -7.31 -4.75 12.78
C LYS A 38 -8.06 -6.04 12.51
N GLU A 39 -8.87 -6.03 11.45
CA GLU A 39 -9.64 -7.21 11.08
C GLU A 39 -8.73 -8.38 10.73
N GLU A 40 -9.33 -9.52 10.40
CA GLU A 40 -8.56 -10.71 10.05
C GLU A 40 -7.81 -10.50 8.73
N GLY A 41 -8.57 -10.26 7.67
CA GLY A 41 -7.95 -10.04 6.37
C GLY A 41 -8.13 -8.62 5.86
N TRP A 42 -9.29 -8.04 6.17
CA TRP A 42 -9.59 -6.67 5.74
C TRP A 42 -8.49 -5.71 6.17
N TRP A 43 -7.58 -5.42 5.26
CA TRP A 43 -6.47 -4.52 5.55
C TRP A 43 -6.81 -3.08 5.14
N PHE A 44 -6.18 -2.12 5.80
CA PHE A 44 -6.43 -0.72 5.51
C PHE A 44 -5.13 -0.01 5.08
N GLY A 45 -5.14 0.55 3.88
CA GLY A 45 -3.96 1.23 3.38
C GLY A 45 -4.24 1.99 2.09
N SER A 46 -3.23 2.70 1.59
CA SER A 46 -3.37 3.47 0.36
C SER A 46 -2.57 2.84 -0.76
N LEU A 47 -3.25 2.53 -1.86
CA LEU A 47 -2.59 1.91 -3.02
C LEU A 47 -1.82 2.96 -3.81
N ASN A 48 -2.55 3.78 -4.56
CA ASN A 48 -1.93 4.83 -5.37
C ASN A 48 -2.43 6.21 -4.96
N GLY A 49 -2.39 6.47 -3.65
CA GLY A 49 -2.84 7.75 -3.15
C GLY A 49 -4.26 7.70 -2.61
N LYS A 50 -4.88 6.53 -2.71
CA LYS A 50 -6.25 6.35 -2.22
C LYS A 50 -6.31 5.27 -1.15
N LYS A 51 -6.82 5.63 0.02
CA LYS A 51 -6.93 4.69 1.12
C LYS A 51 -8.26 3.95 1.08
N GLY A 52 -8.32 2.80 1.74
CA GLY A 52 -9.55 2.01 1.76
C GLY A 52 -9.34 0.63 2.34
N HIS A 53 -10.36 -0.21 2.27
CA HIS A 53 -10.29 -1.57 2.80
C HIS A 53 -10.12 -2.58 1.66
N PHE A 54 -9.14 -3.46 1.82
CA PHE A 54 -8.85 -4.48 0.81
C PHE A 54 -8.53 -5.82 1.47
N PRO A 55 -8.78 -6.92 0.74
CA PRO A 55 -8.53 -8.27 1.23
C PRO A 55 -7.04 -8.58 1.36
N ALA A 56 -6.68 -9.33 2.38
CA ALA A 56 -5.28 -9.69 2.62
C ALA A 56 -4.84 -10.79 1.67
N ALA A 57 -5.57 -11.90 1.67
CA ALA A 57 -5.25 -13.03 0.81
C ALA A 57 -4.89 -12.57 -0.59
N TYR A 58 -5.34 -11.37 -0.96
CA TYR A 58 -5.06 -10.82 -2.27
C TYR A 58 -3.68 -10.19 -2.31
N VAL A 59 -3.30 -9.53 -1.22
CA VAL A 59 -2.01 -8.87 -1.12
C VAL A 59 -1.04 -9.67 -0.25
N GLU A 60 0.25 -9.47 -0.45
CA GLU A 60 1.26 -10.17 0.32
C GLU A 60 2.22 -9.19 1.00
N GLU A 61 2.31 -9.29 2.32
CA GLU A 61 3.19 -8.41 3.08
C GLU A 61 4.63 -8.50 2.60
N LEU A 62 5.26 -7.34 2.41
CA LEU A 62 6.64 -7.29 1.95
C LEU A 62 7.56 -6.70 3.01
N PRO A 63 8.84 -7.10 2.97
CA PRO A 63 9.85 -6.62 3.92
C PRO A 63 10.19 -5.14 3.71
N SER A 64 10.78 -4.52 4.72
CA SER A 64 11.16 -3.12 4.64
C SER A 64 11.74 -2.79 3.26
N ASN A 65 10.99 -2.02 2.48
CA ASN A 65 11.43 -1.64 1.14
C ASN A 65 12.15 -0.30 1.18
N ALA A 66 13.15 -0.15 0.31
CA ALA A 66 13.92 1.09 0.24
C ALA A 66 14.64 1.21 -1.10
N GLY A 67 15.05 2.43 -1.44
CA GLY A 67 15.75 2.65 -2.70
C GLY A 67 14.80 2.84 -3.86
N ASN A 68 13.92 1.86 -4.08
CA ASN A 68 12.95 1.91 -5.17
C ASN A 68 12.04 3.13 -5.02
N THR A 69 11.38 3.22 -3.87
CA THR A 69 10.47 4.33 -3.60
C THR A 69 11.14 5.67 -3.87
N ALA A 70 10.34 6.67 -4.22
CA ALA A 70 10.86 8.00 -4.50
C ALA A 70 10.35 9.01 -3.48
N THR A 71 11.00 9.06 -2.33
CA THR A 71 10.61 9.99 -1.27
C THR A 71 10.55 11.43 -1.78
N LYS A 72 9.34 11.90 -2.03
CA LYS A 72 9.14 13.26 -2.52
C LYS A 72 8.01 13.96 -1.77
N ALA A 73 8.15 15.27 -1.59
CA ALA A 73 7.13 16.05 -0.89
C ALA A 73 5.73 15.64 -1.31
N SER A 74 4.77 15.80 -0.40
CA SER A 74 3.39 15.44 -0.67
C SER A 74 2.50 16.68 -0.74
N GLY A 75 1.55 16.67 -1.67
CA GLY A 75 0.66 17.81 -1.81
C GLY A 75 -0.11 17.78 -3.12
N PRO A 76 -1.13 16.91 -3.20
CA PRO A 76 -1.96 16.77 -4.40
C PRO A 76 -2.85 17.97 -4.64
N SER A 77 -3.54 17.98 -5.78
CA SER A 77 -4.43 19.08 -6.12
C SER A 77 -5.25 19.53 -4.91
N SER A 78 -5.78 20.75 -4.97
CA SER A 78 -6.57 21.29 -3.87
C SER A 78 -8.03 21.43 -4.30
N GLY A 79 -8.27 22.18 -5.37
CA GLY A 79 -9.63 22.38 -5.85
C GLY A 79 -10.18 21.16 -6.54
N GLY A 1 16.73 14.85 9.09
CA GLY A 1 15.58 14.23 8.44
C GLY A 1 14.27 14.84 8.89
N SER A 2 13.17 14.15 8.60
CA SER A 2 11.84 14.63 8.97
C SER A 2 10.92 13.47 9.34
N SER A 3 9.87 13.77 10.08
CA SER A 3 8.92 12.74 10.50
C SER A 3 7.84 12.54 9.44
N GLY A 4 7.55 11.28 9.14
CA GLY A 4 6.53 10.97 8.15
C GLY A 4 5.83 9.65 8.43
N SER A 5 4.64 9.49 7.86
CA SER A 5 3.87 8.27 8.06
C SER A 5 4.77 7.04 8.04
N SER A 6 4.39 6.03 8.81
CA SER A 6 5.17 4.79 8.89
C SER A 6 4.26 3.57 8.87
N GLY A 7 4.28 2.84 7.76
CA GLY A 7 3.45 1.66 7.63
C GLY A 7 4.14 0.56 6.84
N ARG A 8 3.59 -0.65 6.93
CA ARG A 8 4.15 -1.79 6.22
C ARG A 8 3.78 -1.75 4.74
N LEU A 9 4.43 -2.60 3.94
CA LEU A 9 4.17 -2.66 2.51
C LEU A 9 3.70 -4.05 2.10
N CYS A 10 3.13 -4.15 0.90
CA CYS A 10 2.65 -5.42 0.39
C CYS A 10 2.39 -5.34 -1.11
N LYS A 11 2.30 -6.50 -1.75
CA LYS A 11 2.06 -6.57 -3.19
C LYS A 11 0.73 -7.25 -3.49
N ALA A 12 -0.05 -6.64 -4.39
CA ALA A 12 -1.34 -7.19 -4.76
C ALA A 12 -1.19 -8.34 -5.76
N LEU A 13 -1.14 -9.56 -5.23
CA LEU A 13 -0.98 -10.74 -6.07
C LEU A 13 -2.14 -10.86 -7.06
N TYR A 14 -3.33 -10.48 -6.61
CA TYR A 14 -4.52 -10.54 -7.46
C TYR A 14 -5.25 -9.21 -7.46
N SER A 15 -5.70 -8.78 -8.64
CA SER A 15 -6.41 -7.52 -8.78
C SER A 15 -7.80 -7.61 -8.14
N PHE A 16 -8.08 -6.68 -7.25
CA PHE A 16 -9.37 -6.65 -6.56
C PHE A 16 -10.24 -5.51 -7.09
N GLN A 17 -11.54 -5.60 -6.83
CA GLN A 17 -12.48 -4.58 -7.27
C GLN A 17 -13.31 -4.04 -6.11
N ALA A 18 -12.88 -2.90 -5.57
CA ALA A 18 -13.57 -2.29 -4.45
C ALA A 18 -15.06 -2.12 -4.75
N ARG A 19 -15.88 -2.99 -4.16
CA ARG A 19 -17.32 -2.94 -4.38
C ARG A 19 -17.87 -1.56 -4.06
N GLN A 20 -17.34 -0.95 -3.00
CA GLN A 20 -17.78 0.39 -2.59
C GLN A 20 -16.59 1.24 -2.16
N ASP A 21 -16.82 2.55 -2.04
CA ASP A 21 -15.77 3.47 -1.63
C ASP A 21 -14.99 2.92 -0.44
N ASP A 22 -15.70 2.44 0.56
CA ASP A 22 -15.07 1.87 1.75
C ASP A 22 -13.96 0.92 1.37
N GLU A 23 -14.16 0.17 0.29
CA GLU A 23 -13.16 -0.79 -0.17
C GLU A 23 -12.12 -0.11 -1.04
N LEU A 24 -11.01 -0.79 -1.28
CA LEU A 24 -9.93 -0.25 -2.10
C LEU A 24 -9.62 -1.17 -3.27
N ASN A 25 -9.41 -0.58 -4.44
CA ASN A 25 -9.12 -1.35 -5.64
C ASN A 25 -7.64 -1.75 -5.68
N LEU A 26 -7.37 -2.97 -6.15
CA LEU A 26 -6.01 -3.46 -6.23
C LEU A 26 -5.73 -4.06 -7.61
N GLU A 27 -4.49 -3.92 -8.08
CA GLU A 27 -4.10 -4.45 -9.38
C GLU A 27 -2.90 -5.38 -9.25
N LYS A 28 -2.78 -6.32 -10.17
CA LYS A 28 -1.69 -7.28 -10.17
C LYS A 28 -0.34 -6.55 -10.18
N GLY A 29 0.40 -6.67 -9.08
CA GLY A 29 1.69 -6.02 -8.98
C GLY A 29 1.59 -4.59 -8.52
N ASP A 30 0.70 -4.34 -7.57
CA ASP A 30 0.50 -2.99 -7.04
C ASP A 30 0.89 -2.93 -5.57
N ILE A 31 1.78 -1.99 -5.24
CA ILE A 31 2.24 -1.82 -3.86
C ILE A 31 1.26 -0.95 -3.06
N VAL A 32 0.72 -1.53 -1.99
CA VAL A 32 -0.22 -0.80 -1.14
C VAL A 32 0.40 -0.49 0.21
N ILE A 33 0.29 0.77 0.64
CA ILE A 33 0.84 1.19 1.92
C ILE A 33 -0.04 0.72 3.07
N ILE A 34 0.44 -0.29 3.79
CA ILE A 34 -0.29 -0.84 4.92
C ILE A 34 -0.40 0.18 6.05
N HIS A 35 -1.58 0.77 6.21
CA HIS A 35 -1.81 1.76 7.25
C HIS A 35 -2.24 1.09 8.54
N GLU A 36 -3.18 0.15 8.44
CA GLU A 36 -3.68 -0.57 9.60
C GLU A 36 -4.37 -1.87 9.19
N LYS A 37 -4.21 -2.90 10.02
CA LYS A 37 -4.81 -4.20 9.74
C LYS A 37 -5.51 -4.75 10.98
N LYS A 38 -6.66 -4.16 11.32
CA LYS A 38 -7.42 -4.58 12.47
C LYS A 38 -8.21 -5.85 12.16
N GLU A 39 -8.98 -5.82 11.07
CA GLU A 39 -9.79 -6.96 10.68
C GLU A 39 -8.90 -8.16 10.35
N GLU A 40 -9.45 -9.36 10.51
CA GLU A 40 -8.71 -10.58 10.23
C GLU A 40 -7.92 -10.47 8.94
N GLY A 41 -8.64 -10.29 7.83
CA GLY A 41 -7.99 -10.16 6.54
C GLY A 41 -8.13 -8.76 5.95
N TRP A 42 -9.30 -8.17 6.10
CA TRP A 42 -9.56 -6.83 5.58
C TRP A 42 -8.50 -5.84 6.08
N TRP A 43 -7.55 -5.51 5.21
CA TRP A 43 -6.49 -4.59 5.56
C TRP A 43 -6.85 -3.17 5.16
N PHE A 44 -6.21 -2.19 5.78
CA PHE A 44 -6.46 -0.79 5.49
C PHE A 44 -5.18 -0.07 5.08
N GLY A 45 -5.22 0.59 3.92
CA GLY A 45 -4.05 1.31 3.43
C GLY A 45 -4.31 2.03 2.13
N SER A 46 -3.29 2.70 1.62
CA SER A 46 -3.43 3.45 0.37
C SER A 46 -2.61 2.80 -0.74
N LEU A 47 -3.27 2.52 -1.87
CA LEU A 47 -2.61 1.91 -3.01
C LEU A 47 -1.83 2.93 -3.82
N ASN A 48 -2.55 3.75 -4.59
CA ASN A 48 -1.93 4.78 -5.40
C ASN A 48 -2.42 6.16 -5.00
N GLY A 49 -2.54 6.39 -3.70
CA GLY A 49 -3.00 7.67 -3.21
C GLY A 49 -4.42 7.63 -2.69
N LYS A 50 -5.01 6.43 -2.69
CA LYS A 50 -6.38 6.25 -2.22
C LYS A 50 -6.43 5.20 -1.11
N LYS A 51 -6.92 5.62 0.06
CA LYS A 51 -7.02 4.72 1.20
C LYS A 51 -8.36 3.99 1.19
N GLY A 52 -8.40 2.81 1.82
CA GLY A 52 -9.62 2.04 1.87
C GLY A 52 -9.40 0.65 2.44
N HIS A 53 -10.41 -0.20 2.33
CA HIS A 53 -10.33 -1.57 2.85
C HIS A 53 -10.17 -2.57 1.72
N PHE A 54 -9.15 -3.41 1.83
CA PHE A 54 -8.87 -4.42 0.81
C PHE A 54 -8.57 -5.77 1.46
N PRO A 55 -8.83 -6.85 0.71
CA PRO A 55 -8.58 -8.22 1.18
C PRO A 55 -7.10 -8.54 1.29
N ALA A 56 -6.72 -9.19 2.40
CA ALA A 56 -5.32 -9.55 2.62
C ALA A 56 -4.89 -10.67 1.68
N ALA A 57 -5.63 -11.77 1.69
CA ALA A 57 -5.33 -12.90 0.84
C ALA A 57 -4.93 -12.45 -0.56
N TYR A 58 -5.40 -11.28 -0.95
CA TYR A 58 -5.09 -10.73 -2.27
C TYR A 58 -3.69 -10.12 -2.29
N VAL A 59 -3.33 -9.46 -1.20
CA VAL A 59 -2.02 -8.83 -1.09
C VAL A 59 -1.09 -9.65 -0.20
N GLU A 60 0.21 -9.39 -0.33
CA GLU A 60 1.21 -10.11 0.47
C GLU A 60 2.22 -9.13 1.08
N GLU A 61 2.33 -9.16 2.40
CA GLU A 61 3.25 -8.27 3.11
C GLU A 61 4.68 -8.48 2.61
N LEU A 62 5.37 -7.38 2.34
CA LEU A 62 6.74 -7.44 1.86
C LEU A 62 7.72 -7.02 2.95
N PRO A 63 8.95 -7.56 2.89
CA PRO A 63 9.99 -7.25 3.87
C PRO A 63 10.52 -5.83 3.73
N SER A 64 10.81 -5.43 2.50
CA SER A 64 11.33 -4.09 2.22
C SER A 64 11.00 -3.67 0.79
N ASN A 65 11.19 -2.39 0.51
CA ASN A 65 10.92 -1.86 -0.82
C ASN A 65 11.91 -0.75 -1.18
N ALA A 66 12.03 -0.47 -2.48
CA ALA A 66 12.95 0.57 -2.95
C ALA A 66 12.69 0.90 -4.42
N GLY A 67 12.18 2.11 -4.66
CA GLY A 67 11.90 2.52 -6.03
C GLY A 67 10.72 3.47 -6.11
N ASN A 68 11.01 4.77 -6.07
CA ASN A 68 9.96 5.79 -6.13
C ASN A 68 10.27 6.81 -7.23
N THR A 69 10.74 6.32 -8.36
CA THR A 69 11.07 7.19 -9.49
C THR A 69 9.99 7.14 -10.56
N ALA A 70 9.36 8.29 -10.81
CA ALA A 70 8.31 8.38 -11.81
C ALA A 70 8.05 9.83 -12.21
N THR A 71 7.55 10.02 -13.43
CA THR A 71 7.25 11.36 -13.92
C THR A 71 5.84 11.79 -13.55
N LYS A 72 5.51 11.67 -12.26
CA LYS A 72 4.19 12.05 -11.78
C LYS A 72 4.30 13.01 -10.60
N ALA A 73 3.18 13.60 -10.21
CA ALA A 73 3.15 14.53 -9.09
C ALA A 73 4.09 14.09 -7.97
N SER A 74 4.56 15.05 -7.18
CA SER A 74 5.47 14.76 -6.08
C SER A 74 4.90 15.26 -4.76
N GLY A 75 4.63 16.56 -4.70
CA GLY A 75 4.09 17.15 -3.48
C GLY A 75 3.10 18.27 -3.77
N PRO A 76 1.97 17.91 -4.39
CA PRO A 76 0.92 18.89 -4.73
C PRO A 76 0.20 19.43 -3.50
N SER A 77 -0.72 20.37 -3.72
CA SER A 77 -1.47 20.97 -2.62
C SER A 77 -1.76 19.94 -1.53
N SER A 78 -2.31 18.80 -1.93
CA SER A 78 -2.64 17.74 -0.99
C SER A 78 -1.59 16.63 -1.03
N GLY A 79 -1.36 16.00 0.12
CA GLY A 79 -0.38 14.93 0.19
C GLY A 79 0.93 15.30 -0.46
N GLY A 1 12.32 11.99 22.10
CA GLY A 1 10.89 11.84 21.89
C GLY A 1 10.53 10.54 21.21
N SER A 2 9.87 10.63 20.06
CA SER A 2 9.45 9.45 19.31
C SER A 2 9.68 9.66 17.82
N SER A 3 9.99 8.56 17.12
CA SER A 3 10.24 8.62 15.69
C SER A 3 8.93 8.64 14.91
N GLY A 4 9.02 8.95 13.63
CA GLY A 4 7.82 9.01 12.79
C GLY A 4 7.18 7.65 12.61
N SER A 5 5.85 7.63 12.60
CA SER A 5 5.11 6.39 12.44
C SER A 5 5.69 5.54 11.32
N SER A 6 5.53 4.22 11.43
CA SER A 6 6.05 3.30 10.42
C SER A 6 4.92 2.53 9.77
N GLY A 7 5.00 2.37 8.45
CA GLY A 7 3.97 1.65 7.72
C GLY A 7 4.52 0.46 6.97
N ARG A 8 3.75 -0.62 6.93
CA ARG A 8 4.17 -1.84 6.24
C ARG A 8 3.78 -1.79 4.77
N LEU A 9 4.41 -2.64 3.97
CA LEU A 9 4.13 -2.69 2.54
C LEU A 9 3.60 -4.07 2.13
N CYS A 10 3.01 -4.16 0.95
CA CYS A 10 2.47 -5.41 0.45
C CYS A 10 2.25 -5.36 -1.06
N LYS A 11 2.21 -6.53 -1.69
CA LYS A 11 2.01 -6.61 -3.13
C LYS A 11 0.72 -7.34 -3.46
N ALA A 12 -0.11 -6.72 -4.31
CA ALA A 12 -1.38 -7.31 -4.71
C ALA A 12 -1.17 -8.47 -5.67
N LEU A 13 -1.25 -9.69 -5.15
CA LEU A 13 -1.07 -10.89 -5.96
C LEU A 13 -2.17 -11.02 -6.99
N TYR A 14 -3.39 -10.67 -6.59
CA TYR A 14 -4.54 -10.75 -7.49
C TYR A 14 -5.29 -9.42 -7.53
N SER A 15 -5.70 -9.02 -8.73
CA SER A 15 -6.43 -7.76 -8.91
C SER A 15 -7.80 -7.84 -8.24
N PHE A 16 -8.07 -6.90 -7.34
CA PHE A 16 -9.33 -6.84 -6.63
C PHE A 16 -10.14 -5.62 -7.05
N GLN A 17 -11.46 -5.72 -6.91
CA GLN A 17 -12.35 -4.63 -7.29
C GLN A 17 -13.15 -4.14 -6.08
N ALA A 18 -12.90 -2.90 -5.67
CA ALA A 18 -13.60 -2.32 -4.53
C ALA A 18 -15.09 -2.16 -4.82
N ARG A 19 -15.89 -3.11 -4.33
CA ARG A 19 -17.33 -3.08 -4.55
C ARG A 19 -17.89 -1.69 -4.23
N GLN A 20 -17.36 -1.07 -3.19
CA GLN A 20 -17.80 0.26 -2.78
C GLN A 20 -16.63 1.14 -2.40
N ASP A 21 -16.86 2.45 -2.37
CA ASP A 21 -15.82 3.40 -2.02
C ASP A 21 -15.08 2.97 -0.75
N ASP A 22 -15.83 2.45 0.22
CA ASP A 22 -15.25 2.01 1.48
C ASP A 22 -14.04 1.11 1.22
N GLU A 23 -14.20 0.15 0.32
CA GLU A 23 -13.13 -0.78 -0.02
C GLU A 23 -12.09 -0.11 -0.90
N LEU A 24 -11.08 -0.88 -1.32
CA LEU A 24 -10.02 -0.36 -2.18
C LEU A 24 -9.70 -1.34 -3.30
N ASN A 25 -9.62 -0.82 -4.53
CA ASN A 25 -9.32 -1.65 -5.69
C ASN A 25 -7.83 -1.98 -5.75
N LEU A 26 -7.53 -3.22 -6.13
CA LEU A 26 -6.15 -3.67 -6.24
C LEU A 26 -5.86 -4.25 -7.61
N GLU A 27 -4.61 -4.11 -8.07
CA GLU A 27 -4.22 -4.62 -9.37
C GLU A 27 -3.00 -5.53 -9.24
N LYS A 28 -2.95 -6.56 -10.09
CA LYS A 28 -1.84 -7.50 -10.07
C LYS A 28 -0.50 -6.77 -10.14
N GLY A 29 0.26 -6.83 -9.05
CA GLY A 29 1.55 -6.17 -9.01
C GLY A 29 1.45 -4.72 -8.57
N ASP A 30 0.60 -4.46 -7.58
CA ASP A 30 0.42 -3.11 -7.07
C ASP A 30 0.83 -3.02 -5.61
N ILE A 31 1.70 -2.05 -5.31
CA ILE A 31 2.18 -1.86 -3.95
C ILE A 31 1.25 -0.94 -3.17
N VAL A 32 0.72 -1.42 -2.06
CA VAL A 32 -0.18 -0.64 -1.22
C VAL A 32 0.43 -0.38 0.15
N ILE A 33 0.39 0.87 0.59
CA ILE A 33 0.94 1.26 1.87
C ILE A 33 0.03 0.81 3.02
N ILE A 34 0.47 -0.17 3.78
CA ILE A 34 -0.30 -0.68 4.91
C ILE A 34 -0.35 0.33 6.04
N HIS A 35 -1.56 0.62 6.52
CA HIS A 35 -1.75 1.57 7.61
C HIS A 35 -2.28 0.87 8.85
N GLU A 36 -3.36 0.09 8.68
CA GLU A 36 -3.97 -0.62 9.78
C GLU A 36 -4.58 -1.94 9.31
N LYS A 37 -4.37 -3.00 10.09
CA LYS A 37 -4.90 -4.31 9.75
C LYS A 37 -5.57 -4.95 10.96
N LYS A 38 -6.78 -4.50 11.28
CA LYS A 38 -7.53 -5.02 12.40
C LYS A 38 -8.44 -6.17 11.96
N GLU A 39 -9.36 -5.87 11.04
CA GLU A 39 -10.28 -6.88 10.54
C GLU A 39 -9.54 -8.15 10.15
N GLU A 40 -10.24 -9.28 10.20
CA GLU A 40 -9.65 -10.56 9.85
C GLU A 40 -9.40 -10.65 8.35
N GLY A 41 -8.23 -10.17 7.92
CA GLY A 41 -7.89 -10.21 6.51
C GLY A 41 -7.96 -8.85 5.87
N TRP A 42 -9.14 -8.24 5.90
CA TRP A 42 -9.35 -6.92 5.30
C TRP A 42 -8.39 -5.91 5.90
N TRP A 43 -7.36 -5.54 5.12
CA TRP A 43 -6.36 -4.58 5.58
C TRP A 43 -6.75 -3.16 5.14
N PHE A 44 -6.12 -2.17 5.76
CA PHE A 44 -6.39 -0.77 5.43
C PHE A 44 -5.12 -0.06 4.99
N GLY A 45 -5.18 0.58 3.82
CA GLY A 45 -4.03 1.29 3.30
C GLY A 45 -4.32 1.97 1.97
N SER A 46 -3.36 2.76 1.50
CA SER A 46 -3.52 3.48 0.23
C SER A 46 -2.70 2.83 -0.87
N LEU A 47 -3.33 2.58 -2.01
CA LEU A 47 -2.65 1.96 -3.14
C LEU A 47 -1.92 3.02 -3.97
N ASN A 48 -2.67 3.78 -4.74
CA ASN A 48 -2.09 4.83 -5.58
C ASN A 48 -2.63 6.20 -5.20
N GLY A 49 -2.76 6.43 -3.91
CA GLY A 49 -3.26 7.71 -3.42
C GLY A 49 -4.67 7.61 -2.88
N LYS A 50 -5.23 6.41 -2.90
CA LYS A 50 -6.58 6.17 -2.40
C LYS A 50 -6.58 5.16 -1.26
N LYS A 51 -7.04 5.59 -0.09
CA LYS A 51 -7.09 4.73 1.08
C LYS A 51 -8.40 3.94 1.12
N GLY A 52 -8.36 2.75 1.69
CA GLY A 52 -9.54 1.93 1.79
C GLY A 52 -9.25 0.53 2.30
N HIS A 53 -10.30 -0.22 2.63
CA HIS A 53 -10.15 -1.57 3.14
C HIS A 53 -10.06 -2.57 1.99
N PHE A 54 -8.93 -3.28 1.92
CA PHE A 54 -8.72 -4.27 0.87
C PHE A 54 -8.47 -5.65 1.46
N PRO A 55 -8.75 -6.70 0.66
CA PRO A 55 -8.57 -8.09 1.09
C PRO A 55 -7.10 -8.46 1.24
N ALA A 56 -6.74 -9.00 2.40
CA ALA A 56 -5.37 -9.40 2.65
C ALA A 56 -4.94 -10.55 1.73
N ALA A 57 -5.70 -11.65 1.77
CA ALA A 57 -5.41 -12.81 0.94
C ALA A 57 -5.00 -12.38 -0.47
N TYR A 58 -5.43 -11.19 -0.87
CA TYR A 58 -5.10 -10.67 -2.20
C TYR A 58 -3.70 -10.08 -2.22
N VAL A 59 -3.34 -9.38 -1.15
CA VAL A 59 -2.03 -8.76 -1.04
C VAL A 59 -1.11 -9.57 -0.14
N GLU A 60 0.19 -9.47 -0.38
CA GLU A 60 1.18 -10.20 0.42
C GLU A 60 2.18 -9.24 1.05
N GLU A 61 2.24 -9.25 2.39
CA GLU A 61 3.15 -8.37 3.12
C GLU A 61 4.57 -8.50 2.58
N LEU A 62 5.23 -7.37 2.41
CA LEU A 62 6.60 -7.34 1.89
C LEU A 62 7.54 -6.64 2.87
N PRO A 63 8.82 -7.02 2.85
CA PRO A 63 9.84 -6.44 3.72
C PRO A 63 10.16 -5.00 3.35
N SER A 64 10.75 -4.27 4.30
CA SER A 64 11.10 -2.87 4.07
C SER A 64 11.58 -2.66 2.64
N ASN A 65 11.10 -1.59 2.02
CA ASN A 65 11.47 -1.28 0.65
C ASN A 65 12.70 -0.37 0.61
N ALA A 66 13.36 -0.33 -0.53
CA ALA A 66 14.56 0.50 -0.69
C ALA A 66 14.24 1.96 -0.44
N GLY A 67 13.24 2.49 -1.14
CA GLY A 67 12.86 3.87 -0.97
C GLY A 67 12.00 4.38 -2.10
N ASN A 68 11.80 5.69 -2.15
CA ASN A 68 10.99 6.31 -3.20
C ASN A 68 11.87 6.97 -4.26
N THR A 69 11.38 7.01 -5.49
CA THR A 69 12.13 7.60 -6.59
C THR A 69 11.78 9.09 -6.75
N ALA A 70 11.61 9.77 -5.62
CA ALA A 70 11.29 11.19 -5.64
C ALA A 70 12.41 12.01 -5.00
N THR A 71 12.79 13.09 -5.67
CA THR A 71 13.84 13.97 -5.18
C THR A 71 13.27 15.22 -4.52
N LYS A 72 13.86 15.62 -3.41
CA LYS A 72 13.41 16.80 -2.68
C LYS A 72 14.58 17.70 -2.30
N ALA A 73 14.35 19.00 -2.26
CA ALA A 73 15.38 19.96 -1.90
C ALA A 73 14.97 20.79 -0.69
N SER A 74 15.66 20.57 0.42
CA SER A 74 15.36 21.31 1.66
C SER A 74 15.39 22.81 1.41
N GLY A 75 14.23 23.44 1.57
CA GLY A 75 14.14 24.88 1.36
C GLY A 75 12.82 25.30 0.76
N PRO A 76 11.79 25.47 1.61
CA PRO A 76 10.45 25.87 1.18
C PRO A 76 10.41 27.31 0.68
N SER A 77 9.30 27.70 0.08
CA SER A 77 9.12 29.04 -0.43
C SER A 77 9.76 30.07 0.51
N SER A 78 10.65 30.89 -0.02
CA SER A 78 11.32 31.92 0.77
C SER A 78 10.37 33.06 1.10
N GLY A 79 10.74 33.86 2.09
CA GLY A 79 9.92 34.98 2.49
C GLY A 79 10.73 36.12 3.09
N GLY A 1 16.92 9.63 5.73
CA GLY A 1 17.27 8.77 4.61
C GLY A 1 16.05 8.33 3.82
N SER A 2 15.64 7.08 4.02
CA SER A 2 14.49 6.53 3.32
C SER A 2 13.40 7.59 3.16
N SER A 3 12.72 7.55 2.02
CA SER A 3 11.66 8.50 1.73
C SER A 3 10.72 8.66 2.93
N GLY A 4 10.39 7.54 3.56
CA GLY A 4 9.50 7.57 4.71
C GLY A 4 8.30 6.66 4.55
N SER A 5 8.52 5.36 4.74
CA SER A 5 7.44 4.37 4.62
C SER A 5 7.30 3.56 5.90
N SER A 6 7.35 4.25 7.04
CA SER A 6 7.22 3.58 8.33
C SER A 6 6.20 2.45 8.26
N GLY A 7 5.09 2.70 7.58
CA GLY A 7 4.05 1.69 7.46
C GLY A 7 4.51 0.49 6.65
N ARG A 8 3.99 -0.68 6.99
CA ARG A 8 4.34 -1.91 6.28
C ARG A 8 3.89 -1.86 4.83
N LEU A 9 4.57 -2.61 3.98
CA LEU A 9 4.24 -2.64 2.56
C LEU A 9 3.71 -4.02 2.15
N CYS A 10 3.10 -4.09 0.97
CA CYS A 10 2.56 -5.34 0.47
C CYS A 10 2.27 -5.25 -1.02
N LYS A 11 2.37 -6.38 -1.71
CA LYS A 11 2.12 -6.42 -3.15
C LYS A 11 0.81 -7.15 -3.44
N ALA A 12 0.05 -6.61 -4.41
CA ALA A 12 -1.23 -7.21 -4.78
C ALA A 12 -1.03 -8.40 -5.71
N LEU A 13 -1.23 -9.60 -5.18
CA LEU A 13 -1.07 -10.82 -5.96
C LEU A 13 -2.15 -10.94 -7.03
N TYR A 14 -3.28 -10.28 -6.79
CA TYR A 14 -4.39 -10.31 -7.73
C TYR A 14 -5.11 -8.97 -7.75
N SER A 15 -5.77 -8.68 -8.87
CA SER A 15 -6.50 -7.42 -9.03
C SER A 15 -7.86 -7.49 -8.33
N PHE A 16 -8.15 -6.50 -7.51
CA PHE A 16 -9.42 -6.45 -6.78
C PHE A 16 -10.25 -5.25 -7.23
N GLN A 17 -11.57 -5.41 -7.20
CA GLN A 17 -12.48 -4.35 -7.59
C GLN A 17 -13.33 -3.88 -6.42
N ALA A 18 -12.94 -2.76 -5.83
CA ALA A 18 -13.67 -2.21 -4.69
C ALA A 18 -15.06 -1.73 -5.10
N ARG A 19 -16.08 -2.31 -4.49
CA ARG A 19 -17.46 -1.95 -4.79
C ARG A 19 -17.74 -0.50 -4.43
N GLN A 20 -17.27 -0.08 -3.26
CA GLN A 20 -17.46 1.29 -2.79
C GLN A 20 -16.23 1.80 -2.07
N ASP A 21 -16.24 3.08 -1.71
CA ASP A 21 -15.13 3.70 -1.01
C ASP A 21 -14.60 2.78 0.10
N ASP A 22 -15.53 2.23 0.88
CA ASP A 22 -15.16 1.35 1.98
C ASP A 22 -14.06 0.38 1.56
N GLU A 23 -14.13 -0.07 0.30
CA GLU A 23 -13.14 -1.00 -0.23
C GLU A 23 -12.15 -0.27 -1.13
N LEU A 24 -11.00 -0.91 -1.38
CA LEU A 24 -9.98 -0.33 -2.24
C LEU A 24 -9.66 -1.25 -3.42
N ASN A 25 -9.67 -0.69 -4.62
CA ASN A 25 -9.39 -1.46 -5.83
C ASN A 25 -7.89 -1.76 -5.94
N LEU A 26 -7.58 -2.97 -6.37
CA LEU A 26 -6.19 -3.39 -6.53
C LEU A 26 -5.95 -3.98 -7.91
N GLU A 27 -4.69 -3.97 -8.35
CA GLU A 27 -4.33 -4.50 -9.66
C GLU A 27 -3.09 -5.39 -9.55
N LYS A 28 -2.97 -6.33 -10.50
CA LYS A 28 -1.83 -7.25 -10.51
C LYS A 28 -0.52 -6.50 -10.33
N GLY A 29 0.26 -6.91 -9.34
CA GLY A 29 1.53 -6.26 -9.08
C GLY A 29 1.37 -4.83 -8.62
N ASP A 30 0.64 -4.63 -7.54
CA ASP A 30 0.41 -3.29 -7.00
C ASP A 30 0.87 -3.20 -5.55
N ILE A 31 1.72 -2.22 -5.27
CA ILE A 31 2.23 -2.02 -3.92
C ILE A 31 1.36 -1.06 -3.13
N VAL A 32 0.72 -1.58 -2.09
CA VAL A 32 -0.15 -0.77 -1.24
C VAL A 32 0.49 -0.51 0.12
N ILE A 33 0.34 0.72 0.61
CA ILE A 33 0.90 1.09 1.90
C ILE A 33 0.00 0.63 3.04
N ILE A 34 0.50 -0.29 3.86
CA ILE A 34 -0.25 -0.81 5.00
C ILE A 34 -0.35 0.22 6.11
N HIS A 35 -1.57 0.57 6.48
CA HIS A 35 -1.80 1.55 7.54
C HIS A 35 -2.40 0.88 8.78
N GLU A 36 -3.47 0.12 8.58
CA GLU A 36 -4.14 -0.57 9.68
C GLU A 36 -4.70 -1.91 9.21
N LYS A 37 -4.57 -2.92 10.06
CA LYS A 37 -5.05 -4.26 9.74
C LYS A 37 -5.86 -4.83 10.91
N LYS A 38 -6.70 -4.00 11.50
CA LYS A 38 -7.53 -4.43 12.62
C LYS A 38 -8.42 -5.61 12.23
N GLU A 39 -9.39 -5.34 11.35
CA GLU A 39 -10.31 -6.38 10.88
C GLU A 39 -9.55 -7.66 10.56
N GLU A 40 -10.30 -8.75 10.35
CA GLU A 40 -9.71 -10.04 10.03
C GLU A 40 -9.62 -10.23 8.52
N GLY A 41 -8.40 -10.25 8.01
CA GLY A 41 -8.20 -10.44 6.57
C GLY A 41 -8.32 -9.14 5.80
N TRP A 42 -9.20 -8.26 6.26
CA TRP A 42 -9.41 -6.98 5.61
C TRP A 42 -8.38 -5.95 6.07
N TRP A 43 -7.44 -5.62 5.20
CA TRP A 43 -6.40 -4.65 5.51
C TRP A 43 -6.79 -3.25 5.05
N PHE A 44 -6.17 -2.23 5.64
CA PHE A 44 -6.46 -0.85 5.30
C PHE A 44 -5.19 -0.12 4.87
N GLY A 45 -5.30 0.65 3.79
CA GLY A 45 -4.15 1.39 3.30
C GLY A 45 -4.42 2.04 1.95
N SER A 46 -3.46 2.84 1.49
CA SER A 46 -3.60 3.53 0.21
C SER A 46 -2.72 2.88 -0.85
N LEU A 47 -3.26 2.74 -2.06
CA LEU A 47 -2.52 2.13 -3.16
C LEU A 47 -1.81 3.21 -3.98
N ASN A 48 -2.57 3.93 -4.79
CA ASN A 48 -2.01 4.99 -5.63
C ASN A 48 -2.58 6.35 -5.24
N GLY A 49 -2.89 6.51 -3.96
CA GLY A 49 -3.44 7.77 -3.49
C GLY A 49 -4.86 7.62 -2.97
N LYS A 50 -5.36 6.39 -2.96
CA LYS A 50 -6.71 6.12 -2.49
C LYS A 50 -6.69 5.13 -1.33
N LYS A 51 -7.17 5.57 -0.18
CA LYS A 51 -7.21 4.71 1.01
C LYS A 51 -8.53 3.94 1.08
N GLY A 52 -8.47 2.72 1.59
CA GLY A 52 -9.66 1.90 1.71
C GLY A 52 -9.37 0.54 2.31
N HIS A 53 -10.43 -0.19 2.66
CA HIS A 53 -10.28 -1.52 3.25
C HIS A 53 -10.18 -2.59 2.16
N PHE A 54 -8.96 -3.03 1.89
CA PHE A 54 -8.73 -4.05 0.87
C PHE A 54 -8.46 -5.41 1.52
N PRO A 55 -8.75 -6.48 0.76
CA PRO A 55 -8.55 -7.86 1.24
C PRO A 55 -7.08 -8.22 1.37
N ALA A 56 -6.75 -8.98 2.42
CA ALA A 56 -5.37 -9.39 2.65
C ALA A 56 -4.99 -10.58 1.77
N ALA A 57 -5.96 -11.48 1.56
CA ALA A 57 -5.73 -12.66 0.73
C ALA A 57 -5.33 -12.27 -0.68
N TYR A 58 -5.46 -10.98 -1.00
CA TYR A 58 -5.13 -10.48 -2.32
C TYR A 58 -3.74 -9.85 -2.33
N VAL A 59 -3.32 -9.33 -1.18
CA VAL A 59 -2.02 -8.70 -1.06
C VAL A 59 -1.13 -9.45 -0.08
N GLU A 60 0.16 -9.54 -0.39
CA GLU A 60 1.10 -10.24 0.46
C GLU A 60 2.14 -9.27 1.04
N GLU A 61 2.30 -9.29 2.36
CA GLU A 61 3.25 -8.42 3.03
C GLU A 61 4.66 -8.61 2.45
N LEU A 62 5.39 -7.51 2.35
CA LEU A 62 6.76 -7.55 1.81
C LEU A 62 7.72 -6.78 2.71
N PRO A 63 8.99 -7.19 2.71
CA PRO A 63 10.04 -6.55 3.52
C PRO A 63 10.38 -5.15 3.02
N SER A 64 10.87 -4.31 3.92
CA SER A 64 11.24 -2.95 3.57
C SER A 64 11.99 -2.90 2.25
N ASN A 65 11.35 -2.35 1.23
CA ASN A 65 11.95 -2.24 -0.09
C ASN A 65 12.96 -1.10 -0.14
N ALA A 66 14.24 -1.45 -0.12
CA ALA A 66 15.31 -0.46 -0.16
C ALA A 66 16.36 -0.82 -1.20
N GLY A 67 16.96 0.20 -1.80
CA GLY A 67 17.99 -0.04 -2.81
C GLY A 67 17.67 0.62 -4.13
N ASN A 68 18.69 0.84 -4.95
CA ASN A 68 18.52 1.48 -6.25
C ASN A 68 17.72 0.57 -7.19
N THR A 69 16.75 1.16 -7.87
CA THR A 69 15.92 0.41 -8.81
C THR A 69 15.46 1.29 -9.97
N ALA A 70 15.51 0.74 -11.18
CA ALA A 70 15.10 1.47 -12.37
C ALA A 70 13.58 1.56 -12.47
N THR A 71 13.10 2.61 -13.11
CA THR A 71 11.66 2.82 -13.28
C THR A 71 11.29 2.95 -14.75
N LYS A 72 10.02 2.67 -15.06
CA LYS A 72 9.54 2.76 -16.43
C LYS A 72 8.59 3.95 -16.59
N ALA A 73 9.11 5.05 -17.11
CA ALA A 73 8.31 6.25 -17.32
C ALA A 73 7.59 6.20 -18.66
N SER A 74 6.29 5.91 -18.63
CA SER A 74 5.49 5.82 -19.85
C SER A 74 4.01 6.02 -19.55
N GLY A 75 3.34 6.79 -20.39
CA GLY A 75 1.92 7.04 -20.19
C GLY A 75 1.10 6.73 -21.42
N PRO A 76 -0.23 6.92 -21.32
CA PRO A 76 -1.16 6.65 -22.42
C PRO A 76 -1.00 7.65 -23.57
N SER A 77 -0.43 7.19 -24.67
CA SER A 77 -0.21 8.05 -25.83
C SER A 77 0.25 9.44 -25.40
N SER A 78 1.32 9.48 -24.61
CA SER A 78 1.87 10.74 -24.13
C SER A 78 3.10 11.14 -24.92
N GLY A 79 3.06 12.32 -25.54
CA GLY A 79 4.17 12.80 -26.33
C GLY A 79 4.20 14.31 -26.44
N GLY A 1 11.85 7.96 20.59
CA GLY A 1 11.29 9.09 21.31
C GLY A 1 9.82 8.92 21.62
N SER A 2 8.97 9.64 20.89
CA SER A 2 7.53 9.56 21.10
C SER A 2 6.80 9.36 19.77
N SER A 3 7.03 10.28 18.84
CA SER A 3 6.38 10.20 17.53
C SER A 3 7.12 9.21 16.63
N GLY A 4 6.35 8.31 16.02
CA GLY A 4 6.93 7.32 15.13
C GLY A 4 5.92 6.73 14.18
N SER A 5 6.34 6.49 12.93
CA SER A 5 5.46 5.93 11.92
C SER A 5 6.14 4.76 11.20
N SER A 6 5.64 3.55 11.45
CA SER A 6 6.20 2.36 10.83
C SER A 6 5.15 1.64 9.99
N GLY A 7 4.97 2.10 8.75
CA GLY A 7 4.00 1.49 7.87
C GLY A 7 4.55 0.28 7.15
N ARG A 8 3.70 -0.73 6.94
CA ARG A 8 4.12 -1.94 6.25
C ARG A 8 3.75 -1.88 4.77
N LEU A 9 4.41 -2.71 3.97
CA LEU A 9 4.15 -2.75 2.54
C LEU A 9 3.66 -4.12 2.10
N CYS A 10 3.07 -4.19 0.92
CA CYS A 10 2.54 -5.45 0.39
C CYS A 10 2.31 -5.35 -1.12
N LYS A 11 2.33 -6.50 -1.79
CA LYS A 11 2.11 -6.55 -3.23
C LYS A 11 0.80 -7.25 -3.56
N ALA A 12 0.01 -6.62 -4.42
CA ALA A 12 -1.27 -7.19 -4.83
C ALA A 12 -1.08 -8.41 -5.72
N LEU A 13 -1.13 -9.59 -5.11
CA LEU A 13 -0.96 -10.84 -5.84
C LEU A 13 -2.11 -11.05 -6.84
N TYR A 14 -3.23 -10.40 -6.57
CA TYR A 14 -4.40 -10.52 -7.44
C TYR A 14 -5.15 -9.19 -7.52
N SER A 15 -5.70 -8.90 -8.69
CA SER A 15 -6.45 -7.66 -8.90
C SER A 15 -7.81 -7.72 -8.21
N PHE A 16 -8.16 -6.66 -7.49
CA PHE A 16 -9.43 -6.60 -6.78
C PHE A 16 -10.25 -5.40 -7.25
N GLN A 17 -11.58 -5.54 -7.21
CA GLN A 17 -12.47 -4.48 -7.63
C GLN A 17 -13.26 -3.93 -6.45
N ALA A 18 -13.00 -2.68 -6.09
CA ALA A 18 -13.68 -2.03 -4.98
C ALA A 18 -15.14 -1.75 -5.32
N ARG A 19 -16.05 -2.54 -4.76
CA ARG A 19 -17.47 -2.37 -5.01
C ARG A 19 -17.93 -0.97 -4.64
N GLN A 20 -17.19 -0.34 -3.72
CA GLN A 20 -17.53 1.01 -3.27
C GLN A 20 -16.28 1.73 -2.77
N ASP A 21 -16.42 3.03 -2.54
CA ASP A 21 -15.30 3.84 -2.06
C ASP A 21 -14.65 3.20 -0.83
N ASP A 22 -15.48 2.77 0.10
CA ASP A 22 -14.98 2.14 1.33
C ASP A 22 -13.85 1.16 1.01
N GLU A 23 -14.07 0.31 0.02
CA GLU A 23 -13.07 -0.67 -0.39
C GLU A 23 -12.00 -0.03 -1.27
N LEU A 24 -10.89 -0.74 -1.46
CA LEU A 24 -9.80 -0.24 -2.29
C LEU A 24 -9.51 -1.21 -3.44
N ASN A 25 -9.45 -0.68 -4.65
CA ASN A 25 -9.18 -1.50 -5.83
C ASN A 25 -7.72 -1.92 -5.86
N LEU A 26 -7.44 -3.00 -6.58
CA LEU A 26 -6.08 -3.52 -6.70
C LEU A 26 -5.83 -4.07 -8.10
N GLU A 27 -4.55 -4.22 -8.45
CA GLU A 27 -4.17 -4.75 -9.75
C GLU A 27 -2.89 -5.56 -9.66
N LYS A 28 -2.85 -6.69 -10.36
CA LYS A 28 -1.68 -7.56 -10.36
C LYS A 28 -0.40 -6.75 -10.39
N GLY A 29 0.35 -6.77 -9.29
CA GLY A 29 1.58 -6.02 -9.21
C GLY A 29 1.38 -4.60 -8.75
N ASP A 30 0.73 -4.44 -7.60
CA ASP A 30 0.47 -3.12 -7.04
C ASP A 30 0.89 -3.05 -5.57
N ILE A 31 1.69 -2.05 -5.24
CA ILE A 31 2.16 -1.88 -3.87
C ILE A 31 1.23 -0.98 -3.07
N VAL A 32 0.65 -1.53 -2.01
CA VAL A 32 -0.26 -0.78 -1.15
C VAL A 32 0.36 -0.47 0.19
N ILE A 33 0.25 0.80 0.61
CA ILE A 33 0.81 1.23 1.88
C ILE A 33 -0.04 0.77 3.05
N ILE A 34 0.44 -0.21 3.80
CA ILE A 34 -0.28 -0.75 4.94
C ILE A 34 -0.29 0.26 6.09
N HIS A 35 -1.48 0.62 6.55
CA HIS A 35 -1.63 1.56 7.66
C HIS A 35 -2.13 0.86 8.91
N GLU A 36 -3.19 0.08 8.76
CA GLU A 36 -3.78 -0.65 9.88
C GLU A 36 -4.44 -1.94 9.41
N LYS A 37 -4.23 -3.01 10.18
CA LYS A 37 -4.80 -4.32 9.84
C LYS A 37 -5.44 -4.97 11.07
N LYS A 38 -6.02 -4.14 11.93
CA LYS A 38 -6.67 -4.63 13.14
C LYS A 38 -7.84 -5.55 12.79
N GLU A 39 -8.23 -5.55 11.53
CA GLU A 39 -9.34 -6.39 11.07
C GLU A 39 -8.84 -7.75 10.63
N GLU A 40 -9.74 -8.73 10.61
CA GLU A 40 -9.39 -10.09 10.20
C GLU A 40 -9.53 -10.27 8.70
N GLY A 41 -8.42 -10.09 7.98
CA GLY A 41 -8.44 -10.24 6.54
C GLY A 41 -8.56 -8.91 5.83
N TRP A 42 -9.34 -7.99 6.40
CA TRP A 42 -9.54 -6.67 5.81
C TRP A 42 -8.41 -5.73 6.21
N TRP A 43 -7.54 -5.42 5.25
CA TRP A 43 -6.42 -4.53 5.50
C TRP A 43 -6.75 -3.10 5.08
N PHE A 44 -6.19 -2.13 5.80
CA PHE A 44 -6.43 -0.73 5.51
C PHE A 44 -5.14 -0.04 5.05
N GLY A 45 -5.21 0.62 3.89
CA GLY A 45 -4.05 1.32 3.37
C GLY A 45 -4.34 2.01 2.05
N SER A 46 -3.36 2.77 1.55
CA SER A 46 -3.51 3.48 0.30
C SER A 46 -2.62 2.88 -0.78
N LEU A 47 -3.19 2.64 -1.95
CA LEU A 47 -2.44 2.06 -3.07
C LEU A 47 -1.71 3.15 -3.85
N ASN A 48 -2.46 3.92 -4.64
CA ASN A 48 -1.87 5.00 -5.43
C ASN A 48 -2.42 6.35 -5.00
N GLY A 49 -2.59 6.52 -3.69
CA GLY A 49 -3.10 7.78 -3.17
C GLY A 49 -4.53 7.66 -2.68
N LYS A 50 -5.11 6.46 -2.83
CA LYS A 50 -6.48 6.22 -2.39
C LYS A 50 -6.52 5.19 -1.27
N LYS A 51 -7.05 5.58 -0.12
CA LYS A 51 -7.15 4.68 1.03
C LYS A 51 -8.48 3.93 1.01
N GLY A 52 -8.48 2.74 1.61
CA GLY A 52 -9.69 1.94 1.65
C GLY A 52 -9.45 0.55 2.19
N HIS A 53 -10.52 -0.22 2.35
CA HIS A 53 -10.42 -1.58 2.86
C HIS A 53 -10.22 -2.58 1.71
N PHE A 54 -9.13 -3.33 1.77
CA PHE A 54 -8.83 -4.32 0.74
C PHE A 54 -8.54 -5.68 1.36
N PRO A 55 -8.77 -6.75 0.58
CA PRO A 55 -8.54 -8.13 1.04
C PRO A 55 -7.06 -8.45 1.20
N ALA A 56 -6.71 -8.99 2.36
CA ALA A 56 -5.32 -9.34 2.64
C ALA A 56 -4.86 -10.49 1.75
N ALA A 57 -5.68 -11.53 1.66
CA ALA A 57 -5.35 -12.70 0.85
C ALA A 57 -4.95 -12.28 -0.56
N TYR A 58 -5.28 -11.06 -0.94
CA TYR A 58 -4.95 -10.54 -2.26
C TYR A 58 -3.57 -9.91 -2.26
N VAL A 59 -3.19 -9.29 -1.15
CA VAL A 59 -1.89 -8.65 -1.03
C VAL A 59 -1.02 -9.38 -0.01
N GLU A 60 0.25 -9.56 -0.36
CA GLU A 60 1.19 -10.24 0.52
C GLU A 60 2.21 -9.26 1.08
N GLU A 61 2.35 -9.25 2.41
CA GLU A 61 3.29 -8.35 3.07
C GLU A 61 4.70 -8.54 2.52
N LEU A 62 5.40 -7.43 2.29
CA LEU A 62 6.76 -7.48 1.77
C LEU A 62 7.71 -6.68 2.66
N PRO A 63 8.99 -7.09 2.67
CA PRO A 63 10.03 -6.44 3.46
C PRO A 63 10.37 -5.05 2.94
N SER A 64 11.27 -4.36 3.64
CA SER A 64 11.68 -3.01 3.24
C SER A 64 12.11 -2.98 1.78
N ASN A 65 11.30 -2.35 0.95
CA ASN A 65 11.59 -2.24 -0.48
C ASN A 65 12.75 -1.27 -0.72
N ALA A 66 12.55 -0.03 -0.33
CA ALA A 66 13.58 1.00 -0.50
C ALA A 66 14.35 1.22 0.78
N GLY A 67 13.66 1.70 1.82
CA GLY A 67 14.31 1.95 3.09
C GLY A 67 15.67 2.60 2.94
N ASN A 68 15.72 3.65 2.12
CA ASN A 68 16.97 4.37 1.88
C ASN A 68 17.66 4.71 3.19
N THR A 69 18.84 5.33 3.10
CA THR A 69 19.60 5.71 4.28
C THR A 69 19.53 7.22 4.52
N ALA A 70 19.71 7.99 3.46
CA ALA A 70 19.66 9.44 3.55
C ALA A 70 18.27 9.92 3.97
N THR A 71 17.27 9.56 3.18
CA THR A 71 15.90 9.96 3.47
C THR A 71 15.83 11.39 4.00
N LYS A 72 16.62 12.27 3.38
CA LYS A 72 16.65 13.68 3.79
C LYS A 72 15.26 14.30 3.71
N ALA A 73 14.75 14.73 4.86
CA ALA A 73 13.42 15.35 4.92
C ALA A 73 13.51 16.85 4.67
N SER A 74 12.78 17.32 3.67
CA SER A 74 12.77 18.74 3.33
C SER A 74 12.32 19.58 4.51
N GLY A 75 11.06 19.39 4.93
CA GLY A 75 10.53 20.15 6.05
C GLY A 75 9.06 20.49 5.86
N PRO A 76 8.18 19.54 6.17
CA PRO A 76 6.73 19.72 6.06
C PRO A 76 6.18 20.71 7.08
N SER A 77 6.98 21.00 8.10
CA SER A 77 6.58 21.93 9.15
C SER A 77 7.77 22.33 10.01
N SER A 78 8.01 23.64 10.11
CA SER A 78 9.12 24.15 10.90
C SER A 78 8.82 25.56 11.40
N GLY A 79 9.45 25.93 12.51
CA GLY A 79 9.24 27.25 13.08
C GLY A 79 10.48 28.12 13.02
N GLY A 1 18.14 11.92 8.45
CA GLY A 1 16.93 12.10 9.23
C GLY A 1 16.00 10.90 9.15
N SER A 2 15.21 10.85 8.09
CA SER A 2 14.26 9.75 7.91
C SER A 2 14.26 9.27 6.47
N SER A 3 14.37 7.95 6.29
CA SER A 3 14.39 7.36 4.96
C SER A 3 13.33 6.28 4.82
N GLY A 4 12.43 6.45 3.85
CA GLY A 4 11.36 5.49 3.64
C GLY A 4 10.02 5.97 4.14
N SER A 5 8.97 5.21 3.87
CA SER A 5 7.63 5.57 4.30
C SER A 5 7.27 4.91 5.62
N SER A 6 6.48 5.60 6.43
CA SER A 6 6.08 5.08 7.73
C SER A 6 4.89 4.14 7.58
N GLY A 7 5.16 2.84 7.61
CA GLY A 7 4.11 1.85 7.48
C GLY A 7 4.55 0.63 6.71
N ARG A 8 3.89 -0.51 6.98
CA ARG A 8 4.22 -1.76 6.30
C ARG A 8 3.82 -1.71 4.83
N LEU A 9 4.46 -2.53 4.02
CA LEU A 9 4.16 -2.58 2.59
C LEU A 9 3.66 -3.97 2.19
N CYS A 10 3.13 -4.06 0.98
CA CYS A 10 2.61 -5.33 0.47
C CYS A 10 2.28 -5.23 -1.02
N LYS A 11 2.37 -6.36 -1.71
CA LYS A 11 2.07 -6.40 -3.14
C LYS A 11 0.74 -7.10 -3.40
N ALA A 12 -0.02 -6.56 -4.35
CA ALA A 12 -1.32 -7.13 -4.70
C ALA A 12 -1.15 -8.31 -5.66
N LEU A 13 -1.20 -9.51 -5.11
CA LEU A 13 -1.06 -10.72 -5.91
C LEU A 13 -2.20 -10.85 -6.91
N TYR A 14 -3.41 -10.58 -6.45
CA TYR A 14 -4.60 -10.67 -7.30
C TYR A 14 -5.31 -9.32 -7.36
N SER A 15 -5.75 -8.95 -8.56
CA SER A 15 -6.44 -7.68 -8.76
C SER A 15 -7.81 -7.71 -8.08
N PHE A 16 -8.08 -6.67 -7.30
CA PHE A 16 -9.35 -6.57 -6.58
C PHE A 16 -10.21 -5.44 -7.17
N GLN A 17 -11.52 -5.66 -7.18
CA GLN A 17 -12.45 -4.67 -7.71
C GLN A 17 -13.36 -4.14 -6.61
N ALA A 18 -12.93 -3.05 -5.97
CA ALA A 18 -13.71 -2.43 -4.90
C ALA A 18 -15.15 -2.19 -5.33
N ARG A 19 -16.06 -2.98 -4.78
CA ARG A 19 -17.48 -2.85 -5.11
C ARG A 19 -18.01 -1.48 -4.71
N GLN A 20 -17.49 -0.94 -3.61
CA GLN A 20 -17.90 0.36 -3.13
C GLN A 20 -16.71 1.18 -2.65
N ASP A 21 -16.90 2.49 -2.55
CA ASP A 21 -15.83 3.38 -2.10
C ASP A 21 -15.15 2.83 -0.85
N ASP A 22 -15.95 2.27 0.06
CA ASP A 22 -15.43 1.71 1.29
C ASP A 22 -14.26 0.77 1.01
N GLU A 23 -14.36 0.01 -0.07
CA GLU A 23 -13.31 -0.94 -0.44
C GLU A 23 -12.23 -0.24 -1.27
N LEU A 24 -11.11 -0.92 -1.46
CA LEU A 24 -9.99 -0.36 -2.23
C LEU A 24 -9.65 -1.28 -3.40
N ASN A 25 -9.54 -0.68 -4.58
CA ASN A 25 -9.20 -1.45 -5.79
C ASN A 25 -7.72 -1.80 -5.81
N LEU A 26 -7.40 -2.97 -6.35
CA LEU A 26 -6.02 -3.43 -6.43
C LEU A 26 -5.70 -3.97 -7.82
N GLU A 27 -4.41 -4.10 -8.12
CA GLU A 27 -3.98 -4.60 -9.42
C GLU A 27 -2.78 -5.54 -9.27
N LYS A 28 -2.79 -6.63 -10.03
CA LYS A 28 -1.71 -7.60 -9.98
C LYS A 28 -0.35 -6.90 -10.07
N GLY A 29 0.37 -6.87 -8.95
CA GLY A 29 1.67 -6.23 -8.93
C GLY A 29 1.60 -4.78 -8.49
N ASP A 30 0.67 -4.49 -7.58
CA ASP A 30 0.50 -3.13 -7.08
C ASP A 30 0.92 -3.04 -5.61
N ILE A 31 1.81 -2.11 -5.31
CA ILE A 31 2.29 -1.92 -3.95
C ILE A 31 1.37 -0.98 -3.17
N VAL A 32 0.83 -1.48 -2.07
CA VAL A 32 -0.07 -0.69 -1.22
C VAL A 32 0.57 -0.39 0.12
N ILE A 33 0.30 0.81 0.64
CA ILE A 33 0.85 1.23 1.93
C ILE A 33 -0.03 0.75 3.09
N ILE A 34 0.46 -0.25 3.81
CA ILE A 34 -0.28 -0.80 4.95
C ILE A 34 -0.37 0.22 6.09
N HIS A 35 -1.59 0.56 6.49
CA HIS A 35 -1.81 1.50 7.57
C HIS A 35 -2.31 0.79 8.83
N GLU A 36 -3.33 -0.04 8.66
CA GLU A 36 -3.91 -0.78 9.78
C GLU A 36 -4.50 -2.11 9.30
N LYS A 37 -4.27 -3.16 10.09
CA LYS A 37 -4.78 -4.49 9.76
C LYS A 37 -5.48 -5.12 10.96
N LYS A 38 -5.74 -4.30 11.97
CA LYS A 38 -6.42 -4.78 13.17
C LYS A 38 -7.55 -5.74 12.83
N GLU A 39 -8.14 -5.55 11.65
CA GLU A 39 -9.24 -6.39 11.21
C GLU A 39 -8.72 -7.78 10.80
N GLU A 40 -9.62 -8.76 10.79
CA GLU A 40 -9.26 -10.12 10.41
C GLU A 40 -9.29 -10.29 8.90
N GLY A 41 -8.13 -10.18 8.27
CA GLY A 41 -8.03 -10.33 6.83
C GLY A 41 -8.17 -9.01 6.09
N TRP A 42 -9.10 -8.17 6.57
CA TRP A 42 -9.32 -6.87 5.95
C TRP A 42 -8.22 -5.88 6.33
N TRP A 43 -7.45 -5.45 5.34
CA TRP A 43 -6.37 -4.50 5.58
C TRP A 43 -6.75 -3.10 5.13
N PHE A 44 -6.20 -2.10 5.79
CA PHE A 44 -6.49 -0.71 5.45
C PHE A 44 -5.22 0.04 5.06
N GLY A 45 -5.21 0.59 3.85
CA GLY A 45 -4.05 1.32 3.38
C GLY A 45 -4.32 2.05 2.08
N SER A 46 -3.31 2.76 1.59
CA SER A 46 -3.45 3.52 0.34
C SER A 46 -2.62 2.89 -0.77
N LEU A 47 -3.29 2.46 -1.83
CA LEU A 47 -2.61 1.84 -2.97
C LEU A 47 -1.81 2.87 -3.75
N ASN A 48 -2.51 3.69 -4.53
CA ASN A 48 -1.86 4.72 -5.33
C ASN A 48 -2.37 6.10 -4.96
N GLY A 49 -2.40 6.39 -3.65
CA GLY A 49 -2.87 7.68 -3.19
C GLY A 49 -4.32 7.64 -2.71
N LYS A 50 -4.91 6.45 -2.75
CA LYS A 50 -6.29 6.27 -2.33
C LYS A 50 -6.39 5.20 -1.24
N LYS A 51 -6.91 5.59 -0.09
CA LYS A 51 -7.07 4.67 1.02
C LYS A 51 -8.41 3.92 0.94
N GLY A 52 -8.46 2.75 1.55
CA GLY A 52 -9.68 1.96 1.53
C GLY A 52 -9.50 0.59 2.15
N HIS A 53 -10.57 -0.18 2.20
CA HIS A 53 -10.53 -1.52 2.77
C HIS A 53 -10.36 -2.57 1.68
N PHE A 54 -9.23 -3.27 1.70
CA PHE A 54 -8.94 -4.30 0.72
C PHE A 54 -8.63 -5.63 1.39
N PRO A 55 -8.92 -6.73 0.68
CA PRO A 55 -8.68 -8.09 1.19
C PRO A 55 -7.20 -8.42 1.29
N ALA A 56 -6.80 -9.00 2.41
CA ALA A 56 -5.41 -9.38 2.63
C ALA A 56 -5.01 -10.55 1.73
N ALA A 57 -5.80 -11.61 1.75
CA ALA A 57 -5.53 -12.79 0.95
C ALA A 57 -5.10 -12.40 -0.46
N TYR A 58 -5.49 -11.20 -0.88
CA TYR A 58 -5.14 -10.71 -2.21
C TYR A 58 -3.73 -10.13 -2.23
N VAL A 59 -3.36 -9.45 -1.15
CA VAL A 59 -2.03 -8.85 -1.04
C VAL A 59 -1.13 -9.67 -0.12
N GLU A 60 0.18 -9.54 -0.32
CA GLU A 60 1.14 -10.28 0.49
C GLU A 60 2.20 -9.34 1.06
N GLU A 61 2.34 -9.34 2.38
CA GLU A 61 3.32 -8.49 3.05
C GLU A 61 4.71 -8.68 2.44
N LEU A 62 5.40 -7.56 2.19
CA LEU A 62 6.73 -7.61 1.62
C LEU A 62 7.71 -6.80 2.47
N PRO A 63 9.00 -7.20 2.42
CA PRO A 63 10.06 -6.52 3.18
C PRO A 63 10.37 -5.14 2.63
N SER A 64 10.59 -5.05 1.32
CA SER A 64 10.90 -3.79 0.68
C SER A 64 10.75 -3.90 -0.84
N ASN A 65 10.76 -2.76 -1.51
CA ASN A 65 10.64 -2.73 -2.96
C ASN A 65 11.83 -2.03 -3.61
N ALA A 66 12.46 -2.70 -4.56
CA ALA A 66 13.62 -2.14 -5.25
C ALA A 66 13.88 -2.88 -6.57
N GLY A 67 13.63 -2.19 -7.67
CA GLY A 67 13.84 -2.80 -8.98
C GLY A 67 12.98 -2.17 -10.06
N ASN A 68 13.41 -1.01 -10.55
CA ASN A 68 12.67 -0.30 -11.58
C ASN A 68 13.44 0.93 -12.06
N THR A 69 13.44 1.15 -13.37
CA THR A 69 14.14 2.29 -13.96
C THR A 69 13.27 3.54 -13.92
N ALA A 70 12.71 3.84 -12.75
CA ALA A 70 11.86 5.01 -12.60
C ALA A 70 11.67 5.35 -11.12
N THR A 71 12.15 6.52 -10.72
CA THR A 71 12.04 6.97 -9.33
C THR A 71 10.58 7.13 -8.93
N LYS A 72 10.34 7.32 -7.63
CA LYS A 72 9.00 7.50 -7.12
C LYS A 72 8.83 8.86 -6.46
N ALA A 73 9.67 9.81 -6.86
CA ALA A 73 9.62 11.16 -6.31
C ALA A 73 10.12 12.19 -7.32
N SER A 74 9.19 12.99 -7.83
CA SER A 74 9.53 14.01 -8.81
C SER A 74 8.70 15.28 -8.60
N GLY A 75 8.94 16.28 -9.43
CA GLY A 75 8.21 17.54 -9.31
C GLY A 75 8.97 18.71 -9.87
N PRO A 76 8.49 19.93 -9.59
CA PRO A 76 9.12 21.17 -10.06
C PRO A 76 10.45 21.43 -9.38
N SER A 77 11.54 21.05 -10.04
CA SER A 77 12.88 21.25 -9.49
C SER A 77 12.99 20.66 -8.09
N SER A 78 12.44 19.46 -7.92
CA SER A 78 12.47 18.78 -6.63
C SER A 78 13.67 17.85 -6.54
N GLY A 79 14.12 17.60 -5.31
CA GLY A 79 15.27 16.72 -5.10
C GLY A 79 16.00 17.03 -3.82
N GLY A 1 11.78 19.40 8.86
CA GLY A 1 11.71 17.99 9.16
C GLY A 1 10.87 17.21 8.16
N SER A 2 11.09 15.91 8.07
CA SER A 2 10.35 15.07 7.14
C SER A 2 9.03 14.62 7.77
N SER A 3 7.98 14.60 6.96
CA SER A 3 6.66 14.18 7.42
C SER A 3 5.85 13.55 6.30
N GLY A 4 5.64 12.25 6.38
CA GLY A 4 4.89 11.54 5.36
C GLY A 4 3.92 10.54 5.94
N SER A 5 4.32 9.27 5.97
CA SER A 5 3.49 8.20 6.51
C SER A 5 4.31 6.95 6.80
N SER A 6 4.18 6.44 8.02
CA SER A 6 4.92 5.26 8.44
C SER A 6 4.01 4.03 8.44
N GLY A 7 4.26 3.10 7.53
CA GLY A 7 3.46 1.89 7.45
C GLY A 7 4.15 0.79 6.67
N ARG A 8 3.62 -0.42 6.78
CA ARG A 8 4.19 -1.57 6.08
C ARG A 8 3.77 -1.57 4.61
N LEU A 9 4.46 -2.36 3.81
CA LEU A 9 4.15 -2.46 2.38
C LEU A 9 3.75 -3.88 2.00
N CYS A 10 3.12 -4.03 0.85
CA CYS A 10 2.69 -5.34 0.36
C CYS A 10 2.46 -5.32 -1.14
N LYS A 11 2.35 -6.51 -1.73
CA LYS A 11 2.13 -6.63 -3.17
C LYS A 11 0.80 -7.32 -3.45
N ALA A 12 0.06 -6.80 -4.42
CA ALA A 12 -1.23 -7.36 -4.81
C ALA A 12 -1.06 -8.55 -5.75
N LEU A 13 -1.13 -9.75 -5.20
CA LEU A 13 -0.98 -10.97 -6.00
C LEU A 13 -2.13 -11.11 -7.00
N TYR A 14 -3.32 -10.72 -6.57
CA TYR A 14 -4.50 -10.79 -7.44
C TYR A 14 -5.23 -9.46 -7.50
N SER A 15 -5.60 -9.05 -8.70
CA SER A 15 -6.30 -7.79 -8.89
C SER A 15 -7.68 -7.82 -8.24
N PHE A 16 -7.93 -6.86 -7.35
CA PHE A 16 -9.21 -6.79 -6.65
C PHE A 16 -10.12 -5.77 -7.32
N GLN A 17 -11.42 -5.91 -7.06
CA GLN A 17 -12.41 -5.00 -7.64
C GLN A 17 -13.23 -4.32 -6.55
N ALA A 18 -12.80 -3.13 -6.13
CA ALA A 18 -13.50 -2.38 -5.10
C ALA A 18 -14.91 -2.01 -5.55
N ARG A 19 -15.91 -2.67 -4.96
CA ARG A 19 -17.30 -2.40 -5.29
C ARG A 19 -17.64 -0.92 -5.11
N GLN A 20 -17.23 -0.38 -3.96
CA GLN A 20 -17.49 1.03 -3.66
C GLN A 20 -16.25 1.70 -3.09
N ASP A 21 -16.34 3.00 -2.85
CA ASP A 21 -15.23 3.76 -2.30
C ASP A 21 -14.67 3.09 -1.04
N ASP A 22 -15.57 2.72 -0.14
CA ASP A 22 -15.18 2.07 1.11
C ASP A 22 -14.03 1.10 0.87
N GLU A 23 -14.16 0.28 -0.17
CA GLU A 23 -13.12 -0.69 -0.50
C GLU A 23 -12.01 -0.05 -1.33
N LEU A 24 -10.90 -0.77 -1.47
CA LEU A 24 -9.77 -0.27 -2.24
C LEU A 24 -9.45 -1.21 -3.41
N ASN A 25 -9.42 -0.64 -4.61
CA ASN A 25 -9.13 -1.43 -5.81
C ASN A 25 -7.65 -1.80 -5.87
N LEU A 26 -7.37 -3.03 -6.28
CA LEU A 26 -6.00 -3.51 -6.38
C LEU A 26 -5.75 -4.15 -7.74
N GLU A 27 -4.48 -4.20 -8.14
CA GLU A 27 -4.10 -4.80 -9.43
C GLU A 27 -2.90 -5.73 -9.27
N LYS A 28 -2.67 -6.55 -10.28
CA LYS A 28 -1.55 -7.49 -10.25
C LYS A 28 -0.22 -6.75 -10.27
N GLY A 29 0.44 -6.70 -9.12
CA GLY A 29 1.73 -6.02 -9.03
C GLY A 29 1.60 -4.60 -8.51
N ASP A 30 0.60 -4.37 -7.66
CA ASP A 30 0.37 -3.06 -7.09
C ASP A 30 0.79 -3.01 -5.62
N ILE A 31 1.66 -2.06 -5.29
CA ILE A 31 2.14 -1.91 -3.92
C ILE A 31 1.21 -1.01 -3.11
N VAL A 32 0.66 -1.56 -2.04
CA VAL A 32 -0.24 -0.82 -1.16
C VAL A 32 0.47 -0.41 0.13
N ILE A 33 0.11 0.75 0.65
CA ILE A 33 0.69 1.26 1.89
C ILE A 33 -0.10 0.79 3.10
N ILE A 34 0.33 -0.32 3.67
CA ILE A 34 -0.33 -0.89 4.85
C ILE A 34 -0.38 0.13 5.99
N HIS A 35 -1.59 0.47 6.42
CA HIS A 35 -1.78 1.43 7.50
C HIS A 35 -2.26 0.74 8.76
N GLU A 36 -3.36 -0.02 8.63
CA GLU A 36 -3.92 -0.75 9.77
C GLU A 36 -4.57 -2.04 9.31
N LYS A 37 -4.46 -3.08 10.15
CA LYS A 37 -5.04 -4.38 9.83
C LYS A 37 -5.78 -4.95 11.04
N LYS A 38 -6.18 -4.07 11.95
CA LYS A 38 -6.90 -4.48 13.15
C LYS A 38 -8.04 -5.44 12.80
N GLU A 39 -8.49 -5.38 11.55
CA GLU A 39 -9.57 -6.24 11.09
C GLU A 39 -9.03 -7.58 10.60
N GLU A 40 -9.82 -8.64 10.77
CA GLU A 40 -9.42 -9.97 10.36
C GLU A 40 -9.53 -10.12 8.83
N GLY A 41 -8.38 -10.08 8.17
CA GLY A 41 -8.36 -10.20 6.72
C GLY A 41 -8.49 -8.87 6.02
N TRP A 42 -9.41 -8.04 6.49
CA TRP A 42 -9.63 -6.72 5.89
C TRP A 42 -8.49 -5.78 6.23
N TRP A 43 -7.63 -5.51 5.25
CA TRP A 43 -6.50 -4.62 5.44
C TRP A 43 -6.84 -3.19 5.03
N PHE A 44 -6.21 -2.23 5.67
CA PHE A 44 -6.46 -0.82 5.37
C PHE A 44 -5.16 -0.11 4.99
N GLY A 45 -5.18 0.60 3.86
CA GLY A 45 -3.99 1.31 3.42
C GLY A 45 -4.25 2.10 2.14
N SER A 46 -3.23 2.84 1.70
CA SER A 46 -3.36 3.65 0.49
C SER A 46 -2.47 3.09 -0.62
N LEU A 47 -3.09 2.77 -1.75
CA LEU A 47 -2.37 2.23 -2.89
C LEU A 47 -1.62 3.33 -3.63
N ASN A 48 -2.35 4.13 -4.39
CA ASN A 48 -1.75 5.23 -5.14
C ASN A 48 -2.34 6.57 -4.73
N GLY A 49 -2.43 6.78 -3.41
CA GLY A 49 -2.97 8.03 -2.90
C GLY A 49 -4.41 7.89 -2.46
N LYS A 50 -4.94 6.68 -2.52
CA LYS A 50 -6.32 6.41 -2.13
C LYS A 50 -6.38 5.34 -1.04
N LYS A 51 -6.90 5.73 0.13
CA LYS A 51 -7.02 4.81 1.25
C LYS A 51 -8.36 4.06 1.20
N GLY A 52 -8.35 2.82 1.69
CA GLY A 52 -9.57 2.03 1.69
C GLY A 52 -9.35 0.65 2.29
N HIS A 53 -10.41 -0.16 2.30
CA HIS A 53 -10.33 -1.51 2.84
C HIS A 53 -10.19 -2.54 1.73
N PHE A 54 -9.11 -3.33 1.80
CA PHE A 54 -8.85 -4.35 0.80
C PHE A 54 -8.54 -5.70 1.46
N PRO A 55 -8.80 -6.79 0.73
CA PRO A 55 -8.55 -8.15 1.22
C PRO A 55 -7.07 -8.46 1.34
N ALA A 56 -6.69 -9.12 2.43
CA ALA A 56 -5.30 -9.49 2.65
C ALA A 56 -4.86 -10.61 1.72
N ALA A 57 -5.55 -11.74 1.80
CA ALA A 57 -5.24 -12.89 0.94
C ALA A 57 -4.83 -12.44 -0.45
N TYR A 58 -5.41 -11.33 -0.91
CA TYR A 58 -5.11 -10.81 -2.23
C TYR A 58 -3.70 -10.23 -2.28
N VAL A 59 -3.33 -9.49 -1.23
CA VAL A 59 -2.01 -8.88 -1.15
C VAL A 59 -1.09 -9.69 -0.23
N GLU A 60 0.22 -9.45 -0.37
CA GLU A 60 1.20 -10.15 0.44
C GLU A 60 2.19 -9.17 1.07
N GLU A 61 2.35 -9.25 2.39
CA GLU A 61 3.26 -8.37 3.11
C GLU A 61 4.70 -8.59 2.64
N LEU A 62 5.40 -7.49 2.39
CA LEU A 62 6.79 -7.56 1.94
C LEU A 62 7.73 -6.93 2.97
N PRO A 63 8.98 -7.44 3.02
CA PRO A 63 9.99 -6.94 3.96
C PRO A 63 10.46 -5.54 3.60
N SER A 64 9.78 -4.54 4.14
CA SER A 64 10.13 -3.14 3.89
C SER A 64 10.61 -2.97 2.45
N ASN A 65 9.89 -3.56 1.51
CA ASN A 65 10.24 -3.47 0.09
C ASN A 65 10.31 -2.01 -0.35
N ALA A 66 10.94 -1.79 -1.50
CA ALA A 66 11.06 -0.44 -2.05
C ALA A 66 10.39 -0.33 -3.41
N GLY A 67 9.83 0.85 -3.69
CA GLY A 67 9.16 1.06 -4.96
C GLY A 67 9.55 2.38 -5.60
N ASN A 68 8.73 3.41 -5.38
CA ASN A 68 8.99 4.73 -5.95
C ASN A 68 8.02 5.76 -5.38
N THR A 69 8.56 6.83 -4.82
CA THR A 69 7.74 7.89 -4.24
C THR A 69 8.49 9.22 -4.24
N ALA A 70 7.80 10.29 -4.62
CA ALA A 70 8.41 11.61 -4.65
C ALA A 70 7.33 12.70 -4.78
N THR A 71 7.70 13.93 -4.43
CA THR A 71 6.77 15.05 -4.50
C THR A 71 6.87 15.75 -5.86
N LYS A 72 5.73 16.18 -6.38
CA LYS A 72 5.68 16.88 -7.66
C LYS A 72 4.57 17.91 -7.69
N ALA A 73 4.55 18.73 -8.74
CA ALA A 73 3.53 19.77 -8.87
C ALA A 73 2.13 19.17 -8.82
N SER A 74 1.30 19.70 -7.93
CA SER A 74 -0.07 19.21 -7.78
C SER A 74 -0.96 19.72 -8.90
N GLY A 75 -1.01 21.05 -9.04
CA GLY A 75 -1.83 21.65 -10.08
C GLY A 75 -1.16 22.85 -10.73
N PRO A 76 -1.50 23.10 -12.00
CA PRO A 76 -0.93 24.21 -12.77
C PRO A 76 -1.42 25.57 -12.27
N SER A 77 -2.65 25.59 -11.75
CA SER A 77 -3.24 26.82 -11.25
C SER A 77 -4.44 26.52 -10.34
N SER A 78 -5.00 27.56 -9.75
CA SER A 78 -6.14 27.41 -8.86
C SER A 78 -7.45 27.76 -9.59
N GLY A 79 -8.45 26.91 -9.42
CA GLY A 79 -9.73 27.13 -10.06
C GLY A 79 -10.55 28.20 -9.37
N GLY A 1 8.81 10.51 -2.15
CA GLY A 1 9.88 11.11 -1.39
C GLY A 1 9.80 10.83 0.08
N SER A 2 10.26 9.65 0.50
CA SER A 2 10.22 9.26 1.90
C SER A 2 8.81 9.36 2.45
N SER A 3 7.84 8.89 1.67
CA SER A 3 6.44 8.93 2.08
C SER A 3 5.94 7.54 2.48
N GLY A 4 5.07 7.49 3.47
CA GLY A 4 4.53 6.22 3.93
C GLY A 4 5.36 5.60 5.03
N SER A 5 5.79 6.42 5.97
CA SER A 5 6.61 5.95 7.09
C SER A 5 5.73 5.33 8.18
N SER A 6 6.34 4.53 9.03
CA SER A 6 5.62 3.86 10.11
C SER A 6 4.47 3.03 9.57
N GLY A 7 4.72 2.32 8.47
CA GLY A 7 3.70 1.49 7.86
C GLY A 7 4.28 0.34 7.07
N ARG A 8 3.59 -0.79 7.08
CA ARG A 8 4.04 -1.98 6.37
C ARG A 8 3.67 -1.90 4.88
N LEU A 9 4.34 -2.70 4.07
CA LEU A 9 4.09 -2.70 2.63
C LEU A 9 3.64 -4.10 2.17
N CYS A 10 3.08 -4.15 0.97
CA CYS A 10 2.61 -5.43 0.41
C CYS A 10 2.36 -5.29 -1.09
N LYS A 11 2.29 -6.44 -1.76
CA LYS A 11 2.07 -6.47 -3.21
C LYS A 11 0.78 -7.22 -3.54
N ALA A 12 -0.07 -6.60 -4.35
CA ALA A 12 -1.32 -7.21 -4.76
C ALA A 12 -1.09 -8.35 -5.74
N LEU A 13 -1.16 -9.59 -5.24
CA LEU A 13 -0.96 -10.77 -6.08
C LEU A 13 -2.09 -10.93 -7.09
N TYR A 14 -3.32 -10.66 -6.65
CA TYR A 14 -4.48 -10.77 -7.51
C TYR A 14 -5.25 -9.46 -7.57
N SER A 15 -5.64 -9.06 -8.77
CA SER A 15 -6.38 -7.82 -8.96
C SER A 15 -7.73 -7.86 -8.22
N PHE A 16 -7.90 -6.94 -7.27
CA PHE A 16 -9.13 -6.87 -6.50
C PHE A 16 -9.98 -5.69 -6.92
N GLN A 17 -11.29 -5.82 -6.80
CA GLN A 17 -12.21 -4.76 -7.18
C GLN A 17 -12.96 -4.24 -5.96
N ALA A 18 -12.87 -2.93 -5.72
CA ALA A 18 -13.54 -2.31 -4.59
C ALA A 18 -14.98 -1.96 -4.94
N ARG A 19 -15.93 -2.70 -4.35
CA ARG A 19 -17.35 -2.47 -4.60
C ARG A 19 -17.69 -0.99 -4.42
N GLN A 20 -17.14 -0.38 -3.38
CA GLN A 20 -17.40 1.03 -3.10
C GLN A 20 -16.21 1.67 -2.38
N ASP A 21 -16.30 2.97 -2.16
CA ASP A 21 -15.23 3.70 -1.49
C ASP A 21 -14.74 2.93 -0.27
N ASP A 22 -15.67 2.37 0.48
CA ASP A 22 -15.34 1.60 1.68
C ASP A 22 -14.16 0.66 1.41
N GLU A 23 -14.20 -0.01 0.26
CA GLU A 23 -13.14 -0.94 -0.11
C GLU A 23 -12.11 -0.26 -0.99
N LEU A 24 -11.02 -0.97 -1.28
CA LEU A 24 -9.96 -0.43 -2.13
C LEU A 24 -9.65 -1.37 -3.29
N ASN A 25 -9.60 -0.80 -4.49
CA ASN A 25 -9.31 -1.59 -5.69
C ASN A 25 -7.83 -1.90 -5.80
N LEU A 26 -7.50 -3.14 -6.14
CA LEU A 26 -6.12 -3.56 -6.28
C LEU A 26 -5.86 -4.14 -7.67
N GLU A 27 -4.61 -4.08 -8.11
CA GLU A 27 -4.23 -4.59 -9.42
C GLU A 27 -2.97 -5.46 -9.32
N LYS A 28 -2.94 -6.51 -10.13
CA LYS A 28 -1.80 -7.42 -10.14
C LYS A 28 -0.48 -6.66 -10.24
N GLY A 29 0.30 -6.68 -9.16
CA GLY A 29 1.57 -5.98 -9.15
C GLY A 29 1.45 -4.56 -8.65
N ASP A 30 0.60 -4.35 -7.65
CA ASP A 30 0.40 -3.03 -7.08
C ASP A 30 0.80 -3.00 -5.61
N ILE A 31 1.65 -2.05 -5.25
CA ILE A 31 2.12 -1.91 -3.89
C ILE A 31 1.21 -0.99 -3.09
N VAL A 32 0.67 -1.52 -1.99
CA VAL A 32 -0.23 -0.74 -1.14
C VAL A 32 0.44 -0.43 0.20
N ILE A 33 0.23 0.78 0.70
CA ILE A 33 0.80 1.20 1.98
C ILE A 33 -0.06 0.75 3.14
N ILE A 34 0.38 -0.30 3.82
CA ILE A 34 -0.36 -0.84 4.95
C ILE A 34 -0.31 0.12 6.14
N HIS A 35 -1.46 0.61 6.55
CA HIS A 35 -1.56 1.54 7.67
C HIS A 35 -2.03 0.82 8.94
N GLU A 36 -3.08 0.02 8.80
CA GLU A 36 -3.63 -0.73 9.92
C GLU A 36 -4.46 -1.91 9.45
N LYS A 37 -4.57 -2.93 10.29
CA LYS A 37 -5.33 -4.13 9.95
C LYS A 37 -6.30 -4.48 11.07
N LYS A 38 -7.04 -3.50 11.55
CA LYS A 38 -8.01 -3.71 12.62
C LYS A 38 -8.74 -5.03 12.43
N GLU A 39 -9.20 -5.30 11.21
CA GLU A 39 -9.91 -6.53 10.91
C GLU A 39 -8.93 -7.68 10.67
N GLU A 40 -9.48 -8.87 10.47
CA GLU A 40 -8.65 -10.06 10.23
C GLU A 40 -7.92 -9.95 8.90
N GLY A 41 -8.67 -10.01 7.81
CA GLY A 41 -8.07 -9.92 6.49
C GLY A 41 -8.18 -8.52 5.90
N TRP A 42 -9.31 -7.87 6.12
CA TRP A 42 -9.54 -6.52 5.60
C TRP A 42 -8.45 -5.58 6.09
N TRP A 43 -7.49 -5.28 5.23
CA TRP A 43 -6.40 -4.38 5.56
C TRP A 43 -6.72 -2.96 5.14
N PHE A 44 -6.15 -1.99 5.86
CA PHE A 44 -6.38 -0.58 5.56
C PHE A 44 -5.11 0.07 5.02
N GLY A 45 -5.23 0.74 3.87
CA GLY A 45 -4.08 1.40 3.27
C GLY A 45 -4.45 2.16 2.01
N SER A 46 -3.45 2.79 1.41
CA SER A 46 -3.67 3.56 0.19
C SER A 46 -2.80 3.04 -0.95
N LEU A 47 -3.44 2.51 -1.99
CA LEU A 47 -2.72 1.98 -3.14
C LEU A 47 -1.97 3.08 -3.88
N ASN A 48 -2.71 3.89 -4.63
CA ASN A 48 -2.12 4.99 -5.38
C ASN A 48 -2.82 6.31 -5.07
N GLY A 49 -2.84 6.67 -3.80
CA GLY A 49 -3.47 7.91 -3.39
C GLY A 49 -4.90 7.71 -2.92
N LYS A 50 -5.38 6.47 -3.04
CA LYS A 50 -6.74 6.14 -2.63
C LYS A 50 -6.73 5.18 -1.45
N LYS A 51 -7.27 5.63 -0.31
CA LYS A 51 -7.33 4.80 0.89
C LYS A 51 -8.61 3.98 0.93
N GLY A 52 -8.56 2.83 1.58
CA GLY A 52 -9.72 1.97 1.68
C GLY A 52 -9.38 0.61 2.25
N HIS A 53 -10.38 -0.27 2.34
CA HIS A 53 -10.19 -1.61 2.88
C HIS A 53 -10.05 -2.63 1.74
N PHE A 54 -9.02 -3.46 1.84
CA PHE A 54 -8.76 -4.47 0.82
C PHE A 54 -8.46 -5.82 1.47
N PRO A 55 -8.71 -6.91 0.72
CA PRO A 55 -8.46 -8.27 1.20
C PRO A 55 -6.98 -8.58 1.33
N ALA A 56 -6.60 -9.22 2.42
CA ALA A 56 -5.20 -9.59 2.66
C ALA A 56 -4.77 -10.73 1.75
N ALA A 57 -5.61 -11.74 1.63
CA ALA A 57 -5.31 -12.89 0.78
C ALA A 57 -4.92 -12.46 -0.62
N TYR A 58 -5.24 -11.21 -0.95
CA TYR A 58 -4.93 -10.67 -2.27
C TYR A 58 -3.55 -10.02 -2.28
N VAL A 59 -3.21 -9.36 -1.18
CA VAL A 59 -1.91 -8.70 -1.05
C VAL A 59 -0.99 -9.46 -0.11
N GLU A 60 0.27 -9.57 -0.49
CA GLU A 60 1.25 -10.28 0.32
C GLU A 60 2.24 -9.30 0.96
N GLU A 61 2.41 -9.43 2.28
CA GLU A 61 3.31 -8.55 3.01
C GLU A 61 4.74 -8.67 2.47
N LEU A 62 5.38 -7.53 2.27
CA LEU A 62 6.75 -7.50 1.76
C LEU A 62 7.69 -6.86 2.77
N PRO A 63 8.98 -7.26 2.72
CA PRO A 63 10.00 -6.72 3.63
C PRO A 63 10.35 -5.27 3.32
N SER A 64 10.55 -4.98 2.04
CA SER A 64 10.88 -3.63 1.61
C SER A 64 10.63 -3.44 0.12
N ASN A 65 10.52 -2.19 -0.32
CA ASN A 65 10.27 -1.88 -1.72
C ASN A 65 11.58 -1.85 -2.51
N ALA A 66 11.56 -2.41 -3.71
CA ALA A 66 12.73 -2.44 -4.56
C ALA A 66 12.56 -1.54 -5.78
N GLY A 67 13.00 -0.29 -5.66
CA GLY A 67 12.87 0.65 -6.76
C GLY A 67 11.51 0.61 -7.41
N ASN A 68 10.56 1.35 -6.84
CA ASN A 68 9.20 1.40 -7.37
C ASN A 68 8.77 2.84 -7.63
N THR A 69 8.14 3.05 -8.79
CA THR A 69 7.68 4.38 -9.17
C THR A 69 6.72 4.95 -8.13
N ALA A 70 7.12 6.06 -7.51
CA ALA A 70 6.29 6.70 -6.49
C ALA A 70 6.52 8.21 -6.46
N THR A 71 5.48 8.98 -6.75
CA THR A 71 5.59 10.43 -6.74
C THR A 71 4.32 11.07 -6.19
N LYS A 72 4.48 12.23 -5.56
CA LYS A 72 3.35 12.95 -4.98
C LYS A 72 3.62 14.44 -4.95
N ALA A 73 2.65 15.21 -4.42
CA ALA A 73 2.80 16.66 -4.32
C ALA A 73 3.95 17.03 -3.40
N SER A 74 5.04 17.49 -3.98
CA SER A 74 6.21 17.89 -3.20
C SER A 74 5.95 19.17 -2.43
N GLY A 75 6.86 19.51 -1.52
CA GLY A 75 6.71 20.72 -0.73
C GLY A 75 7.73 20.82 0.38
N PRO A 76 8.93 21.31 0.04
CA PRO A 76 10.03 21.47 1.01
C PRO A 76 9.74 22.57 2.02
N SER A 77 10.67 22.75 2.96
CA SER A 77 10.53 23.77 3.99
C SER A 77 9.82 25.00 3.44
N SER A 78 8.60 25.24 3.90
CA SER A 78 7.82 26.39 3.45
C SER A 78 8.23 27.65 4.19
N GLY A 79 8.31 28.76 3.46
CA GLY A 79 8.70 30.03 4.07
C GLY A 79 8.75 31.16 3.06
N GLY A 1 5.66 11.89 8.44
CA GLY A 1 4.95 12.49 7.34
C GLY A 1 4.83 11.56 6.15
N SER A 2 4.94 12.12 4.95
CA SER A 2 4.84 11.34 3.72
C SER A 2 6.23 10.91 3.24
N SER A 3 7.11 11.88 3.07
CA SER A 3 8.46 11.61 2.60
C SER A 3 9.19 10.68 3.57
N GLY A 4 9.07 9.38 3.33
CA GLY A 4 9.72 8.41 4.19
C GLY A 4 8.85 7.18 4.43
N SER A 5 9.50 6.04 4.58
CA SER A 5 8.79 4.78 4.82
C SER A 5 7.67 4.98 5.83
N SER A 6 6.44 4.68 5.42
CA SER A 6 5.28 4.83 6.29
C SER A 6 4.41 3.57 6.25
N GLY A 7 4.29 2.91 7.40
CA GLY A 7 3.48 1.70 7.48
C GLY A 7 4.08 0.56 6.67
N ARG A 8 3.63 -0.65 6.96
CA ARG A 8 4.11 -1.84 6.27
C ARG A 8 3.73 -1.80 4.79
N LEU A 9 4.41 -2.61 3.99
CA LEU A 9 4.14 -2.66 2.55
C LEU A 9 3.64 -4.05 2.15
N CYS A 10 3.12 -4.16 0.94
CA CYS A 10 2.61 -5.43 0.43
C CYS A 10 2.38 -5.35 -1.08
N LYS A 11 2.30 -6.52 -1.71
CA LYS A 11 2.08 -6.59 -3.16
C LYS A 11 0.76 -7.30 -3.46
N ALA A 12 -0.01 -6.73 -4.38
CA ALA A 12 -1.29 -7.31 -4.77
C ALA A 12 -1.08 -8.51 -5.70
N LEU A 13 -1.20 -9.70 -5.13
CA LEU A 13 -1.03 -10.94 -5.90
C LEU A 13 -2.14 -11.08 -6.93
N TYR A 14 -3.32 -10.55 -6.62
CA TYR A 14 -4.47 -10.63 -7.52
C TYR A 14 -5.17 -9.28 -7.60
N SER A 15 -5.71 -8.98 -8.78
CA SER A 15 -6.42 -7.72 -8.99
C SER A 15 -7.79 -7.75 -8.33
N PHE A 16 -8.05 -6.77 -7.47
CA PHE A 16 -9.32 -6.69 -6.77
C PHE A 16 -10.15 -5.52 -7.28
N GLN A 17 -11.41 -5.47 -6.87
CA GLN A 17 -12.32 -4.41 -7.29
C GLN A 17 -13.10 -3.85 -6.11
N ALA A 18 -12.91 -2.57 -5.82
CA ALA A 18 -13.61 -1.92 -4.72
C ALA A 18 -15.09 -1.71 -5.05
N ARG A 19 -15.95 -2.48 -4.39
CA ARG A 19 -17.39 -2.39 -4.61
C ARG A 19 -17.91 -1.03 -4.17
N GLN A 20 -17.38 -0.53 -3.06
CA GLN A 20 -17.80 0.77 -2.52
C GLN A 20 -16.59 1.65 -2.25
N ASP A 21 -16.82 2.96 -2.14
CA ASP A 21 -15.76 3.92 -1.87
C ASP A 21 -14.88 3.43 -0.73
N ASP A 22 -15.51 2.96 0.34
CA ASP A 22 -14.77 2.45 1.50
C ASP A 22 -13.70 1.46 1.08
N GLU A 23 -14.07 0.54 0.21
CA GLU A 23 -13.15 -0.49 -0.28
C GLU A 23 -12.08 0.14 -1.17
N LEU A 24 -10.98 -0.60 -1.38
CA LEU A 24 -9.90 -0.12 -2.21
C LEU A 24 -9.61 -1.10 -3.35
N ASN A 25 -9.52 -0.57 -4.57
CA ASN A 25 -9.25 -1.40 -5.73
C ASN A 25 -7.78 -1.78 -5.80
N LEU A 26 -7.50 -3.00 -6.27
CA LEU A 26 -6.14 -3.49 -6.38
C LEU A 26 -5.87 -4.03 -7.78
N GLU A 27 -4.62 -3.90 -8.23
CA GLU A 27 -4.23 -4.38 -9.55
C GLU A 27 -3.06 -5.34 -9.46
N LYS A 28 -3.03 -6.31 -10.37
CA LYS A 28 -1.96 -7.31 -10.39
C LYS A 28 -0.59 -6.63 -10.29
N GLY A 29 0.12 -6.89 -9.20
CA GLY A 29 1.43 -6.30 -9.00
C GLY A 29 1.36 -4.85 -8.59
N ASP A 30 0.63 -4.57 -7.52
CA ASP A 30 0.49 -3.21 -7.03
C ASP A 30 0.95 -3.09 -5.58
N ILE A 31 1.79 -2.09 -5.30
CA ILE A 31 2.30 -1.89 -3.94
C ILE A 31 1.38 -0.98 -3.15
N VAL A 32 0.80 -1.51 -2.08
CA VAL A 32 -0.09 -0.75 -1.23
C VAL A 32 0.55 -0.45 0.13
N ILE A 33 0.33 0.77 0.62
CA ILE A 33 0.89 1.18 1.91
C ILE A 33 0.00 0.74 3.07
N ILE A 34 0.42 -0.29 3.79
CA ILE A 34 -0.34 -0.80 4.92
C ILE A 34 -0.46 0.25 6.02
N HIS A 35 -1.68 0.71 6.26
CA HIS A 35 -1.93 1.71 7.29
C HIS A 35 -2.43 1.05 8.58
N GLU A 36 -3.47 0.23 8.45
CA GLU A 36 -4.04 -0.46 9.62
C GLU A 36 -4.55 -1.83 9.23
N LYS A 37 -4.32 -2.81 10.09
CA LYS A 37 -4.76 -4.18 9.85
C LYS A 37 -5.44 -4.77 11.08
N LYS A 38 -6.59 -4.22 11.44
CA LYS A 38 -7.35 -4.68 12.60
C LYS A 38 -8.27 -5.84 12.22
N GLU A 39 -9.26 -5.55 11.37
CA GLU A 39 -10.21 -6.57 10.94
C GLU A 39 -9.47 -7.82 10.46
N GLU A 40 -10.21 -8.92 10.35
CA GLU A 40 -9.63 -10.18 9.91
C GLU A 40 -9.60 -10.26 8.38
N GLY A 41 -8.39 -10.28 7.82
CA GLY A 41 -8.25 -10.35 6.37
C GLY A 41 -8.38 -8.99 5.72
N TRP A 42 -9.31 -8.18 6.20
CA TRP A 42 -9.54 -6.86 5.64
C TRP A 42 -8.44 -5.90 6.08
N TRP A 43 -7.52 -5.60 5.17
CA TRP A 43 -6.41 -4.70 5.46
C TRP A 43 -6.76 -3.27 5.05
N PHE A 44 -6.18 -2.29 5.74
CA PHE A 44 -6.43 -0.89 5.44
C PHE A 44 -5.15 -0.20 4.98
N GLY A 45 -5.26 0.59 3.91
CA GLY A 45 -4.10 1.29 3.40
C GLY A 45 -4.40 2.00 2.09
N SER A 46 -3.42 2.74 1.58
CA SER A 46 -3.58 3.48 0.33
C SER A 46 -2.69 2.90 -0.77
N LEU A 47 -3.25 2.74 -1.96
CA LEU A 47 -2.51 2.19 -3.09
C LEU A 47 -1.83 3.31 -3.88
N ASN A 48 -2.62 4.05 -4.66
CA ASN A 48 -2.10 5.15 -5.46
C ASN A 48 -2.70 6.47 -5.02
N GLY A 49 -2.82 6.66 -3.72
CA GLY A 49 -3.38 7.90 -3.19
C GLY A 49 -4.79 7.72 -2.68
N LYS A 50 -5.31 6.49 -2.79
CA LYS A 50 -6.67 6.19 -2.34
C LYS A 50 -6.65 5.17 -1.20
N LYS A 51 -7.16 5.57 -0.04
CA LYS A 51 -7.20 4.69 1.12
C LYS A 51 -8.48 3.86 1.13
N GLY A 52 -8.41 2.68 1.72
CA GLY A 52 -9.58 1.82 1.80
C GLY A 52 -9.25 0.45 2.36
N HIS A 53 -10.28 -0.27 2.79
CA HIS A 53 -10.11 -1.61 3.36
C HIS A 53 -10.03 -2.66 2.26
N PHE A 54 -8.81 -3.02 1.88
CA PHE A 54 -8.61 -4.02 0.84
C PHE A 54 -8.38 -5.40 1.44
N PRO A 55 -8.69 -6.45 0.66
CA PRO A 55 -8.54 -7.84 1.10
C PRO A 55 -7.07 -8.24 1.23
N ALA A 56 -6.73 -8.91 2.34
CA ALA A 56 -5.37 -9.34 2.57
C ALA A 56 -5.01 -10.52 1.68
N ALA A 57 -5.93 -11.48 1.56
CA ALA A 57 -5.71 -12.65 0.73
C ALA A 57 -5.27 -12.26 -0.68
N TYR A 58 -5.51 -11.00 -1.04
CA TYR A 58 -5.16 -10.50 -2.36
C TYR A 58 -3.73 -9.95 -2.36
N VAL A 59 -3.35 -9.29 -1.27
CA VAL A 59 -2.01 -8.73 -1.14
C VAL A 59 -1.13 -9.60 -0.27
N GLU A 60 0.18 -9.36 -0.33
CA GLU A 60 1.14 -10.12 0.46
C GLU A 60 2.19 -9.20 1.07
N GLU A 61 2.28 -9.23 2.40
CA GLU A 61 3.26 -8.40 3.11
C GLU A 61 4.66 -8.60 2.53
N LEU A 62 5.37 -7.49 2.33
CA LEU A 62 6.72 -7.54 1.78
C LEU A 62 7.72 -6.90 2.76
N PRO A 63 8.97 -7.38 2.71
CA PRO A 63 10.05 -6.87 3.57
C PRO A 63 10.47 -5.45 3.20
N SER A 64 11.45 -4.92 3.92
CA SER A 64 11.94 -3.58 3.66
C SER A 64 12.23 -3.38 2.18
N ASN A 65 11.39 -2.58 1.52
CA ASN A 65 11.56 -2.30 0.10
C ASN A 65 12.54 -1.15 -0.12
N ALA A 66 13.81 -1.49 -0.34
CA ALA A 66 14.84 -0.50 -0.57
C ALA A 66 14.92 -0.13 -2.05
N GLY A 67 15.35 1.10 -2.33
CA GLY A 67 15.47 1.56 -3.71
C GLY A 67 16.76 2.32 -3.95
N ASN A 68 16.75 3.61 -3.60
CA ASN A 68 17.91 4.46 -3.79
C ASN A 68 17.76 5.77 -3.02
N THR A 69 18.85 6.53 -2.93
CA THR A 69 18.83 7.80 -2.22
C THR A 69 19.90 8.74 -2.76
N ALA A 70 19.54 10.01 -2.94
CA ALA A 70 20.47 11.00 -3.46
C ALA A 70 20.37 12.31 -2.67
N THR A 71 21.46 13.05 -2.61
CA THR A 71 21.50 14.32 -1.90
C THR A 71 22.06 15.43 -2.77
N LYS A 72 21.38 16.57 -2.77
CA LYS A 72 21.82 17.72 -3.56
C LYS A 72 22.24 18.87 -2.66
N ALA A 73 23.03 19.80 -3.22
CA ALA A 73 23.50 20.95 -2.46
C ALA A 73 22.69 22.20 -2.78
N SER A 74 21.37 22.06 -2.75
CA SER A 74 20.47 23.18 -3.05
C SER A 74 20.13 23.95 -1.79
N GLY A 75 19.93 25.25 -1.94
CA GLY A 75 19.59 26.09 -0.79
C GLY A 75 20.72 27.03 -0.41
N PRO A 76 20.45 27.92 0.55
CA PRO A 76 21.43 28.90 1.03
C PRO A 76 22.56 28.25 1.82
N SER A 77 23.58 29.04 2.16
CA SER A 77 24.73 28.53 2.91
C SER A 77 25.20 27.19 2.35
N SER A 78 25.24 27.11 1.02
CA SER A 78 25.68 25.88 0.36
C SER A 78 27.16 25.95 0.02
N GLY A 79 27.70 24.85 -0.50
CA GLY A 79 29.10 24.80 -0.87
C GLY A 79 29.95 24.13 0.19
N GLY A 1 22.56 2.12 11.13
CA GLY A 1 21.32 1.44 10.81
C GLY A 1 20.13 2.38 10.82
N SER A 2 18.93 1.82 11.01
CA SER A 2 17.71 2.61 11.03
C SER A 2 16.59 1.85 11.72
N SER A 3 15.81 2.56 12.55
CA SER A 3 14.70 1.95 13.28
C SER A 3 13.42 2.75 13.07
N GLY A 4 12.31 2.20 13.56
CA GLY A 4 11.03 2.88 13.42
C GLY A 4 10.33 2.53 12.13
N SER A 5 9.32 1.68 12.22
CA SER A 5 8.56 1.26 11.05
C SER A 5 7.36 2.17 10.81
N SER A 6 7.51 3.10 9.86
CA SER A 6 6.45 4.04 9.54
C SER A 6 5.19 3.31 9.09
N GLY A 7 5.35 2.38 8.15
CA GLY A 7 4.22 1.62 7.66
C GLY A 7 4.64 0.39 6.89
N ARG A 8 3.89 -0.69 7.05
CA ARG A 8 4.20 -1.95 6.37
C ARG A 8 3.83 -1.86 4.88
N LEU A 9 4.42 -2.73 4.08
CA LEU A 9 4.16 -2.75 2.64
C LEU A 9 3.64 -4.11 2.21
N CYS A 10 3.05 -4.17 1.02
CA CYS A 10 2.51 -5.41 0.49
C CYS A 10 2.23 -5.28 -1.01
N LYS A 11 2.31 -6.40 -1.72
CA LYS A 11 2.07 -6.42 -3.15
C LYS A 11 0.75 -7.12 -3.47
N ALA A 12 0.04 -6.60 -4.47
CA ALA A 12 -1.23 -7.17 -4.87
C ALA A 12 -1.03 -8.41 -5.73
N LEU A 13 -1.36 -9.58 -5.18
CA LEU A 13 -1.22 -10.83 -5.90
C LEU A 13 -2.36 -11.04 -6.90
N TYR A 14 -3.50 -10.43 -6.60
CA TYR A 14 -4.67 -10.53 -7.46
C TYR A 14 -5.41 -9.19 -7.56
N SER A 15 -5.76 -8.81 -8.79
CA SER A 15 -6.46 -7.55 -9.01
C SER A 15 -7.83 -7.57 -8.34
N PHE A 16 -8.08 -6.56 -7.51
CA PHE A 16 -9.35 -6.46 -6.79
C PHE A 16 -10.13 -5.24 -7.26
N GLN A 17 -11.45 -5.37 -7.31
CA GLN A 17 -12.32 -4.28 -7.75
C GLN A 17 -13.15 -3.76 -6.59
N ALA A 18 -12.84 -2.56 -6.12
CA ALA A 18 -13.57 -1.95 -5.01
C ALA A 18 -14.93 -1.44 -5.47
N ARG A 19 -15.97 -2.21 -5.18
CA ARG A 19 -17.33 -1.83 -5.56
C ARG A 19 -17.63 -0.39 -5.17
N GLN A 20 -17.31 -0.03 -3.93
CA GLN A 20 -17.53 1.32 -3.43
C GLN A 20 -16.27 1.89 -2.81
N ASP A 21 -16.29 3.19 -2.52
CA ASP A 21 -15.14 3.86 -1.93
C ASP A 21 -14.68 3.13 -0.67
N ASP A 22 -15.65 2.64 0.11
CA ASP A 22 -15.33 1.93 1.34
C ASP A 22 -14.20 0.93 1.13
N GLU A 23 -14.11 0.41 -0.09
CA GLU A 23 -13.07 -0.57 -0.43
C GLU A 23 -11.99 0.08 -1.29
N LEU A 24 -10.89 -0.65 -1.48
CA LEU A 24 -9.78 -0.15 -2.28
C LEU A 24 -9.47 -1.11 -3.43
N ASN A 25 -9.32 -0.55 -4.63
CA ASN A 25 -9.03 -1.36 -5.81
C ASN A 25 -7.54 -1.74 -5.85
N LEU A 26 -7.26 -2.90 -6.43
CA LEU A 26 -5.89 -3.38 -6.52
C LEU A 26 -5.62 -3.98 -7.90
N GLU A 27 -4.40 -3.77 -8.40
CA GLU A 27 -4.02 -4.28 -9.72
C GLU A 27 -2.88 -5.29 -9.58
N LYS A 28 -2.84 -6.25 -10.50
CA LYS A 28 -1.81 -7.27 -10.50
C LYS A 28 -0.44 -6.66 -10.29
N GLY A 29 0.18 -6.97 -9.14
CA GLY A 29 1.49 -6.45 -8.83
C GLY A 29 1.45 -4.96 -8.49
N ASP A 30 0.73 -4.62 -7.44
CA ASP A 30 0.62 -3.23 -7.02
C ASP A 30 0.92 -3.09 -5.53
N ILE A 31 1.85 -2.20 -5.20
CA ILE A 31 2.22 -1.97 -3.81
C ILE A 31 1.22 -1.07 -3.10
N VAL A 32 0.76 -1.49 -1.93
CA VAL A 32 -0.20 -0.72 -1.16
C VAL A 32 0.33 -0.43 0.24
N ILE A 33 0.44 0.86 0.57
CA ILE A 33 0.93 1.27 1.88
C ILE A 33 0.01 0.77 2.99
N ILE A 34 0.53 -0.08 3.85
CA ILE A 34 -0.25 -0.63 4.97
C ILE A 34 -0.36 0.38 6.10
N HIS A 35 -1.59 0.69 6.50
CA HIS A 35 -1.83 1.63 7.57
C HIS A 35 -2.36 0.93 8.82
N GLU A 36 -3.41 0.12 8.63
CA GLU A 36 -3.99 -0.62 9.75
C GLU A 36 -4.55 -1.96 9.27
N LYS A 37 -4.34 -2.99 10.07
CA LYS A 37 -4.82 -4.33 9.73
C LYS A 37 -5.49 -4.99 10.93
N LYS A 38 -5.86 -4.17 11.92
CA LYS A 38 -6.53 -4.67 13.11
C LYS A 38 -7.62 -5.66 12.76
N GLU A 39 -8.28 -5.43 11.63
CA GLU A 39 -9.35 -6.31 11.17
C GLU A 39 -8.81 -7.66 10.73
N GLU A 40 -9.67 -8.68 10.73
CA GLU A 40 -9.27 -10.02 10.34
C GLU A 40 -9.40 -10.21 8.83
N GLY A 41 -8.27 -10.15 8.14
CA GLY A 41 -8.28 -10.31 6.69
C GLY A 41 -8.48 -9.00 5.95
N TRP A 42 -9.26 -8.10 6.55
CA TRP A 42 -9.53 -6.80 5.95
C TRP A 42 -8.43 -5.81 6.28
N TRP A 43 -7.58 -5.53 5.29
CA TRP A 43 -6.48 -4.59 5.48
C TRP A 43 -6.88 -3.18 5.06
N PHE A 44 -6.29 -2.18 5.71
CA PHE A 44 -6.59 -0.79 5.40
C PHE A 44 -5.32 -0.03 5.04
N GLY A 45 -5.25 0.45 3.80
CA GLY A 45 -4.08 1.18 3.35
C GLY A 45 -4.32 1.91 2.04
N SER A 46 -3.27 2.54 1.51
CA SER A 46 -3.38 3.27 0.26
C SER A 46 -2.55 2.60 -0.82
N LEU A 47 -3.13 2.49 -2.02
CA LEU A 47 -2.45 1.87 -3.15
C LEU A 47 -1.66 2.90 -3.94
N ASN A 48 -2.36 3.71 -4.73
CA ASN A 48 -1.72 4.75 -5.53
C ASN A 48 -2.18 6.14 -5.10
N GLY A 49 -2.39 6.31 -3.81
CA GLY A 49 -2.84 7.59 -3.28
C GLY A 49 -4.25 7.55 -2.75
N LYS A 50 -4.88 6.38 -2.85
CA LYS A 50 -6.25 6.21 -2.37
C LYS A 50 -6.32 5.15 -1.28
N LYS A 51 -6.82 5.54 -0.11
CA LYS A 51 -6.94 4.64 1.02
C LYS A 51 -8.29 3.92 1.00
N GLY A 52 -8.34 2.73 1.59
CA GLY A 52 -9.57 1.97 1.64
C GLY A 52 -9.39 0.62 2.27
N HIS A 53 -10.47 -0.16 2.33
CA HIS A 53 -10.42 -1.49 2.92
C HIS A 53 -10.28 -2.57 1.84
N PHE A 54 -9.13 -3.22 1.82
CA PHE A 54 -8.86 -4.27 0.83
C PHE A 54 -8.53 -5.59 1.52
N PRO A 55 -8.81 -6.70 0.84
CA PRO A 55 -8.55 -8.05 1.36
C PRO A 55 -7.06 -8.35 1.45
N ALA A 56 -6.68 -9.04 2.52
CA ALA A 56 -5.27 -9.41 2.72
C ALA A 56 -4.89 -10.60 1.85
N ALA A 57 -5.75 -11.61 1.81
CA ALA A 57 -5.49 -12.80 1.01
C ALA A 57 -5.16 -12.44 -0.43
N TYR A 58 -5.46 -11.20 -0.81
CA TYR A 58 -5.20 -10.72 -2.16
C TYR A 58 -3.79 -10.15 -2.28
N VAL A 59 -3.36 -9.47 -1.22
CA VAL A 59 -2.03 -8.86 -1.20
C VAL A 59 -1.08 -9.68 -0.32
N GLU A 60 0.22 -9.45 -0.50
CA GLU A 60 1.24 -10.15 0.27
C GLU A 60 2.24 -9.18 0.89
N GLU A 61 2.37 -9.24 2.21
CA GLU A 61 3.29 -8.35 2.93
C GLU A 61 4.70 -8.48 2.36
N LEU A 62 5.37 -7.34 2.19
CA LEU A 62 6.73 -7.32 1.67
C LEU A 62 7.64 -6.47 2.55
N PRO A 63 8.94 -6.81 2.56
CA PRO A 63 9.94 -6.09 3.35
C PRO A 63 10.22 -4.70 2.81
N SER A 64 10.86 -3.87 3.61
CA SER A 64 11.20 -2.50 3.20
C SER A 64 11.90 -2.49 1.85
N ASN A 65 11.24 -1.93 0.85
CA ASN A 65 11.80 -1.85 -0.49
C ASN A 65 12.97 -0.87 -0.54
N ALA A 66 12.69 0.37 -0.14
CA ALA A 66 13.72 1.41 -0.13
C ALA A 66 14.17 1.72 1.29
N GLY A 67 13.21 1.98 2.17
CA GLY A 67 13.53 2.29 3.56
C GLY A 67 13.31 3.76 3.88
N ASN A 68 13.80 4.18 5.05
CA ASN A 68 13.65 5.56 5.47
C ASN A 68 14.99 6.14 5.90
N THR A 69 15.90 6.27 4.95
CA THR A 69 17.23 6.82 5.22
C THR A 69 17.34 8.26 4.76
N ALA A 70 16.49 9.12 5.30
CA ALA A 70 16.49 10.54 4.94
C ALA A 70 17.74 11.23 5.46
N THR A 71 18.22 10.79 6.63
CA THR A 71 19.40 11.37 7.23
C THR A 71 20.64 10.52 6.94
N LYS A 72 21.47 11.01 6.01
CA LYS A 72 22.68 10.30 5.63
C LYS A 72 23.39 9.75 6.86
N ALA A 73 24.21 8.72 6.66
CA ALA A 73 24.95 8.11 7.76
C ALA A 73 25.83 9.14 8.46
N SER A 74 25.68 9.22 9.78
CA SER A 74 26.46 10.17 10.58
C SER A 74 27.92 9.74 10.64
N GLY A 75 28.20 8.51 10.25
CA GLY A 75 29.56 8.01 10.27
C GLY A 75 29.65 6.57 9.80
N PRO A 76 30.77 6.24 9.13
CA PRO A 76 31.01 4.89 8.60
C PRO A 76 31.25 3.87 9.71
N SER A 77 32.02 4.28 10.72
CA SER A 77 32.35 3.40 11.83
C SER A 77 31.65 3.88 13.11
N SER A 78 31.28 2.94 13.97
CA SER A 78 30.61 3.25 15.22
C SER A 78 30.41 2.00 16.07
N GLY A 79 30.83 2.06 17.32
CA GLY A 79 30.70 0.93 18.22
C GLY A 79 30.59 1.34 19.67
N GLY A 1 7.83 14.77 -2.24
CA GLY A 1 8.05 13.36 -1.93
C GLY A 1 9.49 13.06 -1.58
N SER A 2 9.71 11.96 -0.88
CA SER A 2 11.05 11.56 -0.47
C SER A 2 11.05 10.14 0.08
N SER A 3 11.79 9.25 -0.60
CA SER A 3 11.87 7.85 -0.19
C SER A 3 11.94 7.75 1.33
N GLY A 4 10.82 7.34 1.94
CA GLY A 4 10.76 7.20 3.38
C GLY A 4 9.34 7.22 3.91
N SER A 5 8.50 6.33 3.39
CA SER A 5 7.10 6.25 3.81
C SER A 5 6.98 5.47 5.12
N SER A 6 5.79 5.50 5.70
CA SER A 6 5.54 4.79 6.95
C SER A 6 4.60 3.62 6.72
N GLY A 7 4.41 2.81 7.77
CA GLY A 7 3.54 1.65 7.67
C GLY A 7 4.17 0.52 6.89
N ARG A 8 3.58 -0.67 6.98
CA ARG A 8 4.10 -1.83 6.28
C ARG A 8 3.70 -1.79 4.80
N LEU A 9 4.40 -2.59 3.99
CA LEU A 9 4.13 -2.64 2.56
C LEU A 9 3.61 -4.01 2.15
N CYS A 10 3.12 -4.13 0.92
CA CYS A 10 2.59 -5.38 0.41
C CYS A 10 2.35 -5.31 -1.09
N LYS A 11 2.30 -6.47 -1.73
CA LYS A 11 2.09 -6.54 -3.17
C LYS A 11 0.78 -7.26 -3.49
N ALA A 12 -0.04 -6.65 -4.34
CA ALA A 12 -1.31 -7.24 -4.73
C ALA A 12 -1.12 -8.41 -5.69
N LEU A 13 -1.34 -9.61 -5.19
CA LEU A 13 -1.18 -10.82 -6.01
C LEU A 13 -2.32 -10.95 -7.00
N TYR A 14 -3.50 -10.46 -6.62
CA TYR A 14 -4.67 -10.53 -7.49
C TYR A 14 -5.39 -9.18 -7.54
N SER A 15 -5.81 -8.79 -8.74
CA SER A 15 -6.51 -7.51 -8.92
C SER A 15 -7.84 -7.52 -8.21
N PHE A 16 -8.02 -6.57 -7.29
CA PHE A 16 -9.26 -6.47 -6.53
C PHE A 16 -10.13 -5.33 -7.05
N GLN A 17 -11.44 -5.44 -6.82
CA GLN A 17 -12.37 -4.41 -7.28
C GLN A 17 -13.19 -3.86 -6.11
N ALA A 18 -12.85 -2.65 -5.67
CA ALA A 18 -13.56 -2.02 -4.56
C ALA A 18 -15.07 -2.10 -4.76
N ARG A 19 -15.71 -2.99 -3.99
CA ARG A 19 -17.15 -3.17 -4.08
C ARG A 19 -17.88 -1.87 -3.74
N GLN A 20 -17.42 -1.19 -2.70
CA GLN A 20 -18.04 0.06 -2.27
C GLN A 20 -17.03 1.21 -2.36
N ASP A 21 -17.53 2.44 -2.22
CA ASP A 21 -16.68 3.62 -2.27
C ASP A 21 -15.59 3.55 -1.21
N ASP A 22 -15.95 3.07 -0.02
CA ASP A 22 -15.00 2.95 1.09
C ASP A 22 -13.93 1.91 0.77
N GLU A 23 -14.29 0.93 -0.05
CA GLU A 23 -13.36 -0.13 -0.42
C GLU A 23 -12.25 0.41 -1.31
N LEU A 24 -11.14 -0.32 -1.38
CA LEU A 24 -10.00 0.09 -2.18
C LEU A 24 -9.81 -0.85 -3.37
N ASN A 25 -9.34 -0.29 -4.49
CA ASN A 25 -9.13 -1.08 -5.70
C ASN A 25 -7.66 -1.50 -5.82
N LEU A 26 -7.44 -2.78 -6.12
CA LEU A 26 -6.09 -3.31 -6.26
C LEU A 26 -5.90 -3.96 -7.62
N GLU A 27 -4.66 -3.97 -8.11
CA GLU A 27 -4.35 -4.56 -9.40
C GLU A 27 -3.13 -5.49 -9.30
N LYS A 28 -3.09 -6.50 -10.15
CA LYS A 28 -1.99 -7.45 -10.15
C LYS A 28 -0.64 -6.73 -10.21
N GLY A 29 0.14 -6.87 -9.14
CA GLY A 29 1.44 -6.22 -9.08
C GLY A 29 1.35 -4.78 -8.63
N ASP A 30 0.56 -4.54 -7.59
CA ASP A 30 0.39 -3.19 -7.05
C ASP A 30 0.84 -3.13 -5.61
N ILE A 31 1.76 -2.21 -5.31
CA ILE A 31 2.28 -2.04 -3.97
C ILE A 31 1.40 -1.10 -3.15
N VAL A 32 0.80 -1.64 -2.09
CA VAL A 32 -0.07 -0.83 -1.23
C VAL A 32 0.61 -0.53 0.10
N ILE A 33 0.34 0.65 0.64
CA ILE A 33 0.92 1.07 1.91
C ILE A 33 0.04 0.67 3.08
N ILE A 34 0.42 -0.39 3.78
CA ILE A 34 -0.34 -0.87 4.93
C ILE A 34 -0.43 0.19 6.01
N HIS A 35 -1.66 0.65 6.28
CA HIS A 35 -1.88 1.67 7.30
C HIS A 35 -2.37 1.04 8.61
N GLU A 36 -3.33 0.13 8.49
CA GLU A 36 -3.89 -0.54 9.65
C GLU A 36 -4.54 -1.86 9.26
N LYS A 37 -4.39 -2.86 10.11
CA LYS A 37 -4.97 -4.18 9.86
C LYS A 37 -5.66 -4.72 11.11
N LYS A 38 -6.90 -4.29 11.33
CA LYS A 38 -7.66 -4.73 12.49
C LYS A 38 -8.53 -5.93 12.14
N GLU A 39 -9.50 -5.72 11.26
CA GLU A 39 -10.40 -6.79 10.84
C GLU A 39 -9.61 -8.03 10.43
N GLU A 40 -10.34 -9.14 10.22
CA GLU A 40 -9.70 -10.39 9.84
C GLU A 40 -9.55 -10.47 8.32
N GLY A 41 -8.31 -10.31 7.85
CA GLY A 41 -8.06 -10.37 6.41
C GLY A 41 -8.18 -9.01 5.75
N TRP A 42 -9.23 -8.28 6.09
CA TRP A 42 -9.46 -6.95 5.51
C TRP A 42 -8.45 -5.94 6.06
N TRP A 43 -7.49 -5.57 5.23
CA TRP A 43 -6.47 -4.61 5.63
C TRP A 43 -6.87 -3.19 5.22
N PHE A 44 -6.15 -2.21 5.75
CA PHE A 44 -6.43 -0.81 5.45
C PHE A 44 -5.16 -0.07 5.07
N GLY A 45 -5.13 0.46 3.84
CA GLY A 45 -3.97 1.19 3.37
C GLY A 45 -4.24 1.95 2.09
N SER A 46 -3.22 2.64 1.58
CA SER A 46 -3.36 3.42 0.36
C SER A 46 -2.53 2.81 -0.77
N LEU A 47 -3.21 2.35 -1.81
CA LEU A 47 -2.54 1.74 -2.95
C LEU A 47 -1.71 2.78 -3.71
N ASN A 48 -2.38 3.63 -4.46
CA ASN A 48 -1.71 4.67 -5.23
C ASN A 48 -2.24 6.05 -4.85
N GLY A 49 -2.37 6.29 -3.55
CA GLY A 49 -2.86 7.57 -3.08
C GLY A 49 -4.30 7.50 -2.60
N LYS A 50 -4.90 6.33 -2.70
CA LYS A 50 -6.28 6.13 -2.27
C LYS A 50 -6.36 5.09 -1.15
N LYS A 51 -6.83 5.52 0.01
CA LYS A 51 -6.96 4.64 1.16
C LYS A 51 -8.30 3.92 1.14
N GLY A 52 -8.34 2.73 1.74
CA GLY A 52 -9.57 1.96 1.79
C GLY A 52 -9.37 0.59 2.39
N HIS A 53 -10.45 -0.18 2.48
CA HIS A 53 -10.39 -1.53 3.05
C HIS A 53 -10.26 -2.57 1.94
N PHE A 54 -9.10 -3.22 1.88
CA PHE A 54 -8.85 -4.23 0.87
C PHE A 54 -8.55 -5.59 1.52
N PRO A 55 -8.84 -6.67 0.80
CA PRO A 55 -8.62 -8.04 1.29
C PRO A 55 -7.14 -8.39 1.37
N ALA A 56 -6.73 -8.97 2.49
CA ALA A 56 -5.33 -9.35 2.69
C ALA A 56 -4.96 -10.51 1.78
N ALA A 57 -5.82 -11.51 1.69
CA ALA A 57 -5.58 -12.66 0.85
C ALA A 57 -5.21 -12.25 -0.57
N TYR A 58 -5.51 -11.00 -0.91
CA TYR A 58 -5.21 -10.48 -2.24
C TYR A 58 -3.81 -9.88 -2.29
N VAL A 59 -3.38 -9.29 -1.18
CA VAL A 59 -2.06 -8.68 -1.10
C VAL A 59 -1.12 -9.53 -0.26
N GLU A 60 0.18 -9.27 -0.39
CA GLU A 60 1.18 -10.01 0.36
C GLU A 60 2.19 -9.07 1.01
N GLU A 61 2.29 -9.13 2.32
CA GLU A 61 3.21 -8.28 3.06
C GLU A 61 4.63 -8.38 2.51
N LEU A 62 5.28 -7.24 2.35
CA LEU A 62 6.64 -7.20 1.83
C LEU A 62 7.58 -6.50 2.80
N PRO A 63 8.87 -6.87 2.73
CA PRO A 63 9.90 -6.28 3.60
C PRO A 63 10.20 -4.83 3.25
N SER A 64 11.06 -4.20 4.05
CA SER A 64 11.43 -2.80 3.82
C SER A 64 11.82 -2.57 2.37
N ASN A 65 11.39 -1.44 1.83
CA ASN A 65 11.70 -1.09 0.44
C ASN A 65 12.80 -0.03 0.38
N ALA A 66 13.78 -0.16 1.26
CA ALA A 66 14.90 0.79 1.30
C ALA A 66 15.68 0.79 -0.02
N GLY A 67 15.27 1.64 -0.95
CA GLY A 67 15.94 1.72 -2.23
C GLY A 67 17.43 1.94 -2.10
N ASN A 68 18.21 1.03 -2.65
CA ASN A 68 19.67 1.13 -2.59
C ASN A 68 20.19 2.05 -3.68
N THR A 69 19.52 3.18 -3.86
CA THR A 69 19.92 4.15 -4.88
C THR A 69 21.29 4.75 -4.55
N ALA A 70 22.34 4.11 -5.04
CA ALA A 70 23.70 4.59 -4.80
C ALA A 70 23.88 5.04 -3.36
N THR A 71 23.28 4.30 -2.43
CA THR A 71 23.37 4.62 -1.01
C THR A 71 24.80 4.98 -0.62
N LYS A 72 24.95 5.94 0.28
CA LYS A 72 26.26 6.36 0.74
C LYS A 72 26.52 5.89 2.17
N ALA A 73 27.75 5.45 2.42
CA ALA A 73 28.12 4.96 3.74
C ALA A 73 29.64 4.94 3.92
N SER A 74 30.11 5.53 5.00
CA SER A 74 31.55 5.57 5.27
C SER A 74 31.81 5.80 6.76
N GLY A 75 32.70 5.00 7.33
CA GLY A 75 33.03 5.12 8.74
C GLY A 75 33.73 3.90 9.29
N PRO A 76 34.65 4.12 10.24
CA PRO A 76 35.41 3.04 10.86
C PRO A 76 34.54 2.15 11.75
N SER A 77 35.12 1.05 12.24
CA SER A 77 34.40 0.13 13.10
C SER A 77 33.57 0.88 14.13
N SER A 78 32.42 0.31 14.49
CA SER A 78 31.54 0.92 15.47
C SER A 78 32.24 1.13 16.80
N GLY A 79 32.77 0.04 17.35
CA GLY A 79 33.47 0.12 18.62
C GLY A 79 34.98 0.10 18.45
N GLY A 1 7.95 4.58 14.87
CA GLY A 1 8.40 3.44 15.64
C GLY A 1 9.73 2.90 15.13
N SER A 2 10.78 3.70 15.24
CA SER A 2 12.10 3.30 14.78
C SER A 2 12.02 2.54 13.46
N SER A 3 11.18 3.04 12.56
CA SER A 3 11.01 2.41 11.25
C SER A 3 11.34 3.38 10.12
N GLY A 4 12.02 2.88 9.11
CA GLY A 4 12.38 3.72 7.98
C GLY A 4 11.18 4.23 7.22
N SER A 5 10.44 3.30 6.61
CA SER A 5 9.25 3.66 5.85
C SER A 5 8.02 3.71 6.74
N SER A 6 7.07 4.58 6.38
CA SER A 6 5.84 4.73 7.16
C SER A 6 4.84 3.65 6.80
N GLY A 7 4.49 2.82 7.78
CA GLY A 7 3.53 1.75 7.55
C GLY A 7 4.13 0.60 6.77
N ARG A 8 3.61 -0.60 6.97
CA ARG A 8 4.10 -1.78 6.29
C ARG A 8 3.73 -1.73 4.80
N LEU A 9 4.42 -2.55 4.00
CA LEU A 9 4.15 -2.61 2.57
C LEU A 9 3.63 -3.98 2.17
N CYS A 10 3.16 -4.09 0.93
CA CYS A 10 2.62 -5.34 0.41
C CYS A 10 2.34 -5.24 -1.08
N LYS A 11 2.32 -6.39 -1.75
CA LYS A 11 2.07 -6.43 -3.18
C LYS A 11 0.75 -7.14 -3.48
N ALA A 12 0.00 -6.62 -4.44
CA ALA A 12 -1.28 -7.21 -4.82
C ALA A 12 -1.08 -8.39 -5.76
N LEU A 13 -1.28 -9.59 -5.22
CA LEU A 13 -1.12 -10.81 -6.02
C LEU A 13 -2.24 -10.94 -7.04
N TYR A 14 -3.42 -10.45 -6.69
CA TYR A 14 -4.58 -10.52 -7.58
C TYR A 14 -5.32 -9.19 -7.59
N SER A 15 -5.71 -8.75 -8.78
CA SER A 15 -6.43 -7.50 -8.95
C SER A 15 -7.80 -7.56 -8.29
N PHE A 16 -8.12 -6.55 -7.48
CA PHE A 16 -9.40 -6.49 -6.79
C PHE A 16 -10.25 -5.34 -7.31
N GLN A 17 -11.53 -5.37 -6.97
CA GLN A 17 -12.46 -4.31 -7.40
C GLN A 17 -13.30 -3.81 -6.23
N ALA A 18 -13.15 -2.53 -5.91
CA ALA A 18 -13.90 -1.93 -4.82
C ALA A 18 -15.25 -1.40 -5.29
N ARG A 19 -16.32 -2.13 -4.97
CA ARG A 19 -17.66 -1.74 -5.37
C ARG A 19 -17.93 -0.28 -5.00
N GLN A 20 -17.55 0.10 -3.79
CA GLN A 20 -17.76 1.46 -3.31
C GLN A 20 -16.58 1.93 -2.47
N ASP A 21 -16.53 3.22 -2.20
CA ASP A 21 -15.45 3.81 -1.41
C ASP A 21 -15.04 2.85 -0.27
N ASP A 22 -16.04 2.30 0.41
CA ASP A 22 -15.78 1.38 1.51
C ASP A 22 -14.57 0.50 1.22
N GLU A 23 -14.58 -0.15 0.06
CA GLU A 23 -13.49 -1.02 -0.34
C GLU A 23 -12.44 -0.25 -1.13
N LEU A 24 -11.29 -0.88 -1.35
CA LEU A 24 -10.20 -0.25 -2.09
C LEU A 24 -9.89 -1.04 -3.36
N ASN A 25 -9.72 -0.33 -4.46
CA ASN A 25 -9.42 -0.95 -5.74
C ASN A 25 -7.92 -1.24 -5.86
N LEU A 26 -7.59 -2.46 -6.24
CA LEU A 26 -6.20 -2.87 -6.40
C LEU A 26 -5.93 -3.41 -7.80
N GLU A 27 -4.66 -3.50 -8.16
CA GLU A 27 -4.28 -4.00 -9.47
C GLU A 27 -3.21 -5.10 -9.35
N LYS A 28 -2.98 -5.81 -10.45
CA LYS A 28 -1.99 -6.88 -10.47
C LYS A 28 -0.59 -6.33 -10.25
N GLY A 29 0.09 -6.86 -9.23
CA GLY A 29 1.44 -6.41 -8.93
C GLY A 29 1.49 -4.96 -8.53
N ASP A 30 0.60 -4.55 -7.64
CA ASP A 30 0.55 -3.17 -7.18
C ASP A 30 0.89 -3.07 -5.70
N ILE A 31 1.86 -2.23 -5.36
CA ILE A 31 2.29 -2.04 -3.98
C ILE A 31 1.35 -1.10 -3.24
N VAL A 32 0.84 -1.56 -2.09
CA VAL A 32 -0.07 -0.77 -1.29
C VAL A 32 0.54 -0.45 0.07
N ILE A 33 0.31 0.77 0.54
CA ILE A 33 0.83 1.21 1.83
C ILE A 33 -0.06 0.74 2.97
N ILE A 34 0.42 -0.24 3.74
CA ILE A 34 -0.34 -0.77 4.86
C ILE A 34 -0.43 0.24 5.99
N HIS A 35 -1.66 0.60 6.36
CA HIS A 35 -1.89 1.56 7.44
C HIS A 35 -2.34 0.85 8.71
N GLU A 36 -3.35 0.00 8.59
CA GLU A 36 -3.88 -0.74 9.72
C GLU A 36 -4.39 -2.11 9.30
N LYS A 37 -4.11 -3.12 10.12
CA LYS A 37 -4.55 -4.49 9.83
C LYS A 37 -5.14 -5.14 11.07
N LYS A 38 -5.85 -4.35 11.86
CA LYS A 38 -6.48 -4.86 13.09
C LYS A 38 -7.64 -5.78 12.75
N GLU A 39 -8.19 -5.64 11.55
CA GLU A 39 -9.30 -6.47 11.12
C GLU A 39 -8.80 -7.81 10.56
N GLU A 40 -9.60 -8.85 10.74
CA GLU A 40 -9.24 -10.18 10.26
C GLU A 40 -9.31 -10.25 8.74
N GLY A 41 -8.16 -10.09 8.09
CA GLY A 41 -8.11 -10.13 6.63
C GLY A 41 -8.26 -8.77 6.01
N TRP A 42 -9.33 -8.06 6.36
CA TRP A 42 -9.58 -6.74 5.82
C TRP A 42 -8.44 -5.79 6.17
N TRP A 43 -7.56 -5.53 5.21
CA TRP A 43 -6.43 -4.65 5.42
C TRP A 43 -6.77 -3.23 4.99
N PHE A 44 -6.25 -2.25 5.72
CA PHE A 44 -6.49 -0.84 5.41
C PHE A 44 -5.21 -0.13 5.01
N GLY A 45 -5.22 0.53 3.86
CA GLY A 45 -4.05 1.23 3.39
C GLY A 45 -4.30 1.99 2.11
N SER A 46 -3.28 2.71 1.63
CA SER A 46 -3.41 3.49 0.41
C SER A 46 -2.58 2.88 -0.71
N LEU A 47 -3.22 2.59 -1.83
CA LEU A 47 -2.54 2.00 -2.98
C LEU A 47 -1.78 3.07 -3.77
N ASN A 48 -2.52 3.87 -4.52
CA ASN A 48 -1.92 4.93 -5.33
C ASN A 48 -2.41 6.31 -4.88
N GLY A 49 -2.49 6.51 -3.57
CA GLY A 49 -2.96 7.78 -3.05
C GLY A 49 -4.39 7.71 -2.55
N LYS A 50 -4.97 6.52 -2.60
CA LYS A 50 -6.35 6.32 -2.15
C LYS A 50 -6.41 5.24 -1.08
N LYS A 51 -6.93 5.61 0.09
CA LYS A 51 -7.05 4.67 1.20
C LYS A 51 -8.38 3.91 1.13
N GLY A 52 -8.38 2.70 1.65
CA GLY A 52 -9.59 1.88 1.62
C GLY A 52 -9.41 0.55 2.32
N HIS A 53 -10.47 -0.24 2.38
CA HIS A 53 -10.42 -1.55 3.02
C HIS A 53 -10.32 -2.66 1.98
N PHE A 54 -9.10 -3.14 1.76
CA PHE A 54 -8.86 -4.20 0.79
C PHE A 54 -8.55 -5.52 1.49
N PRO A 55 -8.83 -6.63 0.81
CA PRO A 55 -8.59 -7.98 1.34
C PRO A 55 -7.11 -8.30 1.45
N ALA A 56 -6.73 -9.01 2.51
CA ALA A 56 -5.34 -9.39 2.73
C ALA A 56 -4.91 -10.48 1.75
N ALA A 57 -5.59 -11.62 1.80
CA ALA A 57 -5.28 -12.74 0.92
C ALA A 57 -4.86 -12.24 -0.46
N TYR A 58 -5.47 -11.15 -0.91
CA TYR A 58 -5.16 -10.59 -2.21
C TYR A 58 -3.73 -10.06 -2.26
N VAL A 59 -3.34 -9.35 -1.20
CA VAL A 59 -2.00 -8.79 -1.12
C VAL A 59 -1.11 -9.61 -0.18
N GLU A 60 0.20 -9.40 -0.27
CA GLU A 60 1.15 -10.12 0.56
C GLU A 60 2.21 -9.18 1.11
N GLU A 61 2.32 -9.14 2.44
CA GLU A 61 3.31 -8.28 3.09
C GLU A 61 4.71 -8.54 2.55
N LEU A 62 5.45 -7.47 2.30
CA LEU A 62 6.81 -7.58 1.78
C LEU A 62 7.81 -6.86 2.68
N PRO A 63 9.06 -7.34 2.69
CA PRO A 63 10.13 -6.75 3.49
C PRO A 63 10.55 -5.37 2.99
N SER A 64 10.69 -5.23 1.68
CA SER A 64 11.10 -3.97 1.08
C SER A 64 9.92 -3.31 0.36
N ASN A 65 10.18 -2.17 -0.26
CA ASN A 65 9.14 -1.44 -0.98
C ASN A 65 8.86 -2.10 -2.33
N ALA A 66 9.89 -2.70 -2.92
CA ALA A 66 9.75 -3.37 -4.21
C ALA A 66 10.18 -4.83 -4.12
N GLY A 67 9.25 -5.74 -4.44
CA GLY A 67 9.56 -7.15 -4.38
C GLY A 67 10.35 -7.62 -5.59
N ASN A 68 11.49 -6.97 -5.83
CA ASN A 68 12.33 -7.33 -6.97
C ASN A 68 11.59 -7.15 -8.29
N THR A 69 10.75 -6.11 -8.35
CA THR A 69 9.98 -5.83 -9.55
C THR A 69 10.67 -4.80 -10.42
N ALA A 70 10.52 -4.94 -11.74
CA ALA A 70 11.14 -4.01 -12.69
C ALA A 70 10.62 -2.60 -12.47
N THR A 71 11.54 -1.67 -12.17
CA THR A 71 11.17 -0.28 -11.95
C THR A 71 11.52 0.58 -13.14
N LYS A 72 10.74 1.63 -13.37
CA LYS A 72 10.98 2.54 -14.48
C LYS A 72 10.00 3.72 -14.43
N ALA A 73 10.55 4.92 -14.25
CA ALA A 73 9.74 6.13 -14.19
C ALA A 73 9.44 6.66 -15.59
N SER A 74 8.46 7.55 -15.67
CA SER A 74 8.07 8.13 -16.96
C SER A 74 7.55 9.55 -16.77
N GLY A 75 7.30 10.23 -17.89
CA GLY A 75 6.80 11.59 -17.83
C GLY A 75 6.28 12.08 -19.16
N PRO A 76 5.22 12.90 -19.13
CA PRO A 76 4.59 13.44 -20.34
C PRO A 76 5.48 14.46 -21.03
N SER A 77 4.97 15.05 -22.11
CA SER A 77 5.72 16.05 -22.87
C SER A 77 7.19 15.64 -23.00
N SER A 78 7.42 14.37 -23.30
CA SER A 78 8.77 13.85 -23.44
C SER A 78 9.51 14.55 -24.58
N GLY A 79 10.83 14.53 -24.52
CA GLY A 79 11.63 15.17 -25.56
C GLY A 79 11.51 16.68 -25.52
N GLY A 1 21.26 8.64 4.05
CA GLY A 1 21.72 7.29 3.81
C GLY A 1 20.60 6.27 3.86
N SER A 2 19.76 6.37 4.88
CA SER A 2 18.64 5.44 5.04
C SER A 2 17.32 6.20 5.08
N SER A 3 16.31 5.65 4.40
CA SER A 3 14.99 6.26 4.36
C SER A 3 13.99 5.47 5.19
N GLY A 4 13.94 5.75 6.49
CA GLY A 4 13.02 5.06 7.36
C GLY A 4 11.59 5.10 6.86
N SER A 5 10.72 4.32 7.50
CA SER A 5 9.32 4.26 7.10
C SER A 5 8.42 4.04 8.32
N SER A 6 7.18 4.52 8.22
CA SER A 6 6.23 4.38 9.32
C SER A 6 5.00 3.61 8.86
N GLY A 7 5.21 2.56 8.07
CA GLY A 7 4.11 1.77 7.57
C GLY A 7 4.58 0.55 6.79
N ARG A 8 3.88 -0.57 6.97
CA ARG A 8 4.22 -1.81 6.28
C ARG A 8 3.80 -1.75 4.82
N LEU A 9 4.43 -2.57 3.99
CA LEU A 9 4.12 -2.62 2.57
C LEU A 9 3.63 -4.01 2.16
N CYS A 10 3.05 -4.11 0.97
CA CYS A 10 2.55 -5.38 0.46
C CYS A 10 2.30 -5.31 -1.04
N LYS A 11 2.28 -6.46 -1.69
CA LYS A 11 2.05 -6.53 -3.12
C LYS A 11 0.71 -7.21 -3.43
N ALA A 12 -0.08 -6.57 -4.28
CA ALA A 12 -1.38 -7.11 -4.65
C ALA A 12 -1.24 -8.30 -5.59
N LEU A 13 -1.21 -9.50 -5.02
CA LEU A 13 -1.06 -10.71 -5.81
C LEU A 13 -2.16 -10.81 -6.87
N TYR A 14 -3.32 -10.23 -6.56
CA TYR A 14 -4.45 -10.25 -7.48
C TYR A 14 -5.17 -8.92 -7.49
N SER A 15 -5.79 -8.58 -8.62
CA SER A 15 -6.51 -7.32 -8.76
C SER A 15 -7.86 -7.40 -8.07
N PHE A 16 -8.17 -6.40 -7.25
CA PHE A 16 -9.43 -6.35 -6.53
C PHE A 16 -10.28 -5.17 -6.98
N GLN A 17 -11.53 -5.44 -7.31
CA GLN A 17 -12.44 -4.39 -7.76
C GLN A 17 -13.36 -3.95 -6.64
N ALA A 18 -12.96 -2.90 -5.93
CA ALA A 18 -13.76 -2.38 -4.82
C ALA A 18 -15.14 -1.94 -5.30
N ARG A 19 -16.17 -2.54 -4.72
CA ARG A 19 -17.54 -2.21 -5.09
C ARG A 19 -17.86 -0.76 -4.79
N GLN A 20 -17.33 -0.26 -3.67
CA GLN A 20 -17.55 1.13 -3.27
C GLN A 20 -16.35 1.68 -2.52
N ASP A 21 -16.41 2.95 -2.15
CA ASP A 21 -15.33 3.60 -1.43
C ASP A 21 -14.90 2.76 -0.23
N ASP A 22 -15.86 2.17 0.44
CA ASP A 22 -15.58 1.32 1.60
C ASP A 22 -14.36 0.45 1.37
N GLU A 23 -14.29 -0.15 0.19
CA GLU A 23 -13.18 -1.02 -0.18
C GLU A 23 -12.13 -0.25 -0.99
N LEU A 24 -11.08 -0.96 -1.39
CA LEU A 24 -10.01 -0.34 -2.17
C LEU A 24 -9.66 -1.21 -3.38
N ASN A 25 -9.56 -0.59 -4.55
CA ASN A 25 -9.23 -1.30 -5.78
C ASN A 25 -7.74 -1.63 -5.82
N LEU A 26 -7.43 -2.81 -6.36
CA LEU A 26 -6.04 -3.25 -6.47
C LEU A 26 -5.78 -3.88 -7.83
N GLU A 27 -4.51 -3.88 -8.25
CA GLU A 27 -4.12 -4.46 -9.52
C GLU A 27 -2.93 -5.40 -9.36
N LYS A 28 -2.89 -6.44 -10.19
CA LYS A 28 -1.79 -7.41 -10.15
C LYS A 28 -0.44 -6.72 -10.21
N GLY A 29 0.30 -6.78 -9.11
CA GLY A 29 1.62 -6.16 -9.08
C GLY A 29 1.55 -4.71 -8.62
N ASP A 30 0.66 -4.42 -7.67
CA ASP A 30 0.50 -3.08 -7.16
C ASP A 30 0.91 -3.01 -5.70
N ILE A 31 1.82 -2.08 -5.37
CA ILE A 31 2.30 -1.91 -4.01
C ILE A 31 1.38 -0.99 -3.22
N VAL A 32 0.82 -1.51 -2.12
CA VAL A 32 -0.07 -0.74 -1.28
C VAL A 32 0.57 -0.43 0.07
N ILE A 33 0.32 0.76 0.59
CA ILE A 33 0.87 1.18 1.87
C ILE A 33 -0.03 0.74 3.03
N ILE A 34 0.41 -0.25 3.78
CA ILE A 34 -0.36 -0.76 4.91
C ILE A 34 -0.49 0.30 5.99
N HIS A 35 -1.72 0.75 6.21
CA HIS A 35 -2.00 1.77 7.23
C HIS A 35 -2.51 1.13 8.51
N GLU A 36 -3.42 0.18 8.37
CA GLU A 36 -4.00 -0.52 9.53
C GLU A 36 -4.52 -1.89 9.13
N LYS A 37 -4.21 -2.89 9.94
CA LYS A 37 -4.66 -4.26 9.69
C LYS A 37 -5.37 -4.84 10.90
N LYS A 38 -6.54 -4.30 11.20
CA LYS A 38 -7.33 -4.77 12.34
C LYS A 38 -8.26 -5.91 11.93
N GLU A 39 -9.22 -5.59 11.06
CA GLU A 39 -10.17 -6.58 10.59
C GLU A 39 -9.47 -7.90 10.27
N GLU A 40 -10.25 -8.99 10.27
CA GLU A 40 -9.70 -10.30 9.98
C GLU A 40 -9.59 -10.53 8.48
N GLY A 41 -8.40 -10.28 7.94
CA GLY A 41 -8.19 -10.46 6.51
C GLY A 41 -8.28 -9.16 5.74
N TRP A 42 -9.24 -8.32 6.12
CA TRP A 42 -9.44 -7.03 5.46
C TRP A 42 -8.45 -6.00 5.98
N TRP A 43 -7.47 -5.64 5.17
CA TRP A 43 -6.48 -4.65 5.55
C TRP A 43 -6.89 -3.26 5.10
N PHE A 44 -6.24 -2.24 5.67
CA PHE A 44 -6.54 -0.85 5.32
C PHE A 44 -5.27 -0.09 4.97
N GLY A 45 -5.19 0.37 3.72
CA GLY A 45 -4.02 1.11 3.28
C GLY A 45 -4.28 1.90 2.02
N SER A 46 -3.27 2.62 1.55
CA SER A 46 -3.39 3.44 0.34
C SER A 46 -2.54 2.86 -0.78
N LEU A 47 -3.17 2.59 -1.92
CA LEU A 47 -2.48 2.05 -3.08
C LEU A 47 -1.78 3.15 -3.87
N ASN A 48 -2.57 3.92 -4.61
CA ASN A 48 -2.02 5.01 -5.42
C ASN A 48 -2.52 6.36 -4.91
N GLY A 49 -2.57 6.51 -3.59
CA GLY A 49 -3.02 7.75 -2.99
C GLY A 49 -4.43 7.65 -2.46
N LYS A 50 -5.05 6.49 -2.61
CA LYS A 50 -6.41 6.26 -2.14
C LYS A 50 -6.43 5.18 -1.05
N LYS A 51 -6.88 5.56 0.14
CA LYS A 51 -6.96 4.63 1.25
C LYS A 51 -8.29 3.88 1.25
N GLY A 52 -8.30 2.69 1.84
CA GLY A 52 -9.52 1.90 1.89
C GLY A 52 -9.28 0.52 2.46
N HIS A 53 -10.36 -0.24 2.67
CA HIS A 53 -10.27 -1.58 3.21
C HIS A 53 -10.18 -2.61 2.09
N PHE A 54 -9.00 -3.20 1.92
CA PHE A 54 -8.79 -4.21 0.88
C PHE A 54 -8.53 -5.58 1.50
N PRO A 55 -8.82 -6.64 0.72
CA PRO A 55 -8.64 -8.02 1.17
C PRO A 55 -7.16 -8.40 1.30
N ALA A 56 -6.82 -9.07 2.39
CA ALA A 56 -5.44 -9.49 2.62
C ALA A 56 -5.01 -10.53 1.61
N ALA A 57 -5.72 -11.65 1.57
CA ALA A 57 -5.41 -12.73 0.64
C ALA A 57 -4.98 -12.18 -0.71
N TYR A 58 -5.44 -10.97 -1.03
CA TYR A 58 -5.11 -10.34 -2.30
C TYR A 58 -3.69 -9.78 -2.27
N VAL A 59 -3.34 -9.16 -1.15
CA VAL A 59 -2.01 -8.56 -0.99
C VAL A 59 -1.13 -9.43 -0.09
N GLU A 60 0.17 -9.35 -0.29
CA GLU A 60 1.13 -10.12 0.50
C GLU A 60 2.20 -9.22 1.10
N GLU A 61 2.30 -9.23 2.43
CA GLU A 61 3.29 -8.40 3.12
C GLU A 61 4.68 -8.61 2.53
N LEU A 62 5.41 -7.51 2.34
CA LEU A 62 6.75 -7.58 1.78
C LEU A 62 7.76 -6.93 2.73
N PRO A 63 9.01 -7.41 2.68
CA PRO A 63 10.09 -6.88 3.53
C PRO A 63 10.51 -5.47 3.13
N SER A 64 10.46 -5.19 1.83
CA SER A 64 10.84 -3.88 1.31
C SER A 64 10.55 -3.78 -0.18
N ASN A 65 10.59 -2.56 -0.71
CA ASN A 65 10.33 -2.32 -2.12
C ASN A 65 11.42 -1.47 -2.74
N ALA A 66 11.86 -1.84 -3.94
CA ALA A 66 12.91 -1.10 -4.64
C ALA A 66 12.71 -1.16 -6.15
N GLY A 67 12.78 -0.01 -6.79
CA GLY A 67 12.60 0.05 -8.24
C GLY A 67 12.07 1.39 -8.70
N ASN A 68 12.97 2.33 -8.96
CA ASN A 68 12.59 3.66 -9.41
C ASN A 68 11.63 3.57 -10.59
N THR A 69 10.53 4.32 -10.51
CA THR A 69 9.53 4.33 -11.56
C THR A 69 9.00 5.74 -11.81
N ALA A 70 8.36 5.94 -12.96
CA ALA A 70 7.81 7.24 -13.32
C ALA A 70 6.51 7.51 -12.58
N THR A 71 5.51 6.67 -12.82
CA THR A 71 4.20 6.82 -12.17
C THR A 71 4.35 6.82 -10.66
N LYS A 72 5.23 5.97 -10.15
CA LYS A 72 5.47 5.88 -8.71
C LYS A 72 6.83 6.45 -8.34
N ALA A 73 6.87 7.75 -8.05
CA ALA A 73 8.10 8.41 -7.68
C ALA A 73 8.39 8.24 -6.19
N SER A 74 9.10 7.19 -5.84
CA SER A 74 9.44 6.91 -4.45
C SER A 74 10.74 7.61 -4.05
N GLY A 75 10.81 8.03 -2.80
CA GLY A 75 12.01 8.71 -2.32
C GLY A 75 11.71 10.12 -1.84
N PRO A 76 12.51 10.60 -0.87
CA PRO A 76 12.36 11.95 -0.31
C PRO A 76 12.73 13.04 -1.30
N SER A 77 11.72 13.64 -1.92
CA SER A 77 11.94 14.70 -2.89
C SER A 77 12.82 14.21 -4.04
N SER A 78 12.57 12.98 -4.49
CA SER A 78 13.33 12.39 -5.58
C SER A 78 12.45 12.17 -6.81
N GLY A 79 12.85 12.76 -7.93
CA GLY A 79 12.09 12.62 -9.16
C GLY A 79 12.97 12.58 -10.38
N GLY A 1 17.24 13.08 3.09
CA GLY A 1 16.63 11.77 3.27
C GLY A 1 15.79 11.69 4.52
N SER A 2 14.78 10.82 4.50
CA SER A 2 13.88 10.65 5.64
C SER A 2 13.98 9.24 6.20
N SER A 3 13.58 9.08 7.46
CA SER A 3 13.63 7.78 8.12
C SER A 3 13.08 6.69 7.20
N GLY A 4 11.84 6.85 6.76
CA GLY A 4 11.22 5.88 5.89
C GLY A 4 9.71 5.84 6.03
N SER A 5 9.07 4.87 5.38
CA SER A 5 7.62 4.74 5.43
C SER A 5 7.16 4.27 6.82
N SER A 6 6.25 5.03 7.41
CA SER A 6 5.73 4.70 8.74
C SER A 6 4.62 3.67 8.64
N GLY A 7 4.81 2.68 7.77
CA GLY A 7 3.81 1.64 7.60
C GLY A 7 4.33 0.46 6.81
N ARG A 8 3.70 -0.70 6.98
CA ARG A 8 4.10 -1.90 6.28
C ARG A 8 3.69 -1.85 4.82
N LEU A 9 4.37 -2.63 3.98
CA LEU A 9 4.07 -2.68 2.56
C LEU A 9 3.58 -4.06 2.14
N CYS A 10 3.05 -4.15 0.92
CA CYS A 10 2.55 -5.42 0.40
C CYS A 10 2.26 -5.32 -1.09
N LYS A 11 2.27 -6.46 -1.76
CA LYS A 11 2.01 -6.50 -3.20
C LYS A 11 0.70 -7.24 -3.49
N ALA A 12 -0.13 -6.63 -4.33
CA ALA A 12 -1.42 -7.23 -4.70
C ALA A 12 -1.22 -8.36 -5.69
N LEU A 13 -1.25 -9.59 -5.20
CA LEU A 13 -1.09 -10.76 -6.06
C LEU A 13 -2.24 -10.89 -7.05
N TYR A 14 -3.43 -10.50 -6.61
CA TYR A 14 -4.61 -10.57 -7.46
C TYR A 14 -5.34 -9.23 -7.48
N SER A 15 -5.78 -8.82 -8.67
CA SER A 15 -6.49 -7.56 -8.84
C SER A 15 -7.86 -7.62 -8.15
N PHE A 16 -8.13 -6.62 -7.32
CA PHE A 16 -9.39 -6.55 -6.60
C PHE A 16 -10.21 -5.34 -7.05
N GLN A 17 -11.53 -5.52 -7.16
CA GLN A 17 -12.42 -4.45 -7.58
C GLN A 17 -13.31 -4.00 -6.43
N ALA A 18 -12.92 -2.91 -5.78
CA ALA A 18 -13.69 -2.38 -4.66
C ALA A 18 -15.12 -2.06 -5.07
N ARG A 19 -16.05 -2.95 -4.72
CA ARG A 19 -17.45 -2.76 -5.07
C ARG A 19 -17.88 -1.33 -4.81
N GLN A 20 -17.50 -0.80 -3.66
CA GLN A 20 -17.86 0.58 -3.29
C GLN A 20 -16.65 1.33 -2.75
N ASP A 21 -16.80 2.63 -2.55
CA ASP A 21 -15.72 3.46 -2.04
C ASP A 21 -15.10 2.84 -0.79
N ASP A 22 -15.94 2.39 0.13
CA ASP A 22 -15.48 1.76 1.36
C ASP A 22 -14.28 0.87 1.10
N GLU A 23 -14.40 0.00 0.10
CA GLU A 23 -13.31 -0.91 -0.25
C GLU A 23 -12.24 -0.19 -1.06
N LEU A 24 -11.20 -0.94 -1.42
CA LEU A 24 -10.10 -0.37 -2.20
C LEU A 24 -9.73 -1.28 -3.37
N ASN A 25 -9.59 -0.68 -4.56
CA ASN A 25 -9.24 -1.44 -5.75
C ASN A 25 -7.76 -1.79 -5.77
N LEU A 26 -7.44 -2.95 -6.32
CA LEU A 26 -6.04 -3.40 -6.41
C LEU A 26 -5.75 -4.01 -7.77
N GLU A 27 -4.49 -3.88 -8.20
CA GLU A 27 -4.08 -4.43 -9.49
C GLU A 27 -2.92 -5.40 -9.33
N LYS A 28 -2.89 -6.43 -10.16
CA LYS A 28 -1.83 -7.42 -10.11
C LYS A 28 -0.45 -6.77 -10.18
N GLY A 29 0.27 -6.79 -9.07
CA GLY A 29 1.60 -6.19 -9.03
C GLY A 29 1.56 -4.74 -8.57
N ASP A 30 0.65 -4.43 -7.66
CA ASP A 30 0.52 -3.09 -7.13
C ASP A 30 0.88 -3.04 -5.65
N ILE A 31 1.78 -2.12 -5.29
CA ILE A 31 2.21 -1.98 -3.91
C ILE A 31 1.27 -1.07 -3.14
N VAL A 32 0.80 -1.56 -1.99
CA VAL A 32 -0.10 -0.79 -1.14
C VAL A 32 0.53 -0.46 0.21
N ILE A 33 0.31 0.76 0.68
CA ILE A 33 0.86 1.18 1.96
C ILE A 33 -0.03 0.74 3.12
N ILE A 34 0.38 -0.32 3.80
CA ILE A 34 -0.37 -0.85 4.94
C ILE A 34 -0.45 0.18 6.07
N HIS A 35 -1.66 0.51 6.48
CA HIS A 35 -1.87 1.47 7.56
C HIS A 35 -2.31 0.76 8.84
N GLU A 36 -3.34 -0.06 8.73
CA GLU A 36 -3.87 -0.79 9.87
C GLU A 36 -4.37 -2.17 9.46
N LYS A 37 -4.02 -3.19 10.24
CA LYS A 37 -4.43 -4.56 9.95
C LYS A 37 -5.01 -5.22 11.20
N LYS A 38 -6.17 -4.74 11.64
CA LYS A 38 -6.84 -5.28 12.81
C LYS A 38 -8.00 -6.18 12.40
N GLU A 39 -7.73 -7.17 11.58
CA GLU A 39 -8.75 -8.10 11.12
C GLU A 39 -8.13 -9.40 10.62
N GLU A 40 -8.98 -10.31 10.15
CA GLU A 40 -8.51 -11.60 9.64
C GLU A 40 -8.01 -11.46 8.20
N GLY A 41 -8.72 -10.66 7.41
CA GLY A 41 -8.32 -10.47 6.03
C GLY A 41 -8.67 -9.08 5.52
N TRP A 42 -9.08 -8.20 6.43
CA TRP A 42 -9.45 -6.84 6.06
C TRP A 42 -8.33 -5.86 6.39
N TRP A 43 -7.53 -5.52 5.40
CA TRP A 43 -6.42 -4.59 5.58
C TRP A 43 -6.79 -3.19 5.11
N PHE A 44 -6.21 -2.18 5.75
CA PHE A 44 -6.47 -0.79 5.39
C PHE A 44 -5.20 -0.08 4.97
N GLY A 45 -5.29 0.66 3.87
CA GLY A 45 -4.12 1.38 3.38
C GLY A 45 -4.39 2.06 2.04
N SER A 46 -3.38 2.73 1.51
CA SER A 46 -3.50 3.42 0.23
C SER A 46 -2.68 2.72 -0.85
N LEU A 47 -3.29 2.56 -2.02
CA LEU A 47 -2.63 1.91 -3.14
C LEU A 47 -1.82 2.91 -3.96
N ASN A 48 -2.52 3.71 -4.76
CA ASN A 48 -1.87 4.72 -5.59
C ASN A 48 -2.37 6.12 -5.24
N GLY A 49 -2.46 6.40 -3.95
CA GLY A 49 -2.92 7.71 -3.51
C GLY A 49 -4.35 7.67 -2.99
N LYS A 50 -4.94 6.49 -2.99
CA LYS A 50 -6.31 6.31 -2.52
C LYS A 50 -6.37 5.29 -1.38
N LYS A 51 -6.86 5.72 -0.22
CA LYS A 51 -6.96 4.84 0.93
C LYS A 51 -8.29 4.10 0.93
N GLY A 52 -8.32 2.93 1.57
CA GLY A 52 -9.54 2.14 1.62
C GLY A 52 -9.29 0.74 2.15
N HIS A 53 -10.36 -0.04 2.27
CA HIS A 53 -10.26 -1.41 2.77
C HIS A 53 -10.06 -2.40 1.63
N PHE A 54 -9.17 -3.36 1.83
CA PHE A 54 -8.89 -4.36 0.81
C PHE A 54 -8.57 -5.72 1.45
N PRO A 55 -8.81 -6.80 0.70
CA PRO A 55 -8.56 -8.16 1.17
C PRO A 55 -7.07 -8.47 1.30
N ALA A 56 -6.69 -9.09 2.41
CA ALA A 56 -5.30 -9.44 2.65
C ALA A 56 -4.86 -10.58 1.75
N ALA A 57 -5.61 -11.66 1.76
CA ALA A 57 -5.30 -12.83 0.94
C ALA A 57 -4.90 -12.41 -0.48
N TYR A 58 -5.34 -11.22 -0.89
CA TYR A 58 -5.04 -10.71 -2.21
C TYR A 58 -3.65 -10.08 -2.24
N VAL A 59 -3.27 -9.43 -1.14
CA VAL A 59 -1.97 -8.78 -1.03
C VAL A 59 -1.03 -9.57 -0.15
N GLU A 60 0.27 -9.44 -0.39
CA GLU A 60 1.28 -10.15 0.38
C GLU A 60 2.28 -9.17 0.99
N GLU A 61 2.39 -9.19 2.32
CA GLU A 61 3.31 -8.31 3.02
C GLU A 61 4.72 -8.43 2.45
N LEU A 62 5.37 -7.28 2.27
CA LEU A 62 6.72 -7.25 1.73
C LEU A 62 7.67 -6.48 2.66
N PRO A 63 8.95 -6.85 2.64
CA PRO A 63 9.97 -6.21 3.47
C PRO A 63 10.28 -4.79 3.01
N SER A 64 10.85 -3.99 3.91
CA SER A 64 11.19 -2.61 3.61
C SER A 64 11.63 -2.47 2.16
N ASN A 65 10.95 -1.60 1.41
CA ASN A 65 11.27 -1.36 0.01
C ASN A 65 12.07 -0.08 -0.16
N ALA A 66 12.50 0.19 -1.40
CA ALA A 66 13.27 1.39 -1.69
C ALA A 66 12.37 2.60 -1.79
N GLY A 67 12.96 3.80 -1.66
CA GLY A 67 12.20 5.02 -1.73
C GLY A 67 11.14 4.97 -2.82
N ASN A 68 9.95 5.49 -2.52
CA ASN A 68 8.85 5.50 -3.47
C ASN A 68 9.31 6.07 -4.81
N THR A 69 9.94 7.23 -4.78
CA THR A 69 10.43 7.88 -5.99
C THR A 69 11.76 8.56 -5.75
N ALA A 70 12.65 8.48 -6.73
CA ALA A 70 13.98 9.09 -6.63
C ALA A 70 13.90 10.59 -6.88
N THR A 71 13.97 11.37 -5.82
CA THR A 71 13.91 12.83 -5.93
C THR A 71 15.29 13.45 -5.75
N LYS A 72 15.60 14.44 -6.57
CA LYS A 72 16.89 15.12 -6.50
C LYS A 72 16.71 16.63 -6.42
N ALA A 73 17.76 17.33 -6.03
CA ALA A 73 17.71 18.78 -5.91
C ALA A 73 19.09 19.36 -5.62
N SER A 74 19.64 20.09 -6.58
CA SER A 74 20.96 20.69 -6.43
C SER A 74 21.03 21.55 -5.17
N GLY A 75 20.03 22.42 -5.00
CA GLY A 75 20.00 23.28 -3.84
C GLY A 75 18.69 23.20 -3.09
N PRO A 76 18.74 23.39 -1.77
CA PRO A 76 17.55 23.35 -0.92
C PRO A 76 16.61 24.53 -1.15
N SER A 77 15.45 24.49 -0.52
CA SER A 77 14.46 25.55 -0.67
C SER A 77 15.11 26.93 -0.50
N SER A 78 14.75 27.86 -1.37
CA SER A 78 15.30 29.20 -1.32
C SER A 78 14.19 30.24 -1.11
N GLY A 79 14.59 31.49 -0.89
CA GLY A 79 13.61 32.54 -0.69
C GLY A 79 13.42 32.87 0.78
N GLY A 1 14.50 7.99 -0.17
CA GLY A 1 13.89 7.02 0.72
C GLY A 1 13.18 7.68 1.90
N SER A 2 12.25 6.95 2.50
CA SER A 2 11.50 7.47 3.63
C SER A 2 11.91 6.78 4.94
N SER A 3 11.99 7.55 6.01
CA SER A 3 12.37 7.01 7.31
C SER A 3 11.36 7.41 8.38
N GLY A 4 11.32 6.64 9.47
CA GLY A 4 10.40 6.92 10.55
C GLY A 4 9.48 5.74 10.84
N SER A 5 8.28 6.05 11.34
CA SER A 5 7.30 5.02 11.67
C SER A 5 6.47 4.65 10.44
N SER A 6 7.14 4.48 9.31
CA SER A 6 6.45 4.14 8.07
C SER A 6 5.64 2.86 8.23
N GLY A 7 4.57 2.74 7.46
CA GLY A 7 3.72 1.56 7.54
C GLY A 7 4.26 0.40 6.72
N ARG A 8 3.72 -0.79 6.95
CA ARG A 8 4.15 -1.98 6.24
C ARG A 8 3.75 -1.92 4.78
N LEU A 9 4.43 -2.70 3.94
CA LEU A 9 4.13 -2.73 2.52
C LEU A 9 3.70 -4.13 2.09
N CYS A 10 3.07 -4.22 0.91
CA CYS A 10 2.61 -5.50 0.38
C CYS A 10 2.36 -5.40 -1.11
N LYS A 11 2.41 -6.55 -1.79
CA LYS A 11 2.19 -6.59 -3.23
C LYS A 11 0.89 -7.33 -3.56
N ALA A 12 0.05 -6.70 -4.36
CA ALA A 12 -1.22 -7.30 -4.76
C ALA A 12 -1.01 -8.48 -5.69
N LEU A 13 -1.08 -9.69 -5.14
CA LEU A 13 -0.89 -10.90 -5.92
C LEU A 13 -2.00 -11.06 -6.95
N TYR A 14 -3.17 -10.51 -6.64
CA TYR A 14 -4.32 -10.59 -7.55
C TYR A 14 -5.10 -9.28 -7.56
N SER A 15 -5.53 -8.87 -8.74
CA SER A 15 -6.29 -7.63 -8.88
C SER A 15 -7.62 -7.71 -8.14
N PHE A 16 -8.12 -6.56 -7.68
CA PHE A 16 -9.38 -6.52 -6.96
C PHE A 16 -10.19 -5.29 -7.38
N GLN A 17 -11.51 -5.45 -7.41
CA GLN A 17 -12.41 -4.37 -7.79
C GLN A 17 -13.25 -3.90 -6.60
N ALA A 18 -12.99 -2.69 -6.15
CA ALA A 18 -13.72 -2.12 -5.02
C ALA A 18 -15.16 -1.79 -5.41
N ARG A 19 -16.07 -2.71 -5.12
CA ARG A 19 -17.48 -2.53 -5.44
C ARG A 19 -17.94 -1.12 -5.02
N GLN A 20 -17.40 -0.63 -3.91
CA GLN A 20 -17.77 0.69 -3.41
C GLN A 20 -16.53 1.47 -3.01
N ASP A 21 -16.73 2.72 -2.62
CA ASP A 21 -15.62 3.58 -2.21
C ASP A 21 -14.95 3.04 -0.96
N ASP A 22 -15.76 2.55 -0.02
CA ASP A 22 -15.23 2.00 1.22
C ASP A 22 -14.04 1.09 0.95
N GLU A 23 -14.20 0.17 0.00
CA GLU A 23 -13.14 -0.77 -0.35
C GLU A 23 -12.05 -0.07 -1.16
N LEU A 24 -11.00 -0.83 -1.47
CA LEU A 24 -9.89 -0.29 -2.26
C LEU A 24 -9.54 -1.20 -3.43
N ASN A 25 -9.48 -0.64 -4.62
CA ASN A 25 -9.16 -1.41 -5.81
C ASN A 25 -7.72 -1.92 -5.76
N LEU A 26 -7.44 -2.96 -6.54
CA LEU A 26 -6.10 -3.55 -6.58
C LEU A 26 -5.79 -4.10 -7.96
N GLU A 27 -4.51 -4.34 -8.22
CA GLU A 27 -4.08 -4.88 -9.52
C GLU A 27 -2.81 -5.69 -9.37
N LYS A 28 -2.72 -6.78 -10.14
CA LYS A 28 -1.55 -7.65 -10.10
C LYS A 28 -0.26 -6.84 -10.16
N GLY A 29 0.46 -6.79 -9.05
CA GLY A 29 1.71 -6.05 -9.00
C GLY A 29 1.52 -4.63 -8.51
N ASP A 30 0.63 -4.45 -7.54
CA ASP A 30 0.36 -3.13 -6.99
C ASP A 30 0.82 -3.05 -5.54
N ILE A 31 1.68 -2.08 -5.24
CA ILE A 31 2.19 -1.88 -3.90
C ILE A 31 1.27 -0.98 -3.08
N VAL A 32 0.75 -1.52 -1.98
CA VAL A 32 -0.13 -0.75 -1.11
C VAL A 32 0.55 -0.43 0.21
N ILE A 33 0.17 0.71 0.79
CA ILE A 33 0.75 1.14 2.06
C ILE A 33 -0.11 0.67 3.24
N ILE A 34 0.32 -0.42 3.87
CA ILE A 34 -0.40 -0.97 5.01
C ILE A 34 -0.52 0.05 6.13
N HIS A 35 -1.70 0.64 6.27
CA HIS A 35 -1.95 1.63 7.31
C HIS A 35 -2.37 0.96 8.61
N GLU A 36 -3.38 0.10 8.52
CA GLU A 36 -3.89 -0.60 9.70
C GLU A 36 -4.46 -1.97 9.31
N LYS A 37 -4.08 -3.00 10.05
CA LYS A 37 -4.56 -4.35 9.79
C LYS A 37 -5.18 -4.97 11.05
N LYS A 38 -5.89 -4.14 11.82
CA LYS A 38 -6.54 -4.60 13.03
C LYS A 38 -7.51 -5.73 12.74
N GLU A 39 -7.89 -5.87 11.46
CA GLU A 39 -8.82 -6.91 11.06
C GLU A 39 -8.08 -8.15 10.57
N GLU A 40 -8.73 -9.30 10.67
CA GLU A 40 -8.13 -10.56 10.24
C GLU A 40 -7.58 -10.45 8.83
N GLY A 41 -8.46 -10.18 7.88
CA GLY A 41 -8.04 -10.05 6.49
C GLY A 41 -8.23 -8.64 5.95
N TRP A 42 -9.30 -7.99 6.39
CA TRP A 42 -9.61 -6.63 5.94
C TRP A 42 -8.45 -5.69 6.26
N TRP A 43 -7.61 -5.44 5.27
CA TRP A 43 -6.46 -4.55 5.45
C TRP A 43 -6.80 -3.13 5.00
N PHE A 44 -6.26 -2.15 5.71
CA PHE A 44 -6.50 -0.75 5.39
C PHE A 44 -5.21 -0.05 5.00
N GLY A 45 -5.26 0.69 3.89
CA GLY A 45 -4.08 1.40 3.43
C GLY A 45 -4.31 2.12 2.11
N SER A 46 -3.33 2.90 1.68
CA SER A 46 -3.43 3.64 0.43
C SER A 46 -2.59 2.99 -0.66
N LEU A 47 -3.24 2.57 -1.74
CA LEU A 47 -2.55 1.94 -2.85
C LEU A 47 -1.71 2.95 -3.63
N ASN A 48 -2.37 3.79 -4.42
CA ASN A 48 -1.67 4.80 -5.20
C ASN A 48 -2.21 6.19 -4.88
N GLY A 49 -2.46 6.44 -3.59
CA GLY A 49 -2.97 7.73 -3.17
C GLY A 49 -4.40 7.66 -2.68
N LYS A 50 -4.98 6.48 -2.74
CA LYS A 50 -6.36 6.27 -2.29
C LYS A 50 -6.43 5.21 -1.21
N LYS A 51 -6.91 5.60 -0.04
CA LYS A 51 -7.03 4.68 1.09
C LYS A 51 -8.39 3.97 1.07
N GLY A 52 -8.44 2.78 1.66
CA GLY A 52 -9.67 2.03 1.70
C GLY A 52 -9.50 0.65 2.33
N HIS A 53 -10.54 -0.16 2.28
CA HIS A 53 -10.49 -1.50 2.85
C HIS A 53 -10.31 -2.55 1.76
N PHE A 54 -9.18 -3.24 1.80
CA PHE A 54 -8.88 -4.28 0.82
C PHE A 54 -8.55 -5.60 1.50
N PRO A 55 -8.79 -6.71 0.79
CA PRO A 55 -8.53 -8.06 1.31
C PRO A 55 -7.05 -8.36 1.44
N ALA A 56 -6.69 -9.16 2.43
CA ALA A 56 -5.30 -9.52 2.66
C ALA A 56 -4.88 -10.69 1.77
N ALA A 57 -5.72 -11.71 1.70
CA ALA A 57 -5.44 -12.88 0.88
C ALA A 57 -5.06 -12.48 -0.54
N TYR A 58 -5.38 -11.25 -0.91
CA TYR A 58 -5.09 -10.74 -2.24
C TYR A 58 -3.69 -10.13 -2.29
N VAL A 59 -3.27 -9.53 -1.18
CA VAL A 59 -1.96 -8.90 -1.08
C VAL A 59 -1.02 -9.71 -0.18
N GLU A 60 0.27 -9.45 -0.30
CA GLU A 60 1.27 -10.14 0.51
C GLU A 60 2.32 -9.17 1.03
N GLU A 61 2.47 -9.12 2.34
CA GLU A 61 3.43 -8.22 2.97
C GLU A 61 4.84 -8.48 2.42
N LEU A 62 5.56 -7.40 2.15
CA LEU A 62 6.91 -7.50 1.61
C LEU A 62 7.89 -6.66 2.43
N PRO A 63 9.15 -7.11 2.49
CA PRO A 63 10.21 -6.41 3.23
C PRO A 63 10.59 -5.09 2.58
N SER A 64 10.47 -5.03 1.27
CA SER A 64 10.82 -3.82 0.52
C SER A 64 10.37 -2.57 1.27
N ASN A 65 10.96 -1.43 0.90
CA ASN A 65 10.62 -0.17 1.55
C ASN A 65 10.69 -0.29 3.07
N ALA A 66 11.72 -0.98 3.55
CA ALA A 66 11.90 -1.16 4.99
C ALA A 66 13.34 -1.55 5.32
N GLY A 67 13.75 -1.30 6.56
CA GLY A 67 15.11 -1.62 6.97
C GLY A 67 15.13 -2.50 8.20
N ASN A 68 16.35 -2.85 8.64
CA ASN A 68 16.50 -3.70 9.82
C ASN A 68 17.80 -3.36 10.56
N THR A 69 17.84 -3.71 11.84
CA THR A 69 19.02 -3.43 12.65
C THR A 69 19.56 -2.03 12.40
N ALA A 70 18.67 -1.13 11.98
CA ALA A 70 19.06 0.25 11.70
C ALA A 70 20.35 0.30 10.88
N THR A 71 20.45 -0.57 9.89
CA THR A 71 21.63 -0.63 9.04
C THR A 71 21.34 -1.36 7.73
N LYS A 72 21.76 -0.79 6.62
CA LYS A 72 21.55 -1.39 5.30
C LYS A 72 22.59 -0.90 4.30
N ALA A 73 23.00 -1.78 3.40
CA ALA A 73 23.99 -1.44 2.39
C ALA A 73 23.32 -0.96 1.11
N SER A 74 24.09 -0.29 0.25
CA SER A 74 23.57 0.21 -1.01
C SER A 74 24.49 -0.15 -2.17
N GLY A 75 23.95 -0.09 -3.39
CA GLY A 75 24.73 -0.42 -4.56
C GLY A 75 23.95 -1.21 -5.59
N PRO A 76 22.97 -0.56 -6.23
CA PRO A 76 22.12 -1.18 -7.24
C PRO A 76 22.89 -1.50 -8.53
N SER A 77 22.20 -2.14 -9.47
CA SER A 77 22.82 -2.50 -10.74
C SER A 77 23.70 -1.37 -11.26
N SER A 78 23.13 -0.16 -11.31
CA SER A 78 23.86 1.01 -11.79
C SER A 78 25.29 1.01 -11.26
N GLY A 79 26.25 1.08 -12.17
CA GLY A 79 27.65 1.09 -11.78
C GLY A 79 28.45 -0.02 -12.42
N GLY A 1 14.59 17.86 13.96
CA GLY A 1 13.80 17.12 13.00
C GLY A 1 13.37 15.77 13.53
N SER A 2 12.32 15.21 12.93
CA SER A 2 11.80 13.91 13.35
C SER A 2 11.70 12.95 12.16
N SER A 3 12.43 11.84 12.25
CA SER A 3 12.43 10.84 11.18
C SER A 3 11.01 10.39 10.85
N GLY A 4 10.31 9.88 11.85
CA GLY A 4 8.95 9.42 11.66
C GLY A 4 8.86 7.92 11.53
N SER A 5 7.76 7.44 10.97
CA SER A 5 7.54 6.00 10.80
C SER A 5 6.57 5.73 9.65
N SER A 6 6.92 4.79 8.80
CA SER A 6 6.08 4.42 7.65
C SER A 6 5.40 3.08 7.89
N GLY A 7 4.17 2.95 7.40
CA GLY A 7 3.43 1.71 7.57
C GLY A 7 4.04 0.56 6.79
N ARG A 8 3.53 -0.64 7.00
CA ARG A 8 4.04 -1.82 6.33
C ARG A 8 3.70 -1.77 4.84
N LEU A 9 4.34 -2.64 4.06
CA LEU A 9 4.12 -2.69 2.61
C LEU A 9 3.61 -4.06 2.20
N CYS A 10 3.08 -4.15 0.98
CA CYS A 10 2.56 -5.40 0.46
C CYS A 10 2.28 -5.30 -1.04
N LYS A 11 2.25 -6.44 -1.70
CA LYS A 11 2.00 -6.49 -3.14
C LYS A 11 0.69 -7.20 -3.44
N ALA A 12 -0.10 -6.63 -4.35
CA ALA A 12 -1.37 -7.22 -4.74
C ALA A 12 -1.17 -8.38 -5.70
N LEU A 13 -1.36 -9.60 -5.20
CA LEU A 13 -1.20 -10.79 -6.01
C LEU A 13 -2.35 -10.94 -7.00
N TYR A 14 -3.52 -10.43 -6.62
CA TYR A 14 -4.70 -10.51 -7.47
C TYR A 14 -5.39 -9.15 -7.55
N SER A 15 -5.89 -8.82 -8.74
CA SER A 15 -6.57 -7.55 -8.96
C SER A 15 -7.95 -7.54 -8.27
N PHE A 16 -8.15 -6.58 -7.38
CA PHE A 16 -9.41 -6.46 -6.66
C PHE A 16 -10.23 -5.30 -7.18
N GLN A 17 -11.54 -5.51 -7.31
CA GLN A 17 -12.44 -4.47 -7.80
C GLN A 17 -13.33 -3.95 -6.68
N ALA A 18 -12.94 -2.83 -6.09
CA ALA A 18 -13.71 -2.23 -5.01
C ALA A 18 -15.04 -1.69 -5.52
N ARG A 19 -16.13 -2.26 -5.01
CA ARG A 19 -17.47 -1.84 -5.42
C ARG A 19 -17.78 -0.43 -4.89
N GLN A 20 -17.41 -0.18 -3.64
CA GLN A 20 -17.65 1.12 -3.03
C GLN A 20 -16.38 1.65 -2.38
N ASP A 21 -16.40 2.94 -2.02
CA ASP A 21 -15.25 3.57 -1.39
C ASP A 21 -14.69 2.70 -0.27
N ASP A 22 -15.58 2.18 0.57
CA ASP A 22 -15.18 1.33 1.68
C ASP A 22 -14.06 0.39 1.27
N GLU A 23 -14.21 -0.25 0.11
CA GLU A 23 -13.21 -1.17 -0.39
C GLU A 23 -12.18 -0.44 -1.26
N LEU A 24 -11.01 -1.05 -1.42
CA LEU A 24 -9.95 -0.46 -2.23
C LEU A 24 -9.61 -1.35 -3.43
N ASN A 25 -9.55 -0.76 -4.60
CA ASN A 25 -9.23 -1.50 -5.82
C ASN A 25 -7.75 -1.87 -5.86
N LEU A 26 -7.47 -3.09 -6.30
CA LEU A 26 -6.10 -3.57 -6.38
C LEU A 26 -5.79 -4.12 -7.77
N GLU A 27 -4.53 -4.00 -8.19
CA GLU A 27 -4.12 -4.47 -9.51
C GLU A 27 -2.92 -5.41 -9.39
N LYS A 28 -2.87 -6.42 -10.25
CA LYS A 28 -1.78 -7.38 -10.25
C LYS A 28 -0.43 -6.68 -10.32
N GLY A 29 0.27 -6.65 -9.18
CA GLY A 29 1.57 -6.00 -9.13
C GLY A 29 1.49 -4.57 -8.63
N ASP A 30 0.64 -4.35 -7.63
CA ASP A 30 0.48 -3.02 -7.06
C ASP A 30 0.87 -3.01 -5.58
N ILE A 31 1.73 -2.07 -5.21
CA ILE A 31 2.18 -1.96 -3.83
C ILE A 31 1.30 -0.98 -3.04
N VAL A 32 0.68 -1.49 -1.98
CA VAL A 32 -0.18 -0.67 -1.15
C VAL A 32 0.48 -0.36 0.20
N ILE A 33 0.28 0.87 0.68
CA ILE A 33 0.86 1.30 1.95
C ILE A 33 -0.01 0.85 3.12
N ILE A 34 0.42 -0.21 3.81
CA ILE A 34 -0.31 -0.72 4.95
C ILE A 34 -0.42 0.32 6.05
N HIS A 35 -1.64 0.62 6.47
CA HIS A 35 -1.87 1.59 7.53
C HIS A 35 -2.38 0.92 8.80
N GLU A 36 -3.36 0.04 8.64
CA GLU A 36 -3.92 -0.68 9.78
C GLU A 36 -4.62 -1.95 9.32
N LYS A 37 -4.65 -2.96 10.20
CA LYS A 37 -5.29 -4.22 9.88
C LYS A 37 -6.20 -4.68 11.02
N LYS A 38 -7.04 -3.76 11.49
CA LYS A 38 -7.98 -4.06 12.58
C LYS A 38 -8.72 -5.36 12.31
N GLU A 39 -9.68 -5.31 11.39
CA GLU A 39 -10.46 -6.49 11.04
C GLU A 39 -9.56 -7.67 10.73
N GLU A 40 -10.17 -8.82 10.44
CA GLU A 40 -9.42 -10.03 10.12
C GLU A 40 -9.34 -10.24 8.61
N GLY A 41 -8.15 -10.05 8.05
CA GLY A 41 -7.97 -10.22 6.62
C GLY A 41 -8.11 -8.91 5.86
N TRP A 42 -9.03 -8.07 6.30
CA TRP A 42 -9.26 -6.79 5.66
C TRP A 42 -8.22 -5.75 6.10
N TRP A 43 -7.30 -5.42 5.20
CA TRP A 43 -6.26 -4.46 5.51
C TRP A 43 -6.67 -3.05 5.06
N PHE A 44 -6.10 -2.04 5.70
CA PHE A 44 -6.42 -0.66 5.38
C PHE A 44 -5.15 0.11 4.99
N GLY A 45 -5.18 0.72 3.81
CA GLY A 45 -4.03 1.47 3.33
C GLY A 45 -4.28 2.12 1.98
N SER A 46 -3.35 2.95 1.55
CA SER A 46 -3.47 3.63 0.26
C SER A 46 -2.66 2.91 -0.82
N LEU A 47 -3.30 2.63 -1.94
CA LEU A 47 -2.64 1.95 -3.05
C LEU A 47 -1.84 2.93 -3.89
N ASN A 48 -2.53 3.71 -4.70
CA ASN A 48 -1.88 4.70 -5.56
C ASN A 48 -2.33 6.11 -5.20
N GLY A 49 -2.71 6.31 -3.95
CA GLY A 49 -3.16 7.62 -3.51
C GLY A 49 -4.56 7.59 -2.91
N LYS A 50 -5.14 6.39 -2.83
CA LYS A 50 -6.48 6.23 -2.29
C LYS A 50 -6.50 5.12 -1.23
N LYS A 51 -6.98 5.47 -0.04
CA LYS A 51 -7.06 4.51 1.06
C LYS A 51 -8.38 3.73 1.00
N GLY A 52 -8.36 2.51 1.52
CA GLY A 52 -9.56 1.69 1.53
C GLY A 52 -9.32 0.31 2.10
N HIS A 53 -10.38 -0.32 2.58
CA HIS A 53 -10.28 -1.65 3.15
C HIS A 53 -10.18 -2.72 2.07
N PHE A 54 -8.97 -3.21 1.83
CA PHE A 54 -8.73 -4.22 0.81
C PHE A 54 -8.47 -5.58 1.44
N PRO A 55 -8.77 -6.66 0.70
CA PRO A 55 -8.57 -8.03 1.18
C PRO A 55 -7.10 -8.40 1.27
N ALA A 56 -6.71 -8.95 2.42
CA ALA A 56 -5.33 -9.36 2.65
C ALA A 56 -4.93 -10.50 1.71
N ALA A 57 -5.68 -11.60 1.79
CA ALA A 57 -5.40 -12.76 0.95
C ALA A 57 -5.02 -12.34 -0.45
N TYR A 58 -5.46 -11.16 -0.87
CA TYR A 58 -5.15 -10.66 -2.20
C TYR A 58 -3.74 -10.08 -2.25
N VAL A 59 -3.35 -9.38 -1.20
CA VAL A 59 -2.03 -8.78 -1.12
C VAL A 59 -1.11 -9.59 -0.20
N GLU A 60 0.19 -9.54 -0.48
CA GLU A 60 1.16 -10.26 0.32
C GLU A 60 2.19 -9.31 0.94
N GLU A 61 2.30 -9.34 2.26
CA GLU A 61 3.23 -8.48 2.97
C GLU A 61 4.65 -8.67 2.45
N LEU A 62 5.36 -7.56 2.27
CA LEU A 62 6.72 -7.60 1.77
C LEU A 62 7.68 -6.90 2.74
N PRO A 63 8.94 -7.35 2.76
CA PRO A 63 9.97 -6.79 3.64
C PRO A 63 10.38 -5.38 3.20
N SER A 64 11.12 -4.69 4.06
CA SER A 64 11.58 -3.33 3.77
C SER A 64 12.08 -3.23 2.33
N ASN A 65 11.69 -2.15 1.65
CA ASN A 65 12.09 -1.93 0.27
C ASN A 65 12.94 -0.67 0.15
N ALA A 66 13.46 -0.43 -1.05
CA ALA A 66 14.30 0.74 -1.31
C ALA A 66 14.58 0.90 -2.79
N GLY A 67 14.54 2.14 -3.28
CA GLY A 67 14.80 2.40 -4.68
C GLY A 67 13.69 3.19 -5.33
N ASN A 68 13.35 4.33 -4.74
CA ASN A 68 12.30 5.19 -5.27
C ASN A 68 12.84 6.57 -5.64
N THR A 69 12.09 7.29 -6.46
CA THR A 69 12.51 8.62 -6.90
C THR A 69 12.87 9.50 -5.71
N ALA A 70 13.51 10.63 -5.98
CA ALA A 70 13.91 11.56 -4.93
C ALA A 70 12.71 11.97 -4.09
N THR A 71 12.76 11.67 -2.80
CA THR A 71 11.68 12.01 -1.88
C THR A 71 11.94 13.35 -1.20
N LYS A 72 10.88 14.13 -1.02
CA LYS A 72 10.98 15.43 -0.38
C LYS A 72 9.84 15.66 0.60
N ALA A 73 10.03 16.60 1.52
CA ALA A 73 9.01 16.91 2.50
C ALA A 73 9.23 18.31 3.10
N SER A 74 8.30 19.22 2.80
CA SER A 74 8.39 20.58 3.30
C SER A 74 8.62 20.61 4.80
N GLY A 75 9.83 20.99 5.21
CA GLY A 75 10.17 21.03 6.62
C GLY A 75 11.60 20.64 6.89
N PRO A 76 12.54 21.48 6.45
CA PRO A 76 13.98 21.24 6.63
C PRO A 76 14.40 21.38 8.09
N SER A 77 13.76 22.30 8.80
CA SER A 77 14.08 22.54 10.21
C SER A 77 12.81 22.61 11.05
N SER A 78 12.96 22.48 12.35
CA SER A 78 11.83 22.52 13.27
C SER A 78 11.30 23.94 13.42
N GLY A 79 10.19 24.23 12.73
CA GLY A 79 9.60 25.55 12.79
C GLY A 79 10.64 26.64 12.91
N GLY A 1 17.51 5.42 13.00
CA GLY A 1 17.15 5.24 11.62
C GLY A 1 16.68 3.83 11.31
N SER A 2 15.36 3.63 11.28
CA SER A 2 14.79 2.31 11.01
C SER A 2 13.58 2.42 10.10
N SER A 3 13.15 1.30 9.56
CA SER A 3 12.01 1.27 8.65
C SER A 3 10.95 0.29 9.16
N GLY A 4 9.68 0.66 8.99
CA GLY A 4 8.59 -0.20 9.44
C GLY A 4 7.65 0.51 10.38
N SER A 5 8.20 1.15 11.40
CA SER A 5 7.39 1.87 12.38
C SER A 5 6.32 2.72 11.69
N SER A 6 6.74 3.49 10.69
CA SER A 6 5.82 4.34 9.96
C SER A 6 4.68 3.54 9.35
N GLY A 7 5.00 2.71 8.38
CA GLY A 7 4.00 1.88 7.73
C GLY A 7 4.58 0.63 7.10
N ARG A 8 3.71 -0.32 6.75
CA ARG A 8 4.15 -1.55 6.13
C ARG A 8 3.78 -1.58 4.65
N LEU A 9 4.50 -2.39 3.88
CA LEU A 9 4.25 -2.51 2.45
C LEU A 9 3.72 -3.90 2.11
N CYS A 10 3.21 -4.05 0.88
CA CYS A 10 2.69 -5.32 0.43
C CYS A 10 2.59 -5.36 -1.09
N LYS A 11 2.24 -6.53 -1.63
CA LYS A 11 2.11 -6.70 -3.08
C LYS A 11 0.73 -7.22 -3.44
N ALA A 12 0.06 -6.53 -4.36
CA ALA A 12 -1.27 -6.93 -4.80
C ALA A 12 -1.20 -8.12 -5.75
N LEU A 13 -1.03 -9.31 -5.18
CA LEU A 13 -0.96 -10.53 -5.97
C LEU A 13 -2.20 -10.70 -6.85
N TYR A 14 -3.35 -10.30 -6.32
CA TYR A 14 -4.61 -10.40 -7.05
C TYR A 14 -5.30 -9.05 -7.13
N SER A 15 -5.92 -8.77 -8.27
CA SER A 15 -6.62 -7.51 -8.49
C SER A 15 -7.98 -7.53 -7.80
N PHE A 16 -8.31 -6.42 -7.13
CA PHE A 16 -9.58 -6.31 -6.43
C PHE A 16 -10.35 -5.08 -6.89
N GLN A 17 -11.66 -5.22 -7.04
CA GLN A 17 -12.52 -4.13 -7.48
C GLN A 17 -13.40 -3.63 -6.34
N ALA A 18 -13.13 -2.43 -5.87
CA ALA A 18 -13.90 -1.84 -4.78
C ALA A 18 -15.27 -1.36 -5.28
N ARG A 19 -16.27 -2.21 -5.16
CA ARG A 19 -17.62 -1.87 -5.59
C ARG A 19 -18.02 -0.48 -5.10
N GLN A 20 -17.49 -0.10 -3.93
CA GLN A 20 -17.79 1.21 -3.36
C GLN A 20 -16.55 1.80 -2.69
N ASP A 21 -16.60 3.10 -2.42
CA ASP A 21 -15.49 3.80 -1.79
C ASP A 21 -15.02 3.05 -0.55
N ASP A 22 -15.96 2.52 0.22
CA ASP A 22 -15.65 1.79 1.43
C ASP A 22 -14.46 0.87 1.21
N GLU A 23 -14.45 0.17 0.08
CA GLU A 23 -13.37 -0.75 -0.25
C GLU A 23 -12.28 -0.04 -1.06
N LEU A 24 -11.24 -0.78 -1.42
CA LEU A 24 -10.13 -0.22 -2.19
C LEU A 24 -9.85 -1.07 -3.42
N ASN A 25 -9.58 -0.41 -4.55
CA ASN A 25 -9.29 -1.12 -5.79
C ASN A 25 -7.81 -1.46 -5.89
N LEU A 26 -7.51 -2.69 -6.26
CA LEU A 26 -6.13 -3.15 -6.39
C LEU A 26 -5.85 -3.62 -7.81
N GLU A 27 -4.62 -4.06 -8.05
CA GLU A 27 -4.22 -4.53 -9.37
C GLU A 27 -3.03 -5.48 -9.27
N LYS A 28 -3.01 -6.51 -10.11
CA LYS A 28 -1.93 -7.48 -10.11
C LYS A 28 -0.57 -6.79 -10.22
N GLY A 29 0.16 -6.79 -9.12
CA GLY A 29 1.47 -6.16 -9.10
C GLY A 29 1.41 -4.70 -8.68
N ASP A 30 0.79 -4.46 -7.53
CA ASP A 30 0.65 -3.10 -7.01
C ASP A 30 1.07 -3.04 -5.54
N ILE A 31 1.97 -2.11 -5.22
CA ILE A 31 2.44 -1.95 -3.86
C ILE A 31 1.51 -1.05 -3.05
N VAL A 32 0.90 -1.61 -2.01
CA VAL A 32 0.00 -0.85 -1.16
C VAL A 32 0.64 -0.52 0.18
N ILE A 33 0.49 0.71 0.62
CA ILE A 33 1.06 1.15 1.90
C ILE A 33 0.14 0.78 3.06
N ILE A 34 0.46 -0.33 3.72
CA ILE A 34 -0.34 -0.79 4.85
C ILE A 34 -0.39 0.26 5.95
N HIS A 35 -1.61 0.57 6.41
CA HIS A 35 -1.79 1.55 7.47
C HIS A 35 -2.30 0.90 8.75
N GLU A 36 -3.36 0.10 8.61
CA GLU A 36 -3.94 -0.58 9.76
C GLU A 36 -4.60 -1.90 9.33
N LYS A 37 -4.37 -2.94 10.11
CA LYS A 37 -4.94 -4.25 9.82
C LYS A 37 -5.62 -4.84 11.05
N LYS A 38 -6.76 -4.28 11.41
CA LYS A 38 -7.51 -4.75 12.57
C LYS A 38 -8.38 -5.94 12.21
N GLU A 39 -9.36 -5.70 11.34
CA GLU A 39 -10.27 -6.77 10.92
C GLU A 39 -9.50 -8.03 10.55
N GLU A 40 -10.22 -9.13 10.37
CA GLU A 40 -9.61 -10.40 10.02
C GLU A 40 -9.48 -10.55 8.49
N GLY A 41 -8.31 -10.23 7.97
CA GLY A 41 -8.08 -10.34 6.55
C GLY A 41 -8.18 -8.99 5.85
N TRP A 42 -9.23 -8.24 6.16
CA TRP A 42 -9.43 -6.93 5.55
C TRP A 42 -8.43 -5.92 6.07
N TRP A 43 -7.45 -5.58 5.22
CA TRP A 43 -6.42 -4.62 5.60
C TRP A 43 -6.81 -3.21 5.18
N PHE A 44 -6.19 -2.22 5.80
CA PHE A 44 -6.46 -0.82 5.48
C PHE A 44 -5.18 -0.08 5.10
N GLY A 45 -5.12 0.39 3.86
CA GLY A 45 -3.95 1.12 3.39
C GLY A 45 -4.21 1.86 2.10
N SER A 46 -3.21 2.61 1.64
CA SER A 46 -3.34 3.38 0.40
C SER A 46 -2.50 2.75 -0.71
N LEU A 47 -3.12 2.58 -1.87
CA LEU A 47 -2.43 2.00 -3.02
C LEU A 47 -1.74 3.07 -3.85
N ASN A 48 -2.53 3.83 -4.62
CA ASN A 48 -1.99 4.89 -5.45
C ASN A 48 -2.53 6.25 -5.02
N GLY A 49 -2.54 6.48 -3.71
CA GLY A 49 -3.03 7.75 -3.19
C GLY A 49 -4.46 7.64 -2.66
N LYS A 50 -5.04 6.45 -2.77
CA LYS A 50 -6.40 6.22 -2.31
C LYS A 50 -6.44 5.11 -1.27
N LYS A 51 -6.88 5.45 -0.05
CA LYS A 51 -6.96 4.48 1.03
C LYS A 51 -8.31 3.75 0.99
N GLY A 52 -8.36 2.58 1.63
CA GLY A 52 -9.59 1.82 1.67
C GLY A 52 -9.39 0.42 2.25
N HIS A 53 -10.49 -0.26 2.54
CA HIS A 53 -10.42 -1.61 3.10
C HIS A 53 -10.31 -2.64 1.99
N PHE A 54 -9.12 -3.24 1.87
CA PHE A 54 -8.88 -4.26 0.86
C PHE A 54 -8.58 -5.61 1.50
N PRO A 55 -8.85 -6.68 0.74
CA PRO A 55 -8.63 -8.06 1.22
C PRO A 55 -7.14 -8.39 1.34
N ALA A 56 -6.79 -9.08 2.42
CA ALA A 56 -5.39 -9.46 2.65
C ALA A 56 -4.98 -10.60 1.73
N ALA A 57 -5.75 -11.67 1.73
CA ALA A 57 -5.46 -12.83 0.89
C ALA A 57 -5.07 -12.40 -0.52
N TYR A 58 -5.47 -11.19 -0.90
CA TYR A 58 -5.17 -10.66 -2.22
C TYR A 58 -3.79 -10.00 -2.24
N VAL A 59 -3.46 -9.31 -1.16
CA VAL A 59 -2.16 -8.64 -1.05
C VAL A 59 -1.26 -9.35 -0.05
N GLU A 60 0.01 -9.51 -0.42
CA GLU A 60 0.97 -10.17 0.44
C GLU A 60 1.95 -9.16 1.03
N GLU A 61 2.12 -9.22 2.35
CA GLU A 61 3.03 -8.31 3.04
C GLU A 61 4.45 -8.42 2.47
N LEU A 62 5.08 -7.28 2.28
CA LEU A 62 6.44 -7.24 1.74
C LEU A 62 7.41 -6.64 2.75
N PRO A 63 8.69 -7.04 2.66
CA PRO A 63 9.73 -6.55 3.56
C PRO A 63 10.09 -5.08 3.30
N SER A 64 10.67 -4.43 4.30
CA SER A 64 11.04 -3.03 4.18
C SER A 64 11.76 -2.77 2.86
N ASN A 65 11.20 -1.88 2.04
CA ASN A 65 11.79 -1.55 0.75
C ASN A 65 12.16 -0.07 0.70
N ALA A 66 13.28 0.28 1.30
CA ALA A 66 13.74 1.66 1.31
C ALA A 66 14.12 2.13 -0.09
N GLY A 67 14.12 3.45 -0.29
CA GLY A 67 14.45 3.99 -1.59
C GLY A 67 15.41 5.17 -1.49
N ASN A 68 15.21 6.16 -2.35
CA ASN A 68 16.07 7.35 -2.36
C ASN A 68 15.44 8.47 -1.54
N THR A 69 16.10 8.86 -0.47
CA THR A 69 15.61 9.93 0.39
C THR A 69 15.97 11.30 -0.18
N ALA A 70 14.99 12.20 -0.22
CA ALA A 70 15.19 13.54 -0.74
C ALA A 70 16.21 14.30 0.11
N THR A 71 16.86 15.29 -0.51
CA THR A 71 17.85 16.09 0.20
C THR A 71 17.37 17.53 0.40
N LYS A 72 16.45 17.71 1.33
CA LYS A 72 15.90 19.03 1.62
C LYS A 72 17.01 20.08 1.71
N ALA A 73 16.64 21.34 1.58
CA ALA A 73 17.61 22.43 1.67
C ALA A 73 17.60 23.07 3.06
N SER A 74 18.42 22.52 3.95
CA SER A 74 18.51 23.03 5.31
C SER A 74 19.12 24.43 5.33
N GLY A 75 18.28 25.43 5.11
CA GLY A 75 18.75 26.81 5.10
C GLY A 75 18.12 27.64 4.00
N PRO A 76 17.94 28.94 4.26
CA PRO A 76 17.33 29.86 3.30
C PRO A 76 18.25 30.14 2.12
N SER A 77 17.83 31.06 1.25
CA SER A 77 18.60 31.41 0.07
C SER A 77 19.96 31.97 0.47
N SER A 78 19.96 33.10 1.16
CA SER A 78 21.19 33.75 1.61
C SER A 78 21.86 32.94 2.70
N GLY A 79 21.08 32.56 3.72
CA GLY A 79 21.61 31.79 4.82
C GLY A 79 21.65 32.58 6.11
#